data_6FHI
#
_entry.id   6FHI
#
_cell.length_a   268.740
_cell.length_b   147.520
_cell.length_c   88.540
_cell.angle_alpha   90.00
_cell.angle_beta   96.63
_cell.angle_gamma   90.00
#
_symmetry.space_group_name_H-M   'C 1 2 1'
#
loop_
_entity.id
_entity.type
_entity.pdbx_description
1 polymer 'Polymerase acidic protein'
2 polymer 'RNA-directed RNA polymerase catalytic subunit'
3 polymer 'Polymerase basic protein 2'
4 polymer "RNA (5'-R(*UP*AP*UP*AP*CP*CP*UP*CP*UP*GP*CP*UP*U)-3')"
5 polymer "RNA (5'-R(P*AP*GP*UP*AP*GP*UP*AP*AP*CP*AP*AP*GP*AP*GP*GP*G)-3')"
6 polymer TYR-SER-PRO-THR-SEP-PRO-SER-TYR-SER-PRO-SER-TYR-SER-PRO-THR-SEP-PRO-SER-TYR
7 non-polymer 'ZINC ION'
8 non-polymer 'PHOSPHATE ION'
#
loop_
_entity_poly.entity_id
_entity_poly.type
_entity_poly.pdbx_seq_one_letter_code
_entity_poly.pdbx_strand_id
1 'polypeptide(L)'
;GSHHHHHHHHGSGSMENFVRTNFNPMILERAEKTMKEYGENPQNEGNKFAAISTHMEVCFMYSDFHFIDLEGNTIVKEND
DDNAMLKHRFEIIEGQERNIAWTIVNSICNMTENSKPRFLPDLYDYKTNKFIEIGVTRRKVEDYYYEKASKLKGENVYIH
IFSFDGEEMATDDEYILDEESRARIKTRLFVLRQELATAGLWDSFRQSEKGEETLEEEFSYPPTFQRLANQSLPPSFKDY
HQFKAYVSSFKANGNIEAKLGAMSEKVNAQIESFDPRTIRELELPEGKFCTQRSKFLLMDAMKLSVLNPAHEGEGIPMKD
AKACLDTFWGWKKATIIKKHEKGVNTNYLMIWEQLLESIKEMEGKFLNLKKTNHLKWGLGEGQAPEKMDFEDCKEVPDLF
QYKSEPPEKRKLASWIQSEFNKASELTNSNWIEFDELGNDVAPIEHIASRRRNFFTAEVSQCRASEYIMKAVYINTALLN
SSCTAMEEYQVIPIITKCRDTSGQRRTNLYGFIIKGRSHLRNDTDVVNFISLEFSLTDPRNEIHKWEKYCVLEIGDMEIR
TSISTIMKPVYLYVRTNGTSKIKMKWGMEMRRCLLQSLQQVESMIEAESAVKEKDMTEPFFRNRENDWPIGESPQGIEKG
TIGKVCRVLLAKSVFNSIYASAQLEGFSAESRKLLLLIQAFRDNLDPGTFDLKGLYEAIEECIINDPWVLLNASWFNSFL
KAVQLSMGSGSGENLYFQ
;
A
2 'polypeptide(L)'
;GSGSGSGSGMDVNPMLIFLKVPVQNAISTTFPYTGDPPYSHGTGTGYTMDTVIRTHDYSSRGIWKTNSETGAQQLNPIDG
PLPEDNEPSGYAQTDCVLELIEGLDRSHPGLFETACQETIDAIQQTRVDKLTQGRQTYDWTLNRNQPAATALANTIEVFR
KNGYKLNESGRLIDFLKDVLLSFENDSMEVTTHFQKKKRIRDNHSKKMITQRTIGKKRVKLTKKNYLIRALTLNTMTKDA
ERGKLKRRAIATPGMQIRGFVYFVELLARNICERLEQSGLPVGGNEKKAKLANVIKKMMAKSTDEELSYTITGDNTKWNE
NQNPRIFLAMVLRITAGQPEWFRDLLAVAPIMFSNKVARLGRGYMFESKSMHLRTQISAENLSDINLRYFNEDTKKKIEK
IRHLMVEGTASLSPGMMMGMFNMLSTVLGVSVLNLGQREILKRTYWWDGLQSSDDFALIINGHFKEDIQQGVNHFYRTCK
LVGINMSQKKSYINKTGTFEFTSFFYRYGFVANFSMELPSFGVAGNNESADMSIGTTVIKTNMINNDLGPATAQMAIQLF
IKDYRYTYRCHRGDTNLETRRTKSIKRLWTETISKAGLLVADGGPNPYNLRNLHIPEVCLKWSLMDPDYRGRLCNPNNPF
VHHMEVESTNLAVVMPAHGPAKSLEYDAVATTHSWTPKRNRSILNTNQRGILEDERIYQKCCQVFEKFFPSSTYRRPIGM
ASMLDAMLSRARIDARIDLESGRISSQDFSEITNTCKAIEALKRQGSGSGENLYFQ
;
B
3 'polypeptide(L)'
;GSGSGSGSGMERIKELMEMVKNSRMREILTTTSVDHMAVIKKYTSGRQEKNPALRMKWMMAMKYPISASSRIREMIPEKD
EDGNTLWTNTKDAGSNRVLVSPNAVTWWNRAGPVSDVVHYPRVYKMYFDRLERLTHGTFGPVKFYNQVKVRKRVDINPGH
KDLTSREAQEVIMEVVFPNEVGARTLSSDAQLTITKEKKEELKNCKISPIMVAYMLERELVRRTRFLPIAGATSSTYVEV
LHLTQGTCWEQQYTPGGEAENDDLDQTLIIASRNIVRRSIVAIDPLASLLSMCHTTSISSEPLVEILRSNPTDEQAVNIC
KAALGIRINNSFSFGGYNFKRVKGSSQRTEKAVLTGNLQTLTMTIFEGYEEFNVSGKRASAVLKKGAQRLIQAIIGGRTL
EDILNLMITLMVFSQEEKMLKAVRGDLNFVNRANQRLNPMYQLLRHFQKDSSTLLKNWGTEEIDPIMGIAGIMPDGTINK
TQTLMGVRLSQGGVDEYSFNERIRVNIDKYLRVRNEKGELLISPEEVSEAQGQEKLPINYNSSLMWEVNGPESILTNTYH
WIIKNWELLKTQWMTDPTVLYNRIEFEPFQTLIPKGNRAIYSGFTRTLFQQMRDVEGTFDSIQIIKLLPFSAHPPSLGRT
QFSSFTLNIRGAPLRLLIRGNSQVFNYNQMENVIIVLGKSVGSPERSILTESSSIESAVLRGFLILGKANSKYGPVLTIG
ELDKLGRGEKANVLIGQGDTVLVMKRKRDSSILTDSQTALKRIRLEESKGWSHPQFEKGGGSGGGSGGSAWSHPQFEKGR
SGGENLYFQ
;
C
4 'polyribonucleotide' UAUACCUCUGCUUCUGCU R
5 'polyribonucleotide' AGUAGUAACAAGAGGG V
6 'polypeptide(L)' YSPT(SEP)PSYSPSYSPT(SEP)PSY X
#
# COMPACT_ATOMS: atom_id res chain seq x y z
N MET A 15 58.96 6.83 2.52
CA MET A 15 59.43 5.45 2.86
C MET A 15 58.44 4.75 3.79
N GLU A 16 58.33 3.43 3.64
CA GLU A 16 57.35 2.63 4.39
C GLU A 16 57.75 2.41 5.84
N ASN A 17 59.04 2.15 6.09
CA ASN A 17 59.59 1.94 7.44
C ASN A 17 60.06 3.23 8.13
N PHE A 18 59.61 4.40 7.65
CA PHE A 18 59.98 5.70 8.23
C PHE A 18 59.28 5.94 9.57
N VAL A 19 57.98 5.60 9.63
CA VAL A 19 57.16 5.76 10.84
C VAL A 19 57.35 4.58 11.81
N ARG A 20 57.61 3.38 11.28
CA ARG A 20 57.65 2.15 12.08
C ARG A 20 58.82 2.10 13.06
N THR A 21 60.02 2.42 12.59
CA THR A 21 61.23 2.39 13.42
C THR A 21 61.35 3.64 14.31
N ASN A 22 61.07 4.81 13.76
CA ASN A 22 61.27 6.09 14.46
C ASN A 22 60.25 6.34 15.58
N PHE A 23 58.98 6.36 15.21
CA PHE A 23 57.90 6.78 16.13
C PHE A 23 57.52 5.67 17.11
N ASN A 24 57.00 6.07 18.27
CA ASN A 24 56.67 5.13 19.37
C ASN A 24 55.46 4.23 19.04
N PRO A 25 55.30 3.10 19.79
CA PRO A 25 54.19 2.15 19.51
C PRO A 25 52.76 2.73 19.54
N MET A 26 52.52 3.72 20.40
CA MET A 26 51.18 4.33 20.52
C MET A 26 50.73 5.11 19.28
N ILE A 27 51.67 5.74 18.58
CA ILE A 27 51.38 6.52 17.36
C ILE A 27 51.09 5.61 16.16
N LEU A 28 51.80 4.49 16.05
CA LEU A 28 51.62 3.52 14.94
C LEU A 28 50.21 2.94 14.82
N GLU A 29 49.56 2.70 15.96
CA GLU A 29 48.19 2.16 15.98
C GLU A 29 47.17 3.20 15.51
N ARG A 30 47.38 4.47 15.89
CA ARG A 30 46.55 5.58 15.42
C ARG A 30 46.74 5.89 13.93
N ALA A 31 47.95 5.64 13.41
CA ALA A 31 48.24 5.79 11.98
C ALA A 31 47.54 4.75 11.10
N GLU A 32 47.42 3.52 11.61
CA GLU A 32 46.73 2.43 10.91
C GLU A 32 45.22 2.66 10.77
N LYS A 33 44.61 3.27 11.78
CA LYS A 33 43.16 3.44 11.86
C LYS A 33 42.63 4.47 10.85
N THR A 34 43.24 5.65 10.83
CA THR A 34 42.74 6.78 10.04
C THR A 34 42.88 6.60 8.52
N MET A 35 44.04 6.10 8.08
CA MET A 35 44.34 5.97 6.64
C MET A 35 43.51 4.88 5.93
N LYS A 36 43.20 3.80 6.64
CA LYS A 36 42.37 2.72 6.09
C LYS A 36 40.92 3.19 5.95
N GLU A 37 40.57 3.68 4.75
CA GLU A 37 39.21 4.17 4.45
C GLU A 37 38.89 4.29 2.96
N TYR A 38 39.74 4.95 2.18
CA TYR A 38 39.51 5.18 0.75
C TYR A 38 39.96 4.00 -0.11
N GLY A 39 41.21 3.58 0.06
CA GLY A 39 41.79 2.51 -0.76
C GLY A 39 43.30 2.31 -0.62
N GLU A 40 44.04 3.42 -0.62
CA GLU A 40 45.53 3.39 -0.57
C GLU A 40 46.13 2.71 0.66
N ASN A 41 47.41 2.37 0.57
CA ASN A 41 48.14 1.63 1.60
C ASN A 41 49.56 2.21 1.84
N PRO A 42 50.25 1.79 2.92
CA PRO A 42 51.63 2.23 3.19
C PRO A 42 52.70 1.90 2.14
N GLN A 43 52.50 0.85 1.34
CA GLN A 43 53.51 0.36 0.40
C GLN A 43 53.63 1.26 -0.85
N ASN A 44 52.49 1.61 -1.45
CA ASN A 44 52.48 2.36 -2.71
C ASN A 44 52.78 3.85 -2.55
N GLU A 45 51.85 4.59 -1.94
CA GLU A 45 51.93 6.06 -1.85
C GLU A 45 52.66 6.52 -0.60
N GLY A 46 53.68 7.37 -0.79
CA GLY A 46 54.47 7.95 0.30
C GLY A 46 54.20 9.42 0.62
N ASN A 47 53.35 10.07 -0.17
CA ASN A 47 53.00 11.49 0.05
C ASN A 47 52.06 11.66 1.25
N LYS A 48 50.95 10.92 1.24
CA LYS A 48 49.98 10.94 2.33
C LYS A 48 50.01 9.60 3.10
N PHE A 49 51.04 9.47 3.94
CA PHE A 49 51.23 8.29 4.80
C PHE A 49 51.91 8.70 6.11
N ALA A 50 53.16 9.15 6.01
CA ALA A 50 53.91 9.67 7.16
C ALA A 50 53.40 11.06 7.61
N ALA A 51 52.81 11.80 6.67
CA ALA A 51 52.18 13.10 6.99
C ALA A 51 50.99 12.97 7.96
N ILE A 52 50.26 11.86 7.86
CA ILE A 52 49.16 11.55 8.79
C ILE A 52 49.70 11.16 10.18
N SER A 53 50.83 10.45 10.21
CA SER A 53 51.44 9.98 11.45
C SER A 53 52.01 11.10 12.33
N THR A 54 52.72 12.04 11.71
CA THR A 54 53.30 13.20 12.41
C THR A 54 52.23 14.18 12.89
N HIS A 55 51.10 14.23 12.17
CA HIS A 55 49.94 15.06 12.55
C HIS A 55 49.40 14.73 13.95
N MET A 56 49.48 13.46 14.35
CA MET A 56 49.14 13.02 15.71
C MET A 56 50.17 13.47 16.77
N GLU A 57 51.46 13.36 16.43
CA GLU A 57 52.53 13.72 17.38
C GLU A 57 52.57 15.22 17.71
N VAL A 58 52.18 16.06 16.74
CA VAL A 58 52.06 17.51 16.96
C VAL A 58 51.02 17.82 18.03
N CYS A 59 49.91 17.08 18.01
CA CYS A 59 48.81 17.27 18.95
C CYS A 59 49.13 16.85 20.40
N PHE A 60 49.89 15.77 20.56
CA PHE A 60 50.25 15.27 21.90
C PHE A 60 51.21 16.21 22.65
N MET A 61 52.24 16.70 21.97
CA MET A 61 53.15 17.70 22.55
C MET A 61 52.44 19.04 22.83
N TYR A 62 51.39 19.34 22.06
CA TYR A 62 50.55 20.52 22.30
C TYR A 62 49.75 20.39 23.61
N SER A 63 49.12 19.23 23.79
CA SER A 63 48.25 18.96 24.95
C SER A 63 49.02 18.65 26.22
N ASP A 64 50.03 17.79 26.12
CA ASP A 64 50.81 17.35 27.29
C ASP A 64 51.69 18.46 27.83
N PHE A 65 51.91 18.43 29.15
CA PHE A 65 52.66 19.46 29.89
C PHE A 65 52.04 20.87 29.81
N HIS A 66 50.70 20.92 29.72
CA HIS A 66 49.94 22.18 29.70
C HIS A 66 48.58 21.97 30.35
N PHE A 67 48.33 22.68 31.45
CA PHE A 67 47.09 22.54 32.24
C PHE A 67 46.52 23.91 32.59
N ILE A 68 45.31 23.92 33.17
CA ILE A 68 44.61 25.15 33.56
C ILE A 68 44.25 25.10 35.05
N ASP A 69 44.36 26.25 35.73
CA ASP A 69 44.08 26.38 37.16
C ASP A 69 42.58 26.54 37.45
N LEU A 70 42.23 26.56 38.74
CA LEU A 70 40.82 26.60 39.18
C LEU A 70 40.08 27.89 38.79
N GLU A 71 40.73 29.04 38.91
CA GLU A 71 40.13 30.33 38.52
C GLU A 71 40.09 30.47 37.00
N GLY A 72 41.26 30.37 36.37
CA GLY A 72 41.39 30.48 34.92
C GLY A 72 42.75 30.99 34.50
N ASN A 73 43.80 30.25 34.87
CA ASN A 73 45.19 30.64 34.63
C ASN A 73 45.99 29.45 34.09
N THR A 74 46.98 29.72 33.25
CA THR A 74 47.83 28.68 32.67
C THR A 74 48.85 28.15 33.68
N ILE A 75 49.25 26.89 33.50
CA ILE A 75 50.26 26.25 34.36
C ILE A 75 50.94 25.09 33.63
N VAL A 76 52.25 24.93 33.88
CA VAL A 76 53.08 23.91 33.22
C VAL A 76 53.82 23.09 34.29
N LYS A 77 53.33 21.89 34.57
CA LYS A 77 53.93 20.98 35.57
C LYS A 77 54.76 19.87 34.90
N GLU A 78 55.41 19.05 35.73
CA GLU A 78 56.24 17.93 35.27
C GLU A 78 55.57 16.55 35.36
N ASN A 79 54.50 16.43 36.15
CA ASN A 79 53.86 15.14 36.43
C ASN A 79 53.06 14.62 35.24
N ASP A 80 52.14 15.44 34.76
CA ASP A 80 51.29 15.15 33.60
C ASP A 80 50.30 14.00 33.84
N ASP A 81 49.42 14.17 34.83
CA ASP A 81 48.30 13.25 35.08
C ASP A 81 47.12 13.89 35.85
N ASP A 82 46.83 15.16 35.55
CA ASP A 82 45.72 15.94 36.15
C ASP A 82 45.73 16.04 37.69
N ASN A 83 45.39 14.95 38.37
CA ASN A 83 45.27 14.88 39.84
C ASN A 83 44.23 15.85 40.42
N ALA A 84 42.96 15.44 40.35
CA ALA A 84 41.83 16.12 41.00
C ALA A 84 41.53 17.55 40.49
N MET A 85 42.36 18.53 40.89
CA MET A 85 42.05 19.94 40.68
C MET A 85 42.34 20.41 39.25
N LEU A 86 43.60 20.29 38.82
CA LEU A 86 44.05 20.82 37.53
C LEU A 86 43.57 19.96 36.36
N LYS A 87 43.21 20.63 35.26
CA LYS A 87 42.56 20.00 34.09
C LYS A 87 43.38 20.22 32.82
N HIS A 88 43.14 19.38 31.80
CA HIS A 88 43.84 19.48 30.51
C HIS A 88 43.52 20.78 29.77
N ARG A 89 44.50 21.25 28.99
CA ARG A 89 44.39 22.51 28.25
C ARG A 89 43.90 22.34 26.80
N PHE A 90 44.14 21.17 26.20
CA PHE A 90 43.71 20.87 24.84
C PHE A 90 42.99 19.52 24.74
N GLU A 91 42.24 19.33 23.67
CA GLU A 91 41.54 18.08 23.37
C GLU A 91 41.96 17.59 21.98
N ILE A 92 42.27 16.30 21.88
CA ILE A 92 42.73 15.67 20.64
C ILE A 92 41.52 15.31 19.77
N ILE A 93 41.25 16.14 18.76
CA ILE A 93 40.12 15.94 17.84
C ILE A 93 40.54 15.01 16.70
N GLU A 94 41.73 15.23 16.15
CA GLU A 94 42.28 14.39 15.08
C GLU A 94 42.59 12.98 15.61
N GLY A 95 42.53 12.00 14.71
CA GLY A 95 42.71 10.58 15.08
C GLY A 95 41.48 9.99 15.76
N GLN A 96 40.30 10.54 15.44
CA GLN A 96 39.02 10.11 15.99
C GLN A 96 38.07 9.83 14.82
N GLU A 97 37.02 9.06 15.09
CA GLU A 97 35.96 8.79 14.10
C GLU A 97 35.23 10.09 13.73
N ARG A 98 34.73 10.16 12.49
CA ARG A 98 34.06 11.37 11.97
C ARG A 98 32.86 11.80 12.82
N ASN A 99 31.95 10.86 13.08
CA ASN A 99 30.75 11.15 13.89
C ASN A 99 31.08 11.51 15.35
N ILE A 100 32.14 10.91 15.90
CA ILE A 100 32.59 11.21 17.26
C ILE A 100 33.30 12.57 17.31
N ALA A 101 34.05 12.89 16.25
CA ALA A 101 34.79 14.16 16.15
C ALA A 101 33.88 15.39 16.22
N TRP A 102 32.76 15.35 15.49
CA TRP A 102 31.78 16.44 15.50
C TRP A 102 30.98 16.54 16.80
N THR A 103 30.76 15.42 17.47
CA THR A 103 30.11 15.39 18.79
C THR A 103 30.96 16.13 19.85
N ILE A 104 32.29 16.01 19.72
CA ILE A 104 33.23 16.73 20.59
C ILE A 104 33.19 18.24 20.29
N VAL A 105 33.08 18.60 19.01
CA VAL A 105 32.97 20.00 18.57
C VAL A 105 31.67 20.63 19.07
N ASN A 106 30.55 19.95 18.82
CA ASN A 106 29.21 20.46 19.14
C ASN A 106 28.91 20.53 20.64
N SER A 107 29.48 19.61 21.43
CA SER A 107 29.30 19.61 22.89
C SER A 107 29.89 20.87 23.55
N ILE A 108 30.98 21.36 22.97
CA ILE A 108 31.63 22.59 23.43
C ILE A 108 30.77 23.81 23.10
N CYS A 109 30.32 23.90 21.84
CA CYS A 109 29.55 25.03 21.34
C CYS A 109 28.15 25.19 21.97
N ASN A 110 27.59 24.12 22.51
CA ASN A 110 26.26 24.18 23.14
C ASN A 110 26.26 24.98 24.45
N MET A 111 27.19 24.66 25.35
CA MET A 111 27.29 25.36 26.66
C MET A 111 27.89 26.76 26.51
N THR A 112 29.00 26.86 25.79
CA THR A 112 29.61 28.15 25.45
C THR A 112 29.14 28.57 24.05
N GLU A 113 28.19 29.52 24.00
CA GLU A 113 27.55 29.92 22.74
C GLU A 113 28.55 30.56 21.77
N ASN A 114 29.12 29.72 20.91
CA ASN A 114 30.14 30.13 19.94
C ASN A 114 29.81 29.59 18.54
N SER A 115 30.61 30.01 17.56
CA SER A 115 30.44 29.57 16.17
C SER A 115 30.86 28.12 15.96
N LYS A 116 30.34 27.52 14.90
CA LYS A 116 30.67 26.15 14.50
C LYS A 116 31.40 26.21 13.15
N PRO A 117 32.60 25.58 13.05
CA PRO A 117 33.31 25.58 11.77
C PRO A 117 32.70 24.64 10.74
N ARG A 118 33.10 24.79 9.48
CA ARG A 118 32.58 23.96 8.38
C ARG A 118 33.31 22.61 8.33
N PHE A 119 34.64 22.66 8.28
CA PHE A 119 35.47 21.46 8.19
C PHE A 119 36.06 21.08 9.57
N LEU A 120 36.62 19.87 9.64
CA LEU A 120 37.13 19.30 10.90
C LEU A 120 38.34 20.06 11.49
N PRO A 121 38.21 20.55 12.74
CA PRO A 121 39.42 21.04 13.44
C PRO A 121 40.27 19.90 14.00
N ASP A 122 41.50 20.23 14.40
CA ASP A 122 42.44 19.25 14.97
C ASP A 122 42.63 19.40 16.49
N LEU A 123 42.63 20.63 16.98
CA LEU A 123 42.77 20.93 18.41
C LEU A 123 41.81 22.05 18.84
N TYR A 124 41.69 22.24 20.16
CA TYR A 124 40.87 23.31 20.73
C TYR A 124 41.37 23.67 22.13
N ASP A 125 41.74 24.95 22.31
CA ASP A 125 42.20 25.46 23.61
C ASP A 125 41.01 25.86 24.48
N TYR A 126 41.04 25.48 25.75
CA TYR A 126 39.94 25.74 26.69
C TYR A 126 40.08 27.05 27.46
N LYS A 127 41.29 27.59 27.55
CA LYS A 127 41.53 28.91 28.16
C LYS A 127 41.00 30.03 27.27
N THR A 128 41.54 30.11 26.05
CA THR A 128 41.18 31.16 25.08
C THR A 128 39.86 30.91 24.34
N ASN A 129 39.39 29.66 24.33
CA ASN A 129 38.18 29.23 23.60
C ASN A 129 38.33 29.47 22.08
N LYS A 130 39.40 28.91 21.52
CA LYS A 130 39.72 29.04 20.10
C LYS A 130 40.02 27.67 19.51
N PHE A 131 39.46 27.37 18.34
CA PHE A 131 39.78 26.14 17.60
C PHE A 131 41.09 26.32 16.83
N ILE A 132 41.78 25.20 16.59
CA ILE A 132 43.06 25.20 15.86
C ILE A 132 43.00 24.17 14.72
N GLU A 133 43.53 24.57 13.56
CA GLU A 133 43.58 23.73 12.35
C GLU A 133 45.03 23.62 11.88
N ILE A 134 45.62 22.45 12.07
CA ILE A 134 47.04 22.19 11.71
C ILE A 134 47.14 21.91 10.21
N GLY A 135 48.21 22.45 9.59
CA GLY A 135 48.47 22.26 8.16
C GLY A 135 49.90 22.60 7.79
N VAL A 136 50.84 21.94 8.47
CA VAL A 136 52.28 22.18 8.27
C VAL A 136 52.77 21.39 7.06
N THR A 137 53.71 21.98 6.32
CA THR A 137 54.21 21.39 5.07
C THR A 137 55.61 21.91 4.72
N ARG A 138 56.16 21.40 3.61
CA ARG A 138 57.50 21.80 3.12
C ARG A 138 57.62 23.27 2.71
N ARG A 139 56.50 23.91 2.35
CA ARG A 139 56.47 25.36 2.08
C ARG A 139 56.72 26.17 3.35
N LYS A 140 57.14 27.43 3.16
CA LYS A 140 57.66 28.26 4.25
C LYS A 140 56.56 28.72 5.24
N VAL A 141 55.71 29.64 4.80
CA VAL A 141 54.68 30.25 5.66
C VAL A 141 53.51 30.86 4.89
N GLU A 142 53.81 31.80 3.97
CA GLU A 142 52.78 32.59 3.29
C GLU A 142 51.96 31.81 2.24
N ASP A 143 52.57 30.81 1.59
CA ASP A 143 51.90 30.02 0.56
C ASP A 143 50.76 29.14 1.09
N TYR A 144 50.87 28.68 2.33
CA TYR A 144 49.83 27.86 2.98
C TYR A 144 49.02 28.59 4.07
N TYR A 145 49.48 29.75 4.53
CA TYR A 145 48.73 30.56 5.51
C TYR A 145 47.55 31.26 4.86
N TYR A 146 47.82 32.04 3.81
CA TYR A 146 46.78 32.80 3.10
C TYR A 146 45.84 31.96 2.21
N GLU A 147 46.23 30.72 1.91
CA GLU A 147 45.39 29.80 1.12
C GLU A 147 44.23 29.27 1.98
N LYS A 148 44.56 28.79 3.19
CA LYS A 148 43.56 28.29 4.14
C LYS A 148 42.78 29.41 4.85
N ALA A 149 43.42 30.56 5.07
CA ALA A 149 42.78 31.71 5.73
C ALA A 149 41.64 32.31 4.92
N SER A 150 41.81 32.38 3.59
CA SER A 150 40.75 32.83 2.67
C SER A 150 39.65 31.78 2.50
N LYS A 151 40.04 30.50 2.49
CA LYS A 151 39.10 29.39 2.31
C LYS A 151 38.18 29.19 3.53
N LEU A 152 38.73 29.34 4.73
CA LEU A 152 37.99 29.15 5.99
C LEU A 152 37.90 30.47 6.77
N LYS A 153 37.43 31.52 6.10
CA LYS A 153 37.35 32.87 6.68
C LYS A 153 36.02 33.11 7.40
N GLY A 154 36.00 34.11 8.28
CA GLY A 154 34.80 34.50 9.01
C GLY A 154 34.78 33.87 10.39
N GLU A 155 34.72 32.54 10.41
CA GLU A 155 34.88 31.76 11.64
C GLU A 155 36.28 31.92 12.23
N ASN A 156 36.37 32.28 13.51
CA ASN A 156 37.66 32.57 14.17
C ASN A 156 38.43 31.29 14.55
N VAL A 157 39.04 30.67 13.54
CA VAL A 157 39.85 29.46 13.70
C VAL A 157 41.33 29.84 13.64
N TYR A 158 42.06 29.54 14.71
CA TYR A 158 43.46 29.94 14.86
C TYR A 158 44.39 29.05 14.02
N ILE A 159 44.99 29.63 12.97
CA ILE A 159 45.89 28.90 12.06
C ILE A 159 47.33 29.16 12.51
N HIS A 160 48.07 28.08 12.80
CA HIS A 160 49.44 28.15 13.31
C HIS A 160 50.39 27.45 12.32
N ILE A 161 50.82 28.19 11.30
CA ILE A 161 51.65 27.64 10.23
C ILE A 161 53.14 27.68 10.59
N PHE A 162 53.69 26.50 10.90
CA PHE A 162 55.12 26.33 11.14
C PHE A 162 55.86 26.15 9.81
N SER A 163 57.19 26.13 9.86
CA SER A 163 58.03 25.88 8.70
C SER A 163 58.96 24.69 8.92
N PHE A 164 59.57 24.22 7.83
CA PHE A 164 60.54 23.12 7.87
C PHE A 164 61.89 23.57 8.44
N ASP A 165 62.34 24.78 8.09
CA ASP A 165 63.62 25.31 8.53
C ASP A 165 63.62 25.75 10.01
N GLY A 166 62.65 26.57 10.39
CA GLY A 166 62.58 27.11 11.75
C GLY A 166 61.64 28.29 11.96
N GLU A 167 61.64 29.23 11.01
CA GLU A 167 60.81 30.45 11.08
C GLU A 167 59.32 30.16 11.29
N GLU A 168 58.65 31.04 12.03
CA GLU A 168 57.26 30.81 12.46
C GLU A 168 56.37 32.04 12.23
N MET A 169 55.10 31.77 11.94
CA MET A 169 54.10 32.82 11.73
C MET A 169 52.70 32.28 12.08
N ALA A 170 51.92 33.09 12.82
CA ALA A 170 50.56 32.74 13.21
C ALA A 170 49.61 33.90 12.89
N THR A 171 48.34 33.77 13.28
CA THR A 171 47.35 34.83 13.10
C THR A 171 47.63 35.99 14.05
N ASP A 172 48.03 37.13 13.48
CA ASP A 172 48.43 38.34 14.24
C ASP A 172 49.65 38.15 15.16
N ASP A 173 50.44 37.10 14.93
CA ASP A 173 51.50 36.65 15.83
C ASP A 173 51.04 36.53 17.31
N GLU A 174 49.82 36.04 17.49
CA GLU A 174 49.19 35.91 18.82
C GLU A 174 49.43 34.49 19.34
N TYR A 175 50.65 34.27 19.83
CA TYR A 175 51.10 32.94 20.28
C TYR A 175 50.60 32.65 21.70
N ILE A 176 49.59 31.79 21.79
CA ILE A 176 49.02 31.39 23.09
C ILE A 176 49.96 30.52 23.94
N LEU A 177 50.76 29.68 23.27
CA LEU A 177 51.79 28.88 23.96
C LEU A 177 52.98 29.73 24.40
N ASP A 178 53.67 29.25 25.44
CA ASP A 178 54.94 29.87 25.87
C ASP A 178 56.08 29.53 24.92
N GLU A 179 57.15 30.33 24.97
CA GLU A 179 58.27 30.19 24.04
C GLU A 179 59.14 28.94 24.24
N GLU A 180 59.12 28.39 25.46
CA GLU A 180 59.90 27.19 25.79
C GLU A 180 59.32 25.91 25.16
N SER A 181 58.00 25.81 25.12
CA SER A 181 57.30 24.63 24.56
C SER A 181 57.42 24.55 23.03
N ARG A 182 57.18 25.67 22.36
CA ARG A 182 57.30 25.74 20.90
C ARG A 182 58.74 25.65 20.38
N ALA A 183 59.72 25.93 21.25
CA ALA A 183 61.14 25.74 20.92
C ALA A 183 61.50 24.27 20.77
N ARG A 184 60.99 23.42 21.66
CA ARG A 184 61.19 21.96 21.59
C ARG A 184 60.46 21.33 20.39
N ILE A 185 59.34 21.93 19.98
CA ILE A 185 58.58 21.46 18.80
C ILE A 185 59.35 21.70 17.49
N LYS A 186 60.01 22.85 17.38
CA LYS A 186 60.85 23.16 16.21
C LYS A 186 62.06 22.22 16.09
N THR A 187 62.68 21.88 17.22
CA THR A 187 63.80 20.92 17.27
C THR A 187 63.37 19.50 16.88
N ARG A 188 62.13 19.13 17.21
CA ARG A 188 61.58 17.81 16.87
C ARG A 188 61.35 17.66 15.35
N LEU A 189 60.84 18.72 14.73
CA LEU A 189 60.61 18.75 13.27
C LEU A 189 61.90 18.87 12.45
N PHE A 190 62.91 19.56 12.99
CA PHE A 190 64.19 19.79 12.29
C PHE A 190 65.00 18.51 12.06
N VAL A 191 64.82 17.51 12.93
CA VAL A 191 65.44 16.19 12.76
C VAL A 191 64.75 15.40 11.64
N LEU A 192 63.41 15.43 11.64
CA LEU A 192 62.60 14.75 10.61
C LEU A 192 62.74 15.35 9.21
N ARG A 193 63.09 16.64 9.13
CA ARG A 193 63.39 17.34 7.87
C ARG A 193 64.56 16.69 7.11
N GLN A 194 65.67 16.47 7.82
CA GLN A 194 66.91 15.97 7.22
C GLN A 194 66.85 14.51 6.76
N GLU A 195 65.97 13.72 7.38
CA GLU A 195 65.84 12.28 7.04
C GLU A 195 65.01 11.99 5.77
N LEU A 196 64.39 13.02 5.18
CA LEU A 196 63.76 12.88 3.85
C LEU A 196 64.78 12.61 2.74
N ALA A 197 65.95 13.24 2.83
CA ALA A 197 67.03 13.06 1.85
C ALA A 197 67.67 11.68 1.92
N THR A 198 67.93 11.20 3.15
CA THR A 198 68.57 9.88 3.36
C THR A 198 67.64 8.70 3.08
N ALA A 199 66.36 8.84 3.44
CA ALA A 199 65.35 7.80 3.20
C ALA A 199 64.98 7.73 1.73
N LEU A 215 40.08 8.91 -6.65
CA LEU A 215 38.72 8.36 -6.63
C LEU A 215 38.58 7.23 -7.66
N GLU A 216 37.84 6.18 -7.29
CA GLU A 216 37.67 4.98 -8.14
C GLU A 216 36.50 4.11 -7.65
N GLU A 217 36.08 3.15 -8.49
CA GLU A 217 35.13 2.11 -8.07
C GLU A 217 35.35 0.82 -8.88
N GLU A 218 35.64 -0.27 -8.17
CA GLU A 218 36.03 -1.55 -8.77
C GLU A 218 35.03 -2.65 -8.39
N PHE A 219 34.69 -3.50 -9.37
CA PHE A 219 33.93 -4.73 -9.10
C PHE A 219 34.12 -5.70 -10.27
N SER A 220 34.83 -6.80 -10.02
CA SER A 220 35.10 -7.83 -11.01
C SER A 220 34.72 -9.20 -10.49
N TYR A 221 34.71 -10.18 -11.40
CA TYR A 221 34.39 -11.56 -11.08
C TYR A 221 35.68 -12.32 -10.76
N PRO A 222 35.74 -13.00 -9.60
CA PRO A 222 36.81 -13.99 -9.39
C PRO A 222 36.61 -15.24 -10.28
N PRO A 223 37.64 -16.10 -10.38
CA PRO A 223 37.62 -17.25 -11.29
C PRO A 223 36.39 -18.15 -11.21
N THR A 224 35.91 -18.45 -10.01
CA THR A 224 34.79 -19.37 -9.80
C THR A 224 33.49 -18.80 -10.37
N PHE A 225 33.18 -17.56 -10.01
CA PHE A 225 31.97 -16.89 -10.50
C PHE A 225 32.05 -16.54 -11.99
N GLN A 226 33.26 -16.25 -12.47
CA GLN A 226 33.52 -16.03 -13.90
C GLN A 226 33.11 -17.24 -14.72
N ARG A 227 33.42 -18.45 -14.22
CA ARG A 227 33.02 -19.69 -14.89
C ARG A 227 31.50 -19.93 -14.84
N LEU A 228 30.86 -19.54 -13.73
CA LEU A 228 29.40 -19.57 -13.63
C LEU A 228 28.76 -18.61 -14.63
N ALA A 229 29.33 -17.41 -14.73
CA ALA A 229 28.88 -16.39 -15.70
C ALA A 229 28.95 -16.88 -17.16
N ASN A 230 29.97 -17.67 -17.49
CA ASN A 230 30.13 -18.25 -18.84
C ASN A 230 29.05 -19.29 -19.16
N GLN A 231 28.62 -20.04 -18.15
CA GLN A 231 27.62 -21.11 -18.34
C GLN A 231 26.16 -20.66 -18.17
N SER A 232 25.95 -19.39 -17.79
CA SER A 232 24.62 -18.82 -17.62
C SER A 232 24.28 -17.86 -18.77
N LEU A 233 24.44 -18.35 -19.99
CA LEU A 233 24.23 -17.57 -21.22
C LEU A 233 23.34 -18.35 -22.16
N PRO A 234 22.93 -17.74 -23.28
CA PRO A 234 22.29 -18.55 -24.34
C PRO A 234 23.27 -19.58 -24.94
N PRO A 235 22.73 -20.63 -25.61
CA PRO A 235 23.57 -21.77 -26.04
C PRO A 235 24.63 -21.44 -27.11
N SER A 236 24.37 -20.43 -27.93
CA SER A 236 25.30 -20.02 -28.99
C SER A 236 26.58 -19.32 -28.49
N PHE A 237 26.55 -18.79 -27.27
CA PHE A 237 27.68 -18.03 -26.72
C PHE A 237 28.59 -18.92 -25.86
N LYS A 238 29.90 -18.68 -25.97
CA LYS A 238 30.92 -19.44 -25.25
C LYS A 238 31.47 -18.73 -24.01
N ASP A 239 31.30 -17.41 -23.96
CA ASP A 239 31.97 -16.56 -22.97
C ASP A 239 31.05 -15.43 -22.53
N TYR A 240 31.17 -15.02 -21.27
CA TYR A 240 30.39 -13.89 -20.71
C TYR A 240 30.77 -12.57 -21.39
N HIS A 241 32.06 -12.35 -21.60
CA HIS A 241 32.58 -11.16 -22.30
C HIS A 241 32.06 -11.07 -23.74
N GLN A 242 31.88 -12.23 -24.39
CA GLN A 242 31.33 -12.29 -25.76
C GLN A 242 29.85 -11.87 -25.79
N PHE A 243 29.06 -12.44 -24.88
CA PHE A 243 27.63 -12.12 -24.78
C PHE A 243 27.39 -10.66 -24.38
N LYS A 244 28.22 -10.14 -23.48
CA LYS A 244 28.12 -8.75 -23.03
C LYS A 244 28.37 -7.77 -24.18
N ALA A 245 29.30 -8.13 -25.07
CA ALA A 245 29.59 -7.34 -26.27
C ALA A 245 28.47 -7.46 -27.32
N TYR A 246 27.87 -8.64 -27.42
CA TYR A 246 26.71 -8.86 -28.32
C TYR A 246 25.51 -8.00 -27.92
N VAL A 247 25.20 -7.97 -26.64
CA VAL A 247 24.07 -7.18 -26.13
C VAL A 247 24.34 -5.68 -26.28
N SER A 248 25.57 -5.26 -26.00
CA SER A 248 25.96 -3.85 -26.13
C SER A 248 25.92 -3.35 -27.58
N SER A 249 26.23 -4.24 -28.53
CA SER A 249 26.27 -3.90 -29.95
C SER A 249 25.04 -4.36 -30.76
N PHE A 250 24.11 -5.07 -30.12
CA PHE A 250 22.89 -5.50 -30.81
C PHE A 250 22.08 -4.31 -31.27
N LYS A 251 21.55 -4.41 -32.49
CA LYS A 251 20.58 -3.46 -33.03
C LYS A 251 19.48 -4.25 -33.73
N ALA A 252 18.23 -3.87 -33.50
CA ALA A 252 17.09 -4.61 -34.04
C ALA A 252 17.04 -4.50 -35.55
N ASN A 253 16.68 -5.60 -36.21
CA ASN A 253 16.67 -5.68 -37.67
C ASN A 253 15.59 -6.68 -38.11
N GLY A 254 14.35 -6.43 -37.68
CA GLY A 254 13.21 -7.29 -37.98
C GLY A 254 13.34 -8.68 -37.38
N ASN A 255 13.83 -8.73 -36.13
CA ASN A 255 14.12 -10.00 -35.45
C ASN A 255 12.84 -10.72 -35.03
N ILE A 256 11.87 -9.94 -34.51
CA ILE A 256 10.56 -10.48 -34.10
C ILE A 256 9.75 -10.92 -35.31
N GLU A 257 9.64 -10.05 -36.32
CA GLU A 257 8.87 -10.36 -37.54
C GLU A 257 9.43 -11.58 -38.28
N ALA A 258 10.75 -11.75 -38.26
CA ALA A 258 11.41 -12.91 -38.88
C ALA A 258 10.96 -14.22 -38.22
N LYS A 259 11.16 -14.31 -36.91
CA LYS A 259 10.76 -15.51 -36.15
C LYS A 259 9.23 -15.65 -35.99
N LEU A 260 8.49 -14.55 -36.12
CA LEU A 260 7.03 -14.62 -36.27
C LEU A 260 6.63 -15.34 -37.57
N GLY A 261 7.39 -15.07 -38.64
CA GLY A 261 7.24 -15.80 -39.90
C GLY A 261 7.62 -17.28 -39.81
N ALA A 262 8.71 -17.56 -39.09
CA ALA A 262 9.20 -18.93 -38.90
C ALA A 262 8.25 -19.80 -38.08
N MET A 263 7.75 -19.26 -36.97
CA MET A 263 6.91 -20.01 -36.02
C MET A 263 5.64 -20.56 -36.67
N SER A 264 5.21 -21.74 -36.21
CA SER A 264 4.03 -22.43 -36.73
C SER A 264 2.74 -21.64 -36.53
N GLU A 265 1.81 -21.77 -37.47
CA GLU A 265 0.49 -21.16 -37.36
C GLU A 265 -0.48 -21.94 -36.45
N LYS A 266 -0.03 -23.09 -35.92
CA LYS A 266 -0.72 -23.75 -34.80
C LYS A 266 -0.69 -22.88 -33.53
N VAL A 267 0.38 -22.12 -33.34
CA VAL A 267 0.53 -21.21 -32.19
C VAL A 267 -0.31 -19.95 -32.43
N ASN A 268 -1.56 -19.98 -31.97
CA ASN A 268 -2.49 -18.86 -32.13
C ASN A 268 -3.53 -18.82 -31.01
N ALA A 269 -4.20 -17.68 -30.90
CA ALA A 269 -5.29 -17.48 -29.95
C ALA A 269 -6.57 -17.14 -30.72
N GLN A 270 -7.28 -18.18 -31.15
CA GLN A 270 -8.50 -18.02 -31.94
C GLN A 270 -9.68 -17.60 -31.06
N ILE A 271 -10.26 -16.46 -31.37
CA ILE A 271 -11.43 -15.95 -30.65
C ILE A 271 -12.69 -16.68 -31.13
N GLU A 272 -13.24 -17.53 -30.28
CA GLU A 272 -14.53 -18.18 -30.53
C GLU A 272 -15.62 -17.37 -29.84
N SER A 273 -16.59 -16.87 -30.61
CA SER A 273 -17.62 -15.97 -30.10
C SER A 273 -18.49 -16.66 -29.07
N PHE A 274 -18.79 -15.94 -27.98
CA PHE A 274 -19.47 -16.49 -26.82
C PHE A 274 -20.96 -16.12 -26.84
N ASP A 275 -21.82 -17.14 -26.83
CA ASP A 275 -23.28 -16.98 -26.76
C ASP A 275 -23.82 -17.87 -25.62
N PRO A 276 -24.40 -17.28 -24.56
CA PRO A 276 -24.95 -18.06 -23.42
C PRO A 276 -26.09 -19.03 -23.76
N ARG A 277 -26.74 -18.85 -24.91
CA ARG A 277 -27.77 -19.78 -25.39
C ARG A 277 -27.17 -21.09 -25.90
N THR A 278 -25.97 -20.99 -26.49
CA THR A 278 -25.23 -22.16 -26.98
C THR A 278 -24.66 -23.02 -25.85
N ILE A 279 -24.18 -22.41 -24.77
CA ILE A 279 -23.37 -23.11 -23.76
C ILE A 279 -24.18 -24.05 -22.86
N ARG A 280 -23.53 -25.12 -22.43
CA ARG A 280 -24.15 -26.15 -21.59
C ARG A 280 -24.14 -25.81 -20.10
N GLU A 281 -24.97 -26.52 -19.33
CA GLU A 281 -24.93 -26.47 -17.87
C GLU A 281 -23.67 -27.15 -17.35
N LEU A 282 -23.22 -26.73 -16.17
CA LEU A 282 -22.09 -27.37 -15.48
C LEU A 282 -22.52 -28.75 -15.02
N GLU A 283 -21.69 -29.75 -15.26
CA GLU A 283 -21.96 -31.11 -14.80
C GLU A 283 -21.63 -31.23 -13.32
N LEU A 284 -22.55 -31.82 -12.56
CA LEU A 284 -22.32 -32.12 -11.14
C LEU A 284 -21.99 -33.60 -11.01
N PRO A 285 -21.12 -33.95 -10.04
CA PRO A 285 -20.62 -35.32 -9.95
C PRO A 285 -21.65 -36.32 -9.43
N GLU A 286 -21.33 -37.60 -9.60
CA GLU A 286 -22.13 -38.69 -9.06
C GLU A 286 -21.43 -39.28 -7.84
N GLY A 287 -22.18 -40.08 -7.08
CA GLY A 287 -21.65 -40.76 -5.89
C GLY A 287 -22.75 -40.95 -4.86
N LYS A 288 -22.35 -41.28 -3.64
CA LYS A 288 -23.26 -41.26 -2.50
C LYS A 288 -23.65 -39.80 -2.23
N PHE A 289 -24.68 -39.58 -1.43
CA PHE A 289 -25.16 -38.22 -1.17
C PHE A 289 -24.24 -37.48 -0.21
N CYS A 290 -24.18 -36.16 -0.38
CA CYS A 290 -23.39 -35.30 0.50
C CYS A 290 -24.07 -35.17 1.87
N THR A 291 -23.25 -35.21 2.92
CA THR A 291 -23.71 -35.25 4.31
C THR A 291 -23.43 -33.89 4.97
N GLN A 292 -24.23 -33.56 5.99
CA GLN A 292 -24.02 -32.37 6.82
C GLN A 292 -22.62 -32.42 7.43
N ARG A 293 -21.90 -31.31 7.31
CA ARG A 293 -20.53 -31.21 7.85
C ARG A 293 -20.30 -29.94 8.70
N SER A 294 -21.37 -29.27 9.10
CA SER A 294 -21.29 -28.14 10.02
C SER A 294 -20.90 -28.62 11.40
N LYS A 295 -20.36 -27.70 12.20
CA LYS A 295 -19.94 -28.01 13.56
C LYS A 295 -21.11 -28.06 14.54
N PHE A 296 -22.28 -27.58 14.11
CA PHE A 296 -23.52 -27.64 14.90
C PHE A 296 -24.75 -27.77 13.98
N LEU A 297 -25.85 -28.25 14.53
CA LEU A 297 -27.10 -28.37 13.79
C LEU A 297 -27.62 -26.99 13.42
N LEU A 298 -28.18 -26.87 12.22
CA LEU A 298 -28.73 -25.62 11.73
C LEU A 298 -30.27 -25.62 11.89
N MET A 299 -31.03 -26.01 10.85
CA MET A 299 -32.51 -26.05 10.93
C MET A 299 -33.03 -27.17 11.86
N ASP A 300 -32.22 -28.21 12.04
CA ASP A 300 -32.62 -29.39 12.83
C ASP A 300 -32.37 -29.21 14.32
N ALA A 301 -31.83 -28.06 14.73
CA ALA A 301 -31.57 -27.78 16.16
C ALA A 301 -32.87 -27.62 16.93
N MET A 302 -32.78 -27.77 18.25
CA MET A 302 -33.92 -27.57 19.15
C MET A 302 -33.41 -27.01 20.48
N LYS A 303 -34.17 -26.05 21.03
CA LYS A 303 -33.75 -25.29 22.20
C LYS A 303 -34.62 -25.57 23.40
N LEU A 304 -33.96 -25.83 24.54
CA LEU A 304 -34.56 -25.65 25.86
C LEU A 304 -34.16 -24.27 26.33
N SER A 305 -35.09 -23.50 26.87
CA SER A 305 -34.83 -22.10 27.22
C SER A 305 -35.55 -21.60 28.47
N VAL A 306 -35.03 -20.51 29.02
CA VAL A 306 -35.58 -19.85 30.20
C VAL A 306 -35.69 -18.35 29.95
N LEU A 307 -36.72 -17.72 30.51
CA LEU A 307 -36.82 -16.26 30.56
C LEU A 307 -35.81 -15.77 31.60
N ASN A 308 -34.95 -14.84 31.19
CA ASN A 308 -33.77 -14.48 31.97
C ASN A 308 -33.27 -13.10 31.53
N PRO A 309 -33.32 -12.09 32.43
CA PRO A 309 -32.79 -10.75 32.13
C PRO A 309 -31.27 -10.63 31.82
N ALA A 310 -30.49 -11.68 32.08
CA ALA A 310 -29.04 -11.70 31.80
C ALA A 310 -28.68 -11.32 30.36
N HIS A 311 -27.58 -10.59 30.21
CA HIS A 311 -27.17 -10.02 28.91
C HIS A 311 -26.37 -11.04 28.10
N GLU A 312 -26.08 -10.71 26.84
CA GLU A 312 -25.57 -11.65 25.82
C GLU A 312 -24.52 -12.69 26.26
N GLY A 313 -23.58 -12.29 27.13
CA GLY A 313 -22.54 -13.19 27.65
C GLY A 313 -22.39 -13.16 29.16
N GLU A 314 -23.52 -13.04 29.86
CA GLU A 314 -23.56 -12.89 31.33
C GLU A 314 -23.93 -14.21 32.01
N GLY A 315 -23.42 -14.38 33.24
CA GLY A 315 -23.69 -15.59 34.01
C GLY A 315 -22.79 -16.74 33.62
N ILE A 316 -22.74 -17.75 34.49
CA ILE A 316 -21.87 -18.90 34.28
C ILE A 316 -22.56 -19.81 33.25
N PRO A 317 -21.83 -20.26 32.20
CA PRO A 317 -22.43 -21.08 31.14
C PRO A 317 -23.10 -22.39 31.59
N MET A 318 -22.44 -23.12 32.49
CA MET A 318 -23.00 -24.37 33.02
C MET A 318 -24.16 -24.16 34.00
N LYS A 319 -24.20 -23.02 34.68
CA LYS A 319 -25.35 -22.65 35.52
C LYS A 319 -26.56 -22.39 34.64
N ASP A 320 -26.37 -21.61 33.58
CA ASP A 320 -27.41 -21.36 32.58
C ASP A 320 -27.84 -22.63 31.83
N ALA A 321 -26.90 -23.55 31.62
CA ALA A 321 -27.20 -24.87 31.04
C ALA A 321 -28.13 -25.69 31.93
N LYS A 322 -27.78 -25.79 33.22
CA LYS A 322 -28.62 -26.49 34.22
C LYS A 322 -29.99 -25.82 34.40
N ALA A 323 -30.04 -24.49 34.31
CA ALA A 323 -31.30 -23.76 34.34
C ALA A 323 -32.22 -24.13 33.18
N CYS A 324 -31.64 -24.33 32.00
CA CYS A 324 -32.39 -24.72 30.79
C CYS A 324 -32.84 -26.18 30.80
N LEU A 325 -32.02 -27.07 31.34
CA LEU A 325 -32.42 -28.48 31.53
C LEU A 325 -33.63 -28.61 32.47
N ASP A 326 -33.63 -27.85 33.56
CA ASP A 326 -34.71 -27.91 34.57
C ASP A 326 -36.11 -27.51 34.08
N THR A 327 -36.20 -26.82 32.94
CA THR A 327 -37.50 -26.52 32.32
C THR A 327 -38.15 -27.74 31.66
N PHE A 328 -37.35 -28.71 31.26
CA PHE A 328 -37.82 -29.89 30.54
C PHE A 328 -37.86 -31.11 31.45
N TRP A 329 -39.00 -31.80 31.41
CA TRP A 329 -39.16 -33.12 32.03
C TRP A 329 -39.56 -34.09 30.92
N GLY A 330 -39.84 -35.34 31.27
CA GLY A 330 -40.10 -36.36 30.27
C GLY A 330 -38.85 -36.78 29.51
N TRP A 331 -37.75 -36.98 30.24
CA TRP A 331 -36.57 -37.65 29.71
C TRP A 331 -36.84 -39.15 29.80
N LYS A 332 -36.08 -39.93 29.05
CA LYS A 332 -36.22 -41.40 29.06
C LYS A 332 -34.85 -42.05 29.15
N LYS A 333 -34.86 -43.37 29.32
CA LYS A 333 -33.68 -44.18 29.08
C LYS A 333 -33.36 -44.03 27.59
N ALA A 334 -32.11 -43.69 27.28
CA ALA A 334 -31.72 -43.39 25.90
C ALA A 334 -31.67 -44.67 25.06
N THR A 335 -32.10 -44.57 23.80
CA THR A 335 -32.06 -45.68 22.85
C THR A 335 -31.58 -45.19 21.48
N ILE A 336 -30.72 -45.98 20.84
CA ILE A 336 -30.15 -45.64 19.54
C ILE A 336 -31.23 -45.86 18.48
N ILE A 337 -31.73 -44.77 17.89
CA ILE A 337 -32.74 -44.83 16.82
C ILE A 337 -32.15 -44.70 15.41
N LYS A 338 -30.83 -44.47 15.32
CA LYS A 338 -30.12 -44.42 14.04
C LYS A 338 -28.62 -44.56 14.31
N LYS A 339 -28.03 -45.63 13.79
CA LYS A 339 -26.65 -46.01 14.12
C LYS A 339 -25.66 -45.25 13.24
N HIS A 340 -24.57 -44.81 13.86
CA HIS A 340 -23.39 -44.34 13.13
C HIS A 340 -22.66 -45.59 12.64
N GLU A 341 -22.75 -45.85 11.33
CA GLU A 341 -22.34 -47.12 10.73
C GLU A 341 -20.89 -47.51 11.02
N LYS A 342 -19.99 -46.52 11.06
CA LYS A 342 -18.56 -46.76 11.29
C LYS A 342 -18.11 -46.72 12.76
N GLY A 343 -19.00 -46.40 13.69
CA GLY A 343 -18.65 -46.23 15.11
C GLY A 343 -19.19 -47.32 16.03
N VAL A 344 -18.52 -47.51 17.16
CA VAL A 344 -19.05 -48.31 18.26
C VAL A 344 -20.13 -47.48 18.94
N ASN A 345 -21.40 -47.80 18.65
CA ASN A 345 -22.52 -46.95 19.04
C ASN A 345 -22.92 -47.01 20.52
N THR A 346 -22.50 -48.05 21.23
CA THR A 346 -22.70 -48.10 22.69
C THR A 346 -21.87 -47.03 23.41
N ASN A 347 -20.74 -46.62 22.82
CA ASN A 347 -19.93 -45.53 23.38
C ASN A 347 -20.69 -44.19 23.34
N TYR A 348 -21.37 -43.91 22.22
CA TYR A 348 -22.20 -42.71 22.09
C TYR A 348 -23.32 -42.66 23.12
N LEU A 349 -23.91 -43.83 23.40
CA LEU A 349 -24.94 -43.96 24.43
C LEU A 349 -24.36 -43.77 25.84
N MET A 350 -23.21 -44.39 26.11
CA MET A 350 -22.52 -44.23 27.40
C MET A 350 -21.99 -42.82 27.65
N ILE A 351 -21.61 -42.10 26.58
CA ILE A 351 -21.13 -40.71 26.69
C ILE A 351 -22.25 -39.79 27.17
N TRP A 352 -23.44 -39.92 26.58
CA TRP A 352 -24.62 -39.14 26.98
C TRP A 352 -24.99 -39.39 28.45
N GLU A 353 -25.03 -40.66 28.84
CA GLU A 353 -25.35 -41.05 30.23
C GLU A 353 -24.31 -40.55 31.23
N GLN A 354 -23.03 -40.60 30.85
CA GLN A 354 -21.95 -40.06 31.67
C GLN A 354 -22.05 -38.54 31.80
N LEU A 355 -22.30 -37.86 30.68
CA LEU A 355 -22.46 -36.40 30.67
C LEU A 355 -23.60 -35.96 31.56
N LEU A 356 -24.76 -36.59 31.37
CA LEU A 356 -25.98 -36.21 32.10
C LEU A 356 -25.83 -36.40 33.61
N GLU A 357 -25.17 -37.48 34.01
CA GLU A 357 -24.89 -37.75 35.43
C GLU A 357 -23.81 -36.83 36.00
N SER A 358 -22.81 -36.47 35.19
CA SER A 358 -21.73 -35.56 35.61
C SER A 358 -22.20 -34.11 35.76
N ILE A 359 -23.19 -33.70 34.95
CA ILE A 359 -23.84 -32.39 35.10
C ILE A 359 -24.62 -32.32 36.42
N LYS A 360 -25.33 -33.40 36.75
CA LYS A 360 -26.04 -33.51 38.03
C LYS A 360 -25.09 -33.40 39.24
N GLU A 361 -23.94 -34.06 39.16
CA GLU A 361 -22.97 -34.10 40.26
C GLU A 361 -22.02 -32.89 40.35
N MET A 362 -22.03 -31.98 39.37
CA MET A 362 -21.03 -30.90 39.33
C MET A 362 -21.25 -29.85 40.41
N GLU A 363 -20.15 -29.39 40.99
CA GLU A 363 -20.14 -28.35 42.03
C GLU A 363 -19.03 -27.36 41.70
N GLY A 364 -19.35 -26.39 40.84
CA GLY A 364 -18.40 -25.39 40.40
C GLY A 364 -18.85 -24.67 39.14
N LYS A 365 -17.92 -23.92 38.53
CA LYS A 365 -18.18 -23.17 37.30
C LYS A 365 -17.91 -23.99 36.04
N PHE A 366 -16.83 -24.78 36.05
CA PHE A 366 -16.45 -25.64 34.93
C PHE A 366 -16.67 -27.12 35.24
N LEU A 367 -16.79 -27.92 34.18
CA LEU A 367 -16.99 -29.37 34.28
C LEU A 367 -15.99 -30.11 33.40
N ASN A 368 -15.05 -30.81 34.04
CA ASN A 368 -14.14 -31.72 33.35
C ASN A 368 -14.64 -33.15 33.57
N LEU A 369 -14.75 -33.92 32.50
CA LEU A 369 -15.20 -35.31 32.59
C LEU A 369 -14.02 -36.25 32.80
N LYS A 370 -14.29 -37.37 33.48
CA LYS A 370 -13.29 -38.41 33.70
C LYS A 370 -13.00 -39.13 32.38
N LYS A 371 -11.73 -39.45 32.14
CA LYS A 371 -11.31 -40.08 30.90
C LYS A 371 -11.68 -41.57 30.85
N THR A 372 -12.95 -41.85 30.58
CA THR A 372 -13.47 -43.21 30.50
C THR A 372 -13.09 -43.83 29.16
N ASN A 373 -13.21 -45.16 29.06
CA ASN A 373 -12.87 -45.88 27.82
C ASN A 373 -13.75 -45.44 26.64
N HIS A 374 -15.05 -45.35 26.89
CA HIS A 374 -16.01 -44.89 25.87
C HIS A 374 -15.79 -43.43 25.44
N LEU A 375 -15.46 -42.56 26.39
CA LEU A 375 -15.17 -41.15 26.10
C LEU A 375 -13.81 -40.97 25.41
N LYS A 376 -12.80 -41.73 25.86
CA LYS A 376 -11.48 -41.78 25.21
C LYS A 376 -11.55 -42.16 23.74
N TRP A 377 -12.45 -43.10 23.41
CA TRP A 377 -12.67 -43.52 22.03
C TRP A 377 -13.28 -42.40 21.19
N GLY A 378 -14.37 -41.82 21.70
CA GLY A 378 -15.07 -40.73 21.02
C GLY A 378 -14.23 -39.49 20.72
N LEU A 379 -13.25 -39.21 21.59
CA LEU A 379 -12.36 -38.05 21.44
C LEU A 379 -10.98 -38.40 20.87
N GLY A 380 -10.81 -39.63 20.37
CA GLY A 380 -9.60 -40.03 19.66
C GLY A 380 -8.34 -40.14 20.51
N GLU A 381 -8.47 -40.62 21.74
CA GLU A 381 -7.32 -40.77 22.62
C GLU A 381 -6.37 -41.85 22.08
N GLY A 382 -5.07 -41.51 22.02
CA GLY A 382 -4.02 -42.42 21.54
C GLY A 382 -4.13 -42.94 20.11
N GLN A 383 -4.86 -42.22 19.25
CA GLN A 383 -5.09 -42.66 17.86
C GLN A 383 -4.04 -42.11 16.89
N ALA A 384 -3.17 -41.22 17.35
CA ALA A 384 -1.97 -40.89 16.57
C ALA A 384 -1.01 -42.06 16.64
N PRO A 385 -0.53 -42.54 15.48
CA PRO A 385 0.56 -43.53 15.51
C PRO A 385 1.80 -42.98 16.23
N GLU A 386 2.54 -43.83 16.93
CA GLU A 386 3.72 -43.37 17.69
C GLU A 386 4.87 -43.07 16.74
N LYS A 387 5.60 -41.99 17.04
CA LYS A 387 6.64 -41.49 16.16
C LYS A 387 7.98 -42.16 16.48
N MET A 388 8.55 -42.84 15.49
CA MET A 388 9.85 -43.49 15.60
C MET A 388 10.80 -42.95 14.55
N ASP A 389 12.09 -43.23 14.75
CA ASP A 389 13.09 -42.99 13.71
C ASP A 389 12.83 -43.94 12.54
N PHE A 390 13.20 -43.50 11.34
CA PHE A 390 13.00 -44.30 10.13
C PHE A 390 13.81 -45.59 10.15
N GLU A 391 15.06 -45.51 10.62
CA GLU A 391 15.95 -46.67 10.75
C GLU A 391 15.30 -47.84 11.49
N ASP A 392 14.63 -47.53 12.60
CA ASP A 392 13.99 -48.55 13.44
C ASP A 392 12.77 -49.23 12.78
N CYS A 393 12.00 -48.47 12.00
CA CYS A 393 10.80 -48.99 11.33
C CYS A 393 10.92 -49.15 9.81
N LYS A 394 12.13 -49.00 9.28
CA LYS A 394 12.41 -49.05 7.83
C LYS A 394 11.89 -50.31 7.12
N GLU A 395 11.93 -51.45 7.82
CA GLU A 395 11.71 -52.77 7.21
C GLU A 395 10.24 -53.27 7.23
N VAL A 396 9.30 -52.44 7.65
CA VAL A 396 7.90 -52.87 7.83
C VAL A 396 7.21 -53.02 6.46
N PRO A 397 6.48 -54.13 6.23
CA PRO A 397 5.77 -54.35 4.96
C PRO A 397 4.77 -53.26 4.54
N ASP A 398 3.82 -52.95 5.43
CA ASP A 398 2.71 -52.04 5.10
C ASP A 398 2.97 -50.55 5.38
N LEU A 399 4.21 -50.20 5.70
CA LEU A 399 4.62 -48.79 5.82
C LEU A 399 4.57 -48.15 4.44
N PHE A 400 3.54 -47.32 4.21
CA PHE A 400 3.41 -46.51 2.99
C PHE A 400 3.33 -45.05 3.39
N GLN A 401 3.31 -44.15 2.40
CA GLN A 401 3.06 -42.73 2.65
C GLN A 401 1.58 -42.53 2.98
N TYR A 402 1.30 -41.47 3.74
CA TYR A 402 -0.07 -41.13 4.14
C TYR A 402 -0.97 -41.04 2.91
N LYS A 403 -2.23 -41.47 3.05
CA LYS A 403 -3.20 -41.42 1.95
C LYS A 403 -3.29 -39.99 1.40
N SER A 404 -2.86 -39.80 0.15
CA SER A 404 -2.77 -38.46 -0.46
C SER A 404 -3.54 -38.40 -1.78
N GLU A 405 -4.75 -38.94 -1.76
CA GLU A 405 -5.61 -39.00 -2.95
C GLU A 405 -6.51 -37.76 -3.02
N PRO A 406 -7.16 -37.53 -4.18
CA PRO A 406 -8.23 -36.52 -4.22
C PRO A 406 -9.46 -36.95 -3.39
N PRO A 407 -10.29 -35.99 -2.95
CA PRO A 407 -11.47 -36.38 -2.15
C PRO A 407 -12.48 -37.22 -2.93
N GLU A 408 -13.18 -38.10 -2.24
CA GLU A 408 -14.22 -38.94 -2.86
C GLU A 408 -15.41 -38.07 -3.26
N LYS A 409 -15.82 -38.17 -4.52
CA LYS A 409 -16.92 -37.35 -5.04
C LYS A 409 -18.26 -37.73 -4.37
N ARG A 410 -19.16 -36.74 -4.27
CA ARG A 410 -20.48 -36.93 -3.65
C ARG A 410 -21.55 -36.19 -4.43
N LYS A 411 -22.78 -36.68 -4.37
CA LYS A 411 -23.90 -36.13 -5.15
C LYS A 411 -24.66 -35.05 -4.36
N LEU A 412 -25.24 -34.11 -5.09
CA LEU A 412 -26.02 -33.02 -4.51
C LEU A 412 -27.32 -33.52 -3.88
N ALA A 413 -27.39 -33.48 -2.54
CA ALA A 413 -28.61 -33.82 -1.80
C ALA A 413 -29.53 -32.60 -1.68
N SER A 414 -30.82 -32.85 -1.46
CA SER A 414 -31.82 -31.78 -1.40
C SER A 414 -31.77 -30.96 -0.10
N TRP A 415 -31.25 -31.55 0.98
CA TRP A 415 -31.23 -30.89 2.30
C TRP A 415 -30.50 -29.54 2.34
N ILE A 416 -29.42 -29.40 1.58
CA ILE A 416 -28.63 -28.15 1.58
C ILE A 416 -29.43 -26.95 1.05
N GLN A 417 -30.25 -27.16 0.02
CA GLN A 417 -31.18 -26.13 -0.46
C GLN A 417 -32.23 -25.81 0.61
N SER A 418 -32.74 -26.85 1.25
CA SER A 418 -33.71 -26.72 2.34
C SER A 418 -33.13 -25.92 3.51
N GLU A 419 -31.89 -26.26 3.91
CA GLU A 419 -31.15 -25.54 4.96
C GLU A 419 -30.98 -24.04 4.65
N PHE A 420 -30.61 -23.74 3.41
CA PHE A 420 -30.44 -22.36 2.98
C PHE A 420 -31.76 -21.56 2.95
N ASN A 421 -32.86 -22.23 2.60
CA ASN A 421 -34.17 -21.58 2.62
C ASN A 421 -34.51 -21.07 4.01
N LYS A 422 -34.26 -21.90 5.03
CA LYS A 422 -34.54 -21.55 6.43
C LYS A 422 -33.59 -20.47 6.96
N ALA A 423 -32.34 -20.48 6.49
CA ALA A 423 -31.35 -19.45 6.85
C ALA A 423 -31.75 -18.04 6.41
N SER A 424 -32.50 -17.94 5.30
CA SER A 424 -32.96 -16.65 4.77
C SER A 424 -34.25 -16.10 5.42
N GLU A 425 -34.86 -16.88 6.31
CA GLU A 425 -36.12 -16.48 6.95
C GLU A 425 -35.92 -15.51 8.11
N LEU A 426 -36.97 -14.73 8.37
CA LEU A 426 -37.09 -13.96 9.62
C LEU A 426 -37.43 -14.88 10.78
N THR A 427 -37.13 -14.42 11.99
CA THR A 427 -37.49 -15.10 13.24
C THR A 427 -38.18 -14.13 14.18
N ASN A 428 -38.67 -14.64 15.29
CA ASN A 428 -39.33 -13.83 16.33
C ASN A 428 -38.37 -13.24 17.37
N SER A 429 -37.06 -13.36 17.15
CA SER A 429 -36.05 -13.01 18.15
C SER A 429 -34.92 -12.18 17.54
N ASN A 430 -34.42 -11.20 18.30
CA ASN A 430 -33.24 -10.42 17.95
C ASN A 430 -32.01 -11.17 18.42
N TRP A 431 -31.26 -11.75 17.49
CA TRP A 431 -30.14 -12.64 17.80
C TRP A 431 -28.83 -11.92 18.07
N ILE A 432 -28.65 -10.74 17.47
CA ILE A 432 -27.41 -9.99 17.59
C ILE A 432 -27.67 -8.67 18.33
N GLU A 433 -26.82 -8.40 19.31
CA GLU A 433 -26.86 -7.17 20.10
C GLU A 433 -25.63 -6.35 19.68
N PHE A 434 -25.86 -5.08 19.35
CA PHE A 434 -24.79 -4.19 18.89
C PHE A 434 -24.32 -3.25 20.00
N ASP A 435 -22.99 -3.09 20.12
CA ASP A 435 -22.41 -2.15 21.08
C ASP A 435 -22.64 -0.70 20.67
N GLU A 436 -22.44 0.20 21.64
CA GLU A 436 -22.74 1.62 21.46
C GLU A 436 -21.82 2.32 20.47
N LEU A 437 -22.37 3.35 19.83
CA LEU A 437 -21.62 4.32 19.03
C LEU A 437 -21.48 5.63 19.79
N GLY A 438 -20.57 6.48 19.33
CA GLY A 438 -20.59 7.88 19.69
C GLY A 438 -21.87 8.53 19.19
N ASN A 439 -22.22 9.68 19.76
CA ASN A 439 -23.42 10.40 19.36
C ASN A 439 -23.36 10.82 17.90
N ASP A 440 -24.52 10.88 17.25
CA ASP A 440 -24.63 11.43 15.90
C ASP A 440 -24.61 12.95 16.01
N VAL A 441 -23.61 13.58 15.39
CA VAL A 441 -23.52 15.04 15.28
C VAL A 441 -23.79 15.45 13.82
N ALA A 442 -23.02 14.88 12.88
CA ALA A 442 -23.16 15.22 11.47
C ALA A 442 -24.53 14.80 10.95
N PRO A 443 -25.10 15.56 10.00
CA PRO A 443 -26.37 15.15 9.40
C PRO A 443 -26.32 13.76 8.73
N ILE A 444 -25.21 13.45 8.06
CA ILE A 444 -25.02 12.13 7.43
C ILE A 444 -24.99 11.02 8.49
N GLU A 445 -24.49 11.32 9.69
CA GLU A 445 -24.55 10.37 10.81
C GLU A 445 -25.98 10.08 11.26
N HIS A 446 -26.83 11.10 11.28
CA HIS A 446 -28.26 10.91 11.55
C HIS A 446 -28.93 10.08 10.45
N ILE A 447 -28.62 10.39 9.19
CA ILE A 447 -29.09 9.60 8.04
C ILE A 447 -28.65 8.14 8.17
N ALA A 448 -27.35 7.95 8.42
CA ALA A 448 -26.78 6.61 8.63
C ALA A 448 -27.57 5.82 9.65
N SER A 449 -27.75 6.40 10.83
CA SER A 449 -28.44 5.73 11.93
C SER A 449 -29.92 5.41 11.65
N ARG A 450 -30.56 6.21 10.81
CA ARG A 450 -31.93 5.94 10.38
C ARG A 450 -31.95 4.67 9.52
N ARG A 451 -31.06 4.63 8.53
CA ARG A 451 -30.85 3.46 7.67
C ARG A 451 -30.35 2.24 8.43
N ARG A 452 -29.50 2.48 9.43
CA ARG A 452 -28.98 1.43 10.32
C ARG A 452 -30.08 0.77 11.14
N ASN A 453 -31.11 1.55 11.49
CA ASN A 453 -32.29 1.03 12.18
C ASN A 453 -32.97 -0.09 11.38
N PHE A 454 -33.10 0.12 10.08
CA PHE A 454 -33.66 -0.90 9.17
C PHE A 454 -32.76 -2.13 9.05
N PHE A 455 -31.48 -1.89 8.78
CA PHE A 455 -30.48 -2.95 8.65
C PHE A 455 -30.43 -3.82 9.91
N THR A 456 -30.39 -3.17 11.07
CA THR A 456 -30.22 -3.85 12.36
C THR A 456 -31.32 -4.87 12.65
N ALA A 457 -32.58 -4.44 12.52
CA ALA A 457 -33.73 -5.32 12.77
C ALA A 457 -33.79 -6.48 11.77
N GLU A 458 -33.49 -6.18 10.50
CA GLU A 458 -33.55 -7.18 9.42
C GLU A 458 -32.48 -8.26 9.65
N VAL A 459 -31.25 -7.81 9.83
CA VAL A 459 -30.10 -8.69 10.07
C VAL A 459 -30.19 -9.43 11.41
N SER A 460 -30.53 -8.72 12.49
CA SER A 460 -30.61 -9.33 13.82
C SER A 460 -31.68 -10.42 13.93
N GLN A 461 -32.83 -10.20 13.28
CA GLN A 461 -33.94 -11.15 13.34
C GLN A 461 -33.87 -12.27 12.30
N CYS A 462 -32.94 -12.18 11.35
CA CYS A 462 -32.72 -13.23 10.36
C CYS A 462 -32.18 -14.51 11.02
N ARG A 463 -32.57 -15.65 10.48
CA ARG A 463 -32.16 -16.95 11.03
C ARG A 463 -30.65 -17.18 10.91
N ALA A 464 -30.06 -16.69 9.84
CA ALA A 464 -28.61 -16.78 9.64
C ALA A 464 -27.81 -16.19 10.81
N SER A 465 -28.32 -15.09 11.39
CA SER A 465 -27.69 -14.45 12.56
C SER A 465 -27.70 -15.32 13.82
N GLU A 466 -28.71 -16.17 13.99
CA GLU A 466 -28.70 -17.18 15.04
C GLU A 466 -27.51 -18.12 14.82
N TYR A 467 -27.29 -18.52 13.57
CA TYR A 467 -26.16 -19.39 13.23
C TYR A 467 -24.81 -18.72 13.46
N ILE A 468 -24.75 -17.40 13.20
CA ILE A 468 -23.55 -16.60 13.50
C ILE A 468 -23.23 -16.67 14.99
N MET A 469 -24.22 -16.39 15.83
CA MET A 469 -24.03 -16.39 17.29
C MET A 469 -23.70 -17.75 17.88
N LYS A 470 -24.22 -18.83 17.29
CA LYS A 470 -23.82 -20.19 17.66
C LYS A 470 -22.34 -20.42 17.30
N ALA A 471 -21.96 -20.03 16.09
CA ALA A 471 -20.59 -20.17 15.62
C ALA A 471 -19.62 -19.35 16.48
N VAL A 472 -19.99 -18.10 16.74
CA VAL A 472 -19.16 -17.20 17.52
C VAL A 472 -18.99 -17.70 18.97
N TYR A 473 -20.05 -18.25 19.56
CA TYR A 473 -19.95 -18.79 20.92
C TYR A 473 -19.10 -20.08 20.95
N ILE A 474 -19.44 -21.04 20.10
CA ILE A 474 -18.80 -22.37 20.11
C ILE A 474 -17.29 -22.28 19.85
N ASN A 475 -16.92 -21.55 18.81
CA ASN A 475 -15.52 -21.41 18.43
C ASN A 475 -14.73 -20.60 19.47
N THR A 476 -15.35 -19.59 20.09
CA THR A 476 -14.74 -18.84 21.20
C THR A 476 -14.48 -19.75 22.39
N ALA A 477 -15.49 -20.51 22.79
CA ALA A 477 -15.39 -21.42 23.93
C ALA A 477 -14.35 -22.51 23.68
N LEU A 478 -14.42 -23.13 22.50
CA LEU A 478 -13.46 -24.16 22.10
C LEU A 478 -12.03 -23.62 22.03
N LEU A 479 -11.84 -22.41 21.50
CA LEU A 479 -10.50 -21.80 21.41
C LEU A 479 -9.91 -21.52 22.78
N ASN A 480 -10.68 -20.84 23.63
CA ASN A 480 -10.22 -20.48 24.97
C ASN A 480 -9.92 -21.71 25.82
N SER A 481 -10.82 -22.69 25.79
CA SER A 481 -10.65 -23.94 26.55
C SER A 481 -9.56 -24.82 25.97
N SER A 482 -9.40 -24.81 24.64
CA SER A 482 -8.28 -25.52 23.99
C SER A 482 -6.93 -25.03 24.50
N CYS A 483 -6.81 -23.72 24.71
CA CYS A 483 -5.57 -23.10 25.14
C CYS A 483 -5.27 -23.31 26.63
N THR A 484 -6.28 -23.11 27.48
CA THR A 484 -6.11 -23.18 28.94
C THR A 484 -6.18 -24.61 29.50
N ALA A 485 -7.19 -25.37 29.07
CA ALA A 485 -7.46 -26.72 29.57
C ALA A 485 -7.09 -27.76 28.50
N MET A 486 -5.80 -27.89 28.25
CA MET A 486 -5.30 -28.77 27.18
C MET A 486 -5.52 -30.25 27.44
N GLU A 487 -5.20 -30.71 28.66
CA GLU A 487 -5.30 -32.13 29.01
C GLU A 487 -6.70 -32.57 29.45
N GLU A 488 -7.53 -31.63 29.90
CA GLU A 488 -8.87 -31.96 30.41
C GLU A 488 -9.89 -32.15 29.28
N TYR A 489 -10.79 -33.13 29.44
CA TYR A 489 -11.99 -33.22 28.61
C TYR A 489 -13.06 -32.27 29.17
N GLN A 490 -12.97 -31.00 28.79
CA GLN A 490 -13.86 -29.96 29.32
C GLN A 490 -15.19 -29.94 28.58
N VAL A 491 -16.27 -29.70 29.32
CA VAL A 491 -17.63 -29.63 28.77
C VAL A 491 -17.98 -28.18 28.46
N ILE A 492 -18.50 -27.96 27.25
CA ILE A 492 -18.90 -26.65 26.76
C ILE A 492 -20.37 -26.73 26.35
N PRO A 493 -21.28 -26.11 27.14
CA PRO A 493 -22.68 -26.12 26.75
C PRO A 493 -22.93 -25.18 25.58
N ILE A 494 -23.77 -25.59 24.63
CA ILE A 494 -24.09 -24.77 23.46
C ILE A 494 -25.17 -23.77 23.87
N ILE A 495 -24.76 -22.52 24.14
CA ILE A 495 -25.64 -21.46 24.60
C ILE A 495 -25.67 -20.31 23.59
N THR A 496 -26.86 -19.78 23.33
CA THR A 496 -27.02 -18.41 22.82
C THR A 496 -28.02 -17.68 23.69
N LYS A 497 -28.01 -16.35 23.58
CA LYS A 497 -28.95 -15.48 24.28
C LYS A 497 -29.54 -14.51 23.29
N CYS A 498 -30.85 -14.27 23.40
CA CYS A 498 -31.54 -13.35 22.50
C CYS A 498 -32.64 -12.58 23.22
N ARG A 499 -33.17 -11.58 22.52
CA ARG A 499 -34.26 -10.74 22.99
C ARG A 499 -35.41 -10.91 22.01
N ASP A 500 -36.60 -11.23 22.49
CA ASP A 500 -37.79 -11.37 21.63
C ASP A 500 -38.17 -10.03 20.99
N THR A 501 -39.04 -10.09 19.98
CA THR A 501 -39.70 -8.90 19.46
C THR A 501 -40.73 -8.35 20.46
N SER A 502 -41.26 -9.23 21.33
CA SER A 502 -42.06 -8.83 22.49
C SER A 502 -41.25 -8.07 23.57
N GLY A 503 -39.94 -8.33 23.65
CA GLY A 503 -39.03 -7.56 24.51
C GLY A 503 -38.22 -8.38 25.51
N GLN A 504 -38.75 -9.53 25.92
CA GLN A 504 -38.13 -10.35 26.98
C GLN A 504 -36.82 -11.01 26.56
N ARG A 505 -35.82 -10.91 27.41
CA ARG A 505 -34.52 -11.55 27.18
C ARG A 505 -34.59 -13.03 27.58
N ARG A 506 -33.92 -13.88 26.80
CA ARG A 506 -34.02 -15.33 26.92
C ARG A 506 -32.65 -15.99 26.72
N THR A 507 -32.41 -17.07 27.45
CA THR A 507 -31.21 -17.91 27.30
C THR A 507 -31.64 -19.27 26.74
N ASN A 508 -30.93 -19.73 25.70
CA ASN A 508 -31.27 -20.95 24.95
C ASN A 508 -30.18 -22.00 25.11
N LEU A 509 -30.56 -23.27 25.23
CA LEU A 509 -29.61 -24.39 25.34
C LEU A 509 -29.89 -25.39 24.21
N TYR A 510 -28.95 -25.51 23.28
CA TYR A 510 -29.09 -26.39 22.11
C TYR A 510 -28.60 -27.81 22.39
N GLY A 511 -27.66 -27.94 23.32
CA GLY A 511 -26.95 -29.19 23.55
C GLY A 511 -25.60 -28.92 24.20
N PHE A 512 -24.69 -29.88 24.10
CA PHE A 512 -23.38 -29.78 24.74
C PHE A 512 -22.27 -30.22 23.79
N ILE A 513 -21.06 -29.78 24.09
CA ILE A 513 -19.85 -30.16 23.36
C ILE A 513 -18.84 -30.63 24.40
N ILE A 514 -18.17 -31.75 24.13
CA ILE A 514 -17.10 -32.25 24.98
C ILE A 514 -15.80 -32.07 24.22
N LYS A 515 -14.97 -31.14 24.68
CA LYS A 515 -13.66 -30.89 24.09
C LYS A 515 -12.74 -32.07 24.39
N GLY A 516 -12.07 -32.59 23.36
CA GLY A 516 -11.01 -33.59 23.56
C GLY A 516 -9.72 -32.93 24.01
N ARG A 517 -8.61 -33.66 23.92
CA ARG A 517 -7.29 -33.08 24.17
C ARG A 517 -6.96 -32.13 23.03
N SER A 518 -6.18 -31.10 23.35
CA SER A 518 -6.02 -29.95 22.45
C SER A 518 -4.65 -29.30 22.56
N HIS A 519 -3.59 -30.10 22.41
CA HIS A 519 -2.22 -29.60 22.34
C HIS A 519 -1.93 -29.08 20.94
N LEU A 520 -2.56 -27.97 20.59
CA LEU A 520 -2.57 -27.46 19.21
C LEU A 520 -1.34 -26.61 18.91
N ARG A 521 -0.35 -27.22 18.26
CA ARG A 521 0.86 -26.52 17.85
C ARG A 521 0.58 -25.75 16.55
N ASN A 522 0.55 -26.46 15.42
CA ASN A 522 0.29 -25.82 14.12
C ASN A 522 -1.15 -25.32 14.02
N ASP A 523 -1.37 -24.34 13.15
CA ASP A 523 -2.70 -23.74 12.97
C ASP A 523 -3.74 -24.67 12.33
N THR A 524 -3.28 -25.76 11.71
CA THR A 524 -4.15 -26.81 11.16
C THR A 524 -4.42 -27.98 12.12
N ASP A 525 -3.60 -28.13 13.16
CA ASP A 525 -3.77 -29.20 14.17
C ASP A 525 -5.19 -29.26 14.70
N VAL A 526 -5.68 -30.47 14.94
CA VAL A 526 -7.09 -30.72 15.23
C VAL A 526 -7.35 -30.91 16.72
N VAL A 527 -8.46 -30.33 17.19
CA VAL A 527 -9.07 -30.70 18.47
C VAL A 527 -10.22 -31.61 18.10
N ASN A 528 -10.25 -32.82 18.66
CA ASN A 528 -11.43 -33.67 18.52
C ASN A 528 -12.47 -33.21 19.54
N PHE A 529 -13.74 -33.31 19.18
CA PHE A 529 -14.83 -33.05 20.12
C PHE A 529 -16.09 -33.83 19.78
N ILE A 530 -16.88 -34.12 20.81
CA ILE A 530 -18.17 -34.78 20.66
C ILE A 530 -19.23 -33.69 20.80
N SER A 531 -20.23 -33.69 19.92
CA SER A 531 -21.30 -32.69 19.94
C SER A 531 -22.66 -33.37 20.13
N LEU A 532 -23.27 -33.18 21.29
CA LEU A 532 -24.54 -33.81 21.65
C LEU A 532 -25.65 -32.77 21.61
N GLU A 533 -26.47 -32.80 20.56
CA GLU A 533 -27.40 -31.71 20.26
C GLU A 533 -28.85 -32.15 20.16
N PHE A 534 -29.74 -31.39 20.79
CA PHE A 534 -31.17 -31.69 20.81
C PHE A 534 -31.79 -31.46 19.42
N SER A 535 -32.83 -32.22 19.11
CA SER A 535 -33.57 -32.08 17.85
C SER A 535 -34.91 -32.81 17.91
N LEU A 536 -35.88 -32.31 17.15
CA LEU A 536 -37.15 -33.01 16.91
C LEU A 536 -37.16 -33.70 15.54
N THR A 537 -36.10 -33.53 14.75
CA THR A 537 -36.05 -34.08 13.40
C THR A 537 -35.81 -35.59 13.45
N ASP A 538 -36.68 -36.34 12.78
CA ASP A 538 -36.52 -37.79 12.64
C ASP A 538 -35.39 -38.03 11.63
N PRO A 539 -34.28 -38.64 12.08
CA PRO A 539 -33.15 -38.86 11.14
C PRO A 539 -33.45 -39.87 10.02
N ARG A 540 -34.42 -40.76 10.25
CA ARG A 540 -34.77 -41.80 9.28
C ARG A 540 -35.40 -41.26 7.99
N ASN A 541 -36.00 -40.08 8.05
CA ASN A 541 -36.54 -39.41 6.85
C ASN A 541 -35.48 -38.95 5.85
N GLU A 542 -34.24 -38.74 6.31
CA GLU A 542 -33.09 -38.46 5.44
C GLU A 542 -31.82 -39.07 6.04
N ILE A 543 -31.77 -40.41 6.09
CA ILE A 543 -30.64 -41.12 6.72
C ILE A 543 -29.27 -40.77 6.11
N HIS A 544 -29.25 -40.49 4.81
CA HIS A 544 -28.04 -40.07 4.09
C HIS A 544 -27.43 -38.74 4.59
N LYS A 545 -28.27 -37.84 5.09
CA LYS A 545 -27.83 -36.57 5.69
C LYS A 545 -26.92 -36.74 6.91
N TRP A 546 -27.15 -37.81 7.68
CA TRP A 546 -26.54 -37.97 9.01
C TRP A 546 -25.48 -39.08 9.08
N GLU A 547 -24.65 -39.18 8.04
CA GLU A 547 -23.65 -40.27 7.93
C GLU A 547 -22.72 -40.37 9.16
N LYS A 548 -22.30 -39.23 9.69
CA LYS A 548 -21.32 -39.18 10.78
C LYS A 548 -21.98 -39.25 12.17
N TYR A 549 -23.30 -39.04 12.21
CA TYR A 549 -24.05 -38.95 13.46
C TYR A 549 -24.58 -40.30 13.94
N CYS A 550 -24.63 -40.44 15.27
CA CYS A 550 -25.39 -41.50 15.94
C CYS A 550 -26.54 -40.82 16.69
N VAL A 551 -27.75 -40.98 16.19
CA VAL A 551 -28.92 -40.30 16.76
C VAL A 551 -29.54 -41.16 17.85
N LEU A 552 -29.58 -40.64 19.07
CA LEU A 552 -30.28 -41.26 20.19
C LEU A 552 -31.67 -40.67 20.30
N GLU A 553 -32.54 -41.36 21.04
CA GLU A 553 -33.85 -40.83 21.43
C GLU A 553 -33.85 -40.75 22.95
N ILE A 554 -33.91 -39.52 23.48
CA ILE A 554 -33.65 -39.26 24.90
C ILE A 554 -34.86 -38.81 25.72
N GLY A 555 -35.99 -38.48 25.06
CA GLY A 555 -37.16 -37.99 25.78
C GLY A 555 -38.42 -37.82 24.96
N ASP A 556 -39.47 -37.32 25.62
CA ASP A 556 -40.75 -36.98 25.01
C ASP A 556 -41.19 -35.59 25.49
N MET A 557 -41.62 -34.75 24.55
CA MET A 557 -41.99 -33.36 24.84
C MET A 557 -43.44 -33.11 24.46
N GLU A 558 -44.20 -32.54 25.40
CA GLU A 558 -45.55 -32.05 25.11
C GLU A 558 -45.46 -30.62 24.56
N ILE A 559 -45.70 -30.49 23.26
CA ILE A 559 -45.57 -29.22 22.54
C ILE A 559 -46.95 -28.56 22.39
N ARG A 560 -47.03 -27.28 22.73
CA ARG A 560 -48.29 -26.54 22.70
C ARG A 560 -48.47 -25.85 21.34
N THR A 561 -49.72 -25.77 20.88
CA THR A 561 -50.08 -25.09 19.63
C THR A 561 -51.37 -24.29 19.82
N SER A 562 -51.83 -23.64 18.75
CA SER A 562 -53.13 -22.94 18.75
C SER A 562 -54.34 -23.86 18.92
N ILE A 563 -54.23 -25.10 18.41
CA ILE A 563 -55.35 -26.03 18.39
C ILE A 563 -55.35 -26.88 19.67
N SER A 564 -54.28 -27.65 19.85
CA SER A 564 -54.17 -28.60 20.97
C SER A 564 -52.73 -29.07 21.14
N THR A 565 -52.44 -29.70 22.27
CA THR A 565 -51.09 -30.20 22.56
C THR A 565 -50.74 -31.42 21.69
N ILE A 566 -49.44 -31.59 21.41
CA ILE A 566 -48.92 -32.73 20.66
C ILE A 566 -47.72 -33.32 21.38
N MET A 567 -47.65 -34.66 21.42
CA MET A 567 -46.48 -35.37 21.91
C MET A 567 -45.54 -35.63 20.74
N LYS A 568 -44.26 -35.31 20.92
CA LYS A 568 -43.23 -35.55 19.91
C LYS A 568 -41.98 -36.13 20.59
N PRO A 569 -41.27 -37.06 19.92
CA PRO A 569 -40.03 -37.56 20.52
C PRO A 569 -38.88 -36.56 20.40
N VAL A 570 -38.00 -36.57 21.40
CA VAL A 570 -36.85 -35.67 21.47
C VAL A 570 -35.61 -36.49 21.14
N TYR A 571 -34.94 -36.13 20.04
CA TYR A 571 -33.73 -36.79 19.58
C TYR A 571 -32.48 -36.04 20.01
N LEU A 572 -31.41 -36.77 20.28
CA LEU A 572 -30.11 -36.21 20.60
C LEU A 572 -29.12 -36.65 19.52
N TYR A 573 -28.74 -35.72 18.66
CA TYR A 573 -27.80 -35.99 17.58
C TYR A 573 -26.39 -35.94 18.12
N VAL A 574 -25.81 -37.12 18.35
CA VAL A 574 -24.45 -37.25 18.86
C VAL A 574 -23.52 -37.51 17.69
N ARG A 575 -22.34 -36.89 17.71
CA ARG A 575 -21.28 -37.19 16.74
C ARG A 575 -19.93 -36.74 17.23
N THR A 576 -18.89 -37.46 16.82
CA THR A 576 -17.52 -36.99 16.94
C THR A 576 -17.27 -36.00 15.81
N ASN A 577 -16.53 -34.94 16.11
CA ASN A 577 -16.22 -33.90 15.12
C ASN A 577 -14.85 -33.28 15.48
N GLY A 578 -14.35 -32.40 14.62
CA GLY A 578 -13.03 -31.81 14.81
C GLY A 578 -12.90 -30.41 14.25
N THR A 579 -11.93 -29.67 14.78
CA THR A 579 -11.67 -28.30 14.34
C THR A 579 -10.24 -27.87 14.70
N SER A 580 -9.84 -26.72 14.18
CA SER A 580 -8.46 -26.23 14.30
C SER A 580 -8.43 -24.77 14.75
N LYS A 581 -7.25 -24.29 15.12
CA LYS A 581 -7.07 -22.89 15.54
C LYS A 581 -7.47 -21.90 14.44
N ILE A 582 -7.10 -22.20 13.19
CA ILE A 582 -7.48 -21.34 12.06
C ILE A 582 -9.00 -21.35 11.81
N LYS A 583 -9.62 -22.53 11.86
CA LYS A 583 -11.07 -22.62 11.65
C LYS A 583 -11.83 -21.96 12.81
N MET A 584 -11.34 -22.14 14.03
CA MET A 584 -11.94 -21.52 15.21
C MET A 584 -11.85 -19.99 15.14
N LYS A 585 -10.65 -19.49 14.84
CA LYS A 585 -10.43 -18.05 14.67
C LYS A 585 -11.43 -17.44 13.70
N TRP A 586 -11.62 -18.07 12.54
CA TRP A 586 -12.56 -17.57 11.54
C TRP A 586 -14.03 -17.71 11.96
N GLY A 587 -14.32 -18.70 12.80
CA GLY A 587 -15.66 -18.87 13.38
C GLY A 587 -15.99 -17.80 14.41
N MET A 588 -14.96 -17.37 15.16
CA MET A 588 -15.11 -16.27 16.13
C MET A 588 -15.37 -14.93 15.44
N GLU A 589 -14.96 -14.80 14.18
CA GLU A 589 -15.14 -13.58 13.39
C GLU A 589 -16.32 -13.62 12.41
N MET A 590 -17.28 -14.53 12.60
CA MET A 590 -18.37 -14.71 11.65
C MET A 590 -19.36 -13.51 11.56
N ARG A 591 -19.29 -12.59 12.53
CA ARG A 591 -20.09 -11.36 12.46
C ARG A 591 -19.78 -10.50 11.22
N ARG A 592 -18.59 -10.62 10.63
CA ARG A 592 -18.27 -9.87 9.41
C ARG A 592 -19.15 -10.24 8.20
N CYS A 593 -19.85 -11.37 8.26
CA CYS A 593 -20.90 -11.70 7.30
C CYS A 593 -21.95 -10.60 7.19
N LEU A 594 -22.31 -10.01 8.33
CA LEU A 594 -23.24 -8.87 8.36
C LEU A 594 -22.80 -7.76 7.40
N LEU A 595 -21.51 -7.46 7.41
CA LEU A 595 -20.92 -6.43 6.54
C LEU A 595 -20.97 -6.79 5.04
N GLN A 596 -20.83 -8.06 4.70
CA GLN A 596 -20.85 -8.48 3.29
C GLN A 596 -22.23 -8.29 2.65
N SER A 597 -23.27 -8.66 3.40
CA SER A 597 -24.66 -8.46 2.95
C SER A 597 -25.00 -6.97 2.88
N LEU A 598 -24.83 -6.29 4.01
CA LEU A 598 -25.32 -4.92 4.18
C LEU A 598 -24.67 -3.87 3.27
N GLN A 599 -23.38 -4.00 2.94
CA GLN A 599 -22.75 -3.05 2.01
C GLN A 599 -23.27 -3.24 0.58
N GLN A 600 -23.56 -4.49 0.20
CA GLN A 600 -24.21 -4.77 -1.09
C GLN A 600 -25.63 -4.19 -1.10
N VAL A 601 -26.36 -4.38 -0.01
CA VAL A 601 -27.70 -3.80 0.16
C VAL A 601 -27.65 -2.27 0.14
N GLU A 602 -26.70 -1.69 0.87
CA GLU A 602 -26.59 -0.23 0.98
C GLU A 602 -26.10 0.43 -0.32
N SER A 603 -25.25 -0.26 -1.08
CA SER A 603 -24.83 0.22 -2.41
C SER A 603 -25.97 0.15 -3.43
N MET A 604 -26.89 -0.80 -3.27
CA MET A 604 -28.11 -0.86 -4.07
C MET A 604 -29.05 0.28 -3.73
N ILE A 605 -29.25 0.54 -2.43
CA ILE A 605 -30.06 1.67 -1.97
C ILE A 605 -29.46 3.01 -2.40
N GLU A 606 -28.15 3.17 -2.20
CA GLU A 606 -27.46 4.42 -2.54
C GLU A 606 -27.42 4.70 -4.04
N ALA A 607 -27.27 3.65 -4.87
CA ALA A 607 -27.23 3.79 -6.33
C ALA A 607 -28.52 4.39 -6.90
N GLU A 608 -29.66 3.93 -6.40
CA GLU A 608 -30.97 4.50 -6.75
C GLU A 608 -31.13 5.91 -6.18
N SER A 609 -30.69 6.12 -4.94
CA SER A 609 -30.74 7.44 -4.28
C SER A 609 -30.00 8.52 -5.06
N ALA A 610 -28.90 8.15 -5.71
CA ALA A 610 -28.15 9.07 -6.59
C ALA A 610 -29.01 9.52 -7.77
N VAL A 611 -29.74 8.58 -8.37
CA VAL A 611 -30.60 8.85 -9.51
C VAL A 611 -31.81 9.68 -9.07
N LYS A 612 -32.54 9.18 -8.08
CA LYS A 612 -33.70 9.90 -7.50
C LYS A 612 -33.33 11.18 -6.74
N GLU A 613 -32.05 11.37 -6.40
CA GLU A 613 -31.55 12.56 -5.70
C GLU A 613 -32.27 12.80 -4.36
N LYS A 614 -32.49 11.71 -3.62
CA LYS A 614 -33.04 11.74 -2.28
C LYS A 614 -32.79 10.40 -1.60
N ASP A 615 -32.94 10.36 -0.27
CA ASP A 615 -32.72 9.12 0.46
C ASP A 615 -33.83 8.12 0.14
N MET A 616 -33.48 7.05 -0.58
CA MET A 616 -34.42 5.98 -0.94
C MET A 616 -34.44 4.82 0.05
N THR A 617 -33.98 5.06 1.28
CA THR A 617 -33.92 4.02 2.32
C THR A 617 -35.33 3.62 2.77
N GLU A 618 -36.16 4.60 3.12
CA GLU A 618 -37.50 4.34 3.64
C GLU A 618 -38.44 3.77 2.57
N PRO A 619 -38.44 4.35 1.34
CA PRO A 619 -39.19 3.72 0.24
C PRO A 619 -38.83 2.25 -0.06
N PHE A 620 -37.57 1.86 0.13
CA PHE A 620 -37.12 0.49 -0.14
C PHE A 620 -37.62 -0.51 0.91
N PHE A 621 -37.54 -0.13 2.18
CA PHE A 621 -37.96 -1.01 3.27
C PHE A 621 -39.47 -0.98 3.56
N ARG A 622 -40.12 0.17 3.39
CA ARG A 622 -41.55 0.31 3.68
C ARG A 622 -42.46 -0.05 2.48
N ASN A 623 -42.10 0.43 1.29
CA ASN A 623 -42.86 0.11 0.07
C ASN A 623 -42.35 -1.20 -0.53
N ARG A 624 -43.14 -1.80 -1.40
CA ARG A 624 -42.78 -3.05 -2.07
C ARG A 624 -42.86 -2.88 -3.59
N GLU A 625 -42.25 -1.80 -4.07
CA GLU A 625 -42.19 -1.47 -5.50
C GLU A 625 -40.91 -2.02 -6.12
N ASN A 626 -39.78 -1.70 -5.49
CA ASN A 626 -38.46 -2.16 -5.94
C ASN A 626 -38.25 -3.57 -5.41
N ASP A 627 -38.16 -4.55 -6.31
CA ASP A 627 -37.95 -5.95 -5.92
C ASP A 627 -37.05 -6.70 -6.91
N TRP A 628 -36.28 -7.65 -6.38
CA TRP A 628 -35.21 -8.32 -7.12
C TRP A 628 -35.46 -9.82 -7.14
N PRO A 629 -35.07 -10.51 -8.24
CA PRO A 629 -35.23 -11.97 -8.24
C PRO A 629 -34.30 -12.65 -7.24
N ILE A 630 -34.87 -13.46 -6.35
CA ILE A 630 -34.09 -14.18 -5.32
C ILE A 630 -34.43 -15.67 -5.19
N GLY A 631 -35.25 -16.21 -6.08
CA GLY A 631 -35.67 -17.61 -5.95
C GLY A 631 -36.59 -18.11 -7.05
N GLU A 632 -36.75 -19.44 -7.08
CA GLU A 632 -37.62 -20.14 -8.03
C GLU A 632 -38.61 -21.05 -7.28
N SER A 633 -39.86 -21.00 -7.72
CA SER A 633 -40.89 -21.95 -7.31
C SER A 633 -41.36 -22.67 -8.58
N PRO A 634 -42.25 -23.67 -8.45
CA PRO A 634 -42.87 -24.24 -9.65
C PRO A 634 -43.65 -23.24 -10.51
N GLN A 635 -44.20 -22.20 -9.89
CA GLN A 635 -44.89 -21.13 -10.61
C GLN A 635 -43.95 -20.33 -11.51
N GLY A 636 -42.74 -20.06 -11.01
CA GLY A 636 -41.70 -19.34 -11.78
C GLY A 636 -40.65 -18.65 -10.93
N ILE A 637 -40.00 -17.65 -11.52
CA ILE A 637 -38.99 -16.85 -10.82
C ILE A 637 -39.67 -15.87 -9.88
N GLU A 638 -39.53 -16.12 -8.57
CA GLU A 638 -40.12 -15.28 -7.53
C GLU A 638 -39.16 -14.15 -7.15
N LYS A 639 -39.73 -12.97 -6.91
CA LYS A 639 -38.96 -11.78 -6.50
C LYS A 639 -39.15 -11.50 -5.01
N GLY A 640 -38.33 -10.59 -4.49
CA GLY A 640 -38.34 -10.23 -3.06
C GLY A 640 -37.93 -8.79 -2.80
N THR A 641 -38.26 -8.29 -1.61
CA THR A 641 -37.94 -6.91 -1.20
C THR A 641 -36.47 -6.79 -0.80
N ILE A 642 -36.02 -5.55 -0.57
CA ILE A 642 -34.62 -5.31 -0.17
C ILE A 642 -34.27 -6.00 1.16
N GLY A 643 -35.24 -6.08 2.08
CA GLY A 643 -35.10 -6.83 3.31
C GLY A 643 -34.85 -8.31 3.09
N LYS A 644 -35.58 -8.90 2.14
CA LYS A 644 -35.37 -10.29 1.73
C LYS A 644 -33.96 -10.49 1.16
N VAL A 645 -33.57 -9.60 0.25
CA VAL A 645 -32.24 -9.65 -0.37
C VAL A 645 -31.14 -9.55 0.69
N CYS A 646 -31.31 -8.66 1.66
CA CYS A 646 -30.40 -8.51 2.80
C CYS A 646 -30.19 -9.83 3.55
N ARG A 647 -31.28 -10.55 3.81
CA ARG A 647 -31.23 -11.83 4.52
C ARG A 647 -30.67 -12.96 3.65
N VAL A 648 -31.03 -12.99 2.37
CA VAL A 648 -30.51 -13.99 1.42
C VAL A 648 -29.01 -13.84 1.23
N LEU A 649 -28.54 -12.61 1.03
CA LEU A 649 -27.10 -12.33 0.93
C LEU A 649 -26.37 -12.63 2.24
N LEU A 650 -27.01 -12.34 3.37
CA LEU A 650 -26.48 -12.69 4.70
C LEU A 650 -26.33 -14.21 4.84
N ALA A 651 -27.36 -14.95 4.43
CA ALA A 651 -27.32 -16.43 4.47
C ALA A 651 -26.17 -16.98 3.64
N LYS A 652 -26.01 -16.45 2.43
CA LYS A 652 -24.90 -16.79 1.53
C LYS A 652 -23.55 -16.65 2.25
N SER A 653 -23.34 -15.49 2.87
CA SER A 653 -22.08 -15.18 3.54
C SER A 653 -21.86 -16.03 4.79
N VAL A 654 -22.93 -16.32 5.52
CA VAL A 654 -22.87 -17.23 6.67
C VAL A 654 -22.57 -18.65 6.20
N PHE A 655 -23.16 -19.07 5.08
CA PHE A 655 -22.92 -20.42 4.56
C PHE A 655 -21.53 -20.60 3.95
N ASN A 656 -21.04 -19.55 3.28
CA ASN A 656 -19.63 -19.49 2.86
C ASN A 656 -18.70 -19.68 4.05
N SER A 657 -19.07 -19.08 5.18
CA SER A 657 -18.30 -19.18 6.42
C SER A 657 -18.39 -20.56 7.07
N ILE A 658 -19.61 -21.10 7.18
CA ILE A 658 -19.83 -22.43 7.79
C ILE A 658 -19.26 -23.56 6.92
N TYR A 659 -19.46 -23.47 5.61
CA TYR A 659 -18.99 -24.49 4.65
C TYR A 659 -17.82 -23.99 3.79
N ALA A 660 -16.84 -23.36 4.43
CA ALA A 660 -15.62 -22.94 3.74
C ALA A 660 -14.85 -24.16 3.23
N SER A 661 -14.23 -24.03 2.06
CA SER A 661 -13.44 -25.10 1.45
C SER A 661 -12.63 -24.59 0.26
N ALA A 662 -11.54 -25.30 -0.05
CA ALA A 662 -10.77 -25.07 -1.28
C ALA A 662 -11.64 -25.21 -2.53
N GLN A 663 -12.59 -26.14 -2.46
CA GLN A 663 -13.60 -26.35 -3.50
C GLN A 663 -14.42 -25.09 -3.79
N LEU A 664 -14.94 -24.48 -2.74
CA LEU A 664 -15.67 -23.20 -2.83
C LEU A 664 -14.78 -22.09 -3.38
N GLU A 665 -13.54 -22.02 -2.92
CA GLU A 665 -12.60 -21.00 -3.37
C GLU A 665 -12.38 -21.10 -4.87
N GLY A 666 -11.95 -22.27 -5.32
CA GLY A 666 -11.69 -22.53 -6.73
C GLY A 666 -12.92 -22.36 -7.59
N PHE A 667 -14.05 -22.93 -7.15
CA PHE A 667 -15.31 -22.79 -7.88
C PHE A 667 -15.72 -21.33 -8.05
N SER A 668 -15.65 -20.56 -6.95
CA SER A 668 -16.07 -19.16 -6.94
C SER A 668 -15.25 -18.27 -7.85
N ALA A 669 -13.93 -18.50 -7.88
CA ALA A 669 -13.01 -17.70 -8.69
C ALA A 669 -13.14 -17.98 -10.19
N GLU A 670 -13.30 -19.26 -10.54
CA GLU A 670 -13.38 -19.67 -11.93
C GLU A 670 -14.76 -19.44 -12.55
N SER A 671 -15.81 -19.73 -11.78
CA SER A 671 -17.19 -19.46 -12.23
C SER A 671 -17.50 -17.96 -12.32
N ARG A 672 -16.73 -17.12 -11.62
CA ARG A 672 -16.82 -15.66 -11.75
C ARG A 672 -16.48 -15.20 -13.17
N LYS A 673 -15.54 -15.88 -13.81
CA LYS A 673 -15.19 -15.59 -15.22
C LYS A 673 -16.38 -15.88 -16.16
N LEU A 674 -17.01 -17.03 -15.96
CA LEU A 674 -18.16 -17.43 -16.79
C LEU A 674 -19.36 -16.48 -16.61
N LEU A 675 -19.59 -16.03 -15.38
CA LEU A 675 -20.61 -15.01 -15.10
C LEU A 675 -20.35 -13.68 -15.79
N LEU A 676 -19.08 -13.26 -15.81
CA LEU A 676 -18.70 -12.00 -16.46
C LEU A 676 -18.83 -12.09 -17.98
N LEU A 677 -18.53 -13.27 -18.54
CA LEU A 677 -18.74 -13.52 -19.97
C LEU A 677 -20.23 -13.41 -20.35
N ILE A 678 -21.09 -14.02 -19.53
CA ILE A 678 -22.54 -13.90 -19.71
C ILE A 678 -22.97 -12.44 -19.61
N GLN A 679 -22.41 -11.71 -18.64
CA GLN A 679 -22.69 -10.28 -18.47
C GLN A 679 -22.21 -9.45 -19.65
N ALA A 680 -21.03 -9.77 -20.18
CA ALA A 680 -20.49 -9.09 -21.37
C ALA A 680 -21.41 -9.27 -22.58
N PHE A 681 -21.96 -10.47 -22.74
CA PHE A 681 -22.95 -10.74 -23.79
C PHE A 681 -24.22 -9.93 -23.58
N ARG A 682 -24.69 -9.87 -22.34
CA ARG A 682 -25.93 -9.16 -22.00
C ARG A 682 -25.80 -7.64 -22.18
N ASP A 683 -24.60 -7.10 -22.01
CA ASP A 683 -24.31 -5.68 -22.31
C ASP A 683 -24.07 -5.38 -23.79
N ASN A 684 -24.21 -6.39 -24.66
CA ASN A 684 -24.08 -6.23 -26.11
C ASN A 684 -22.63 -5.88 -26.49
N LEU A 685 -21.67 -6.50 -25.80
CA LEU A 685 -20.24 -6.19 -25.96
C LEU A 685 -19.44 -7.28 -26.70
N ASP A 686 -20.15 -8.21 -27.34
CA ASP A 686 -19.53 -9.17 -28.28
C ASP A 686 -18.39 -9.97 -27.62
N PRO A 687 -18.69 -10.72 -26.55
CA PRO A 687 -17.65 -11.42 -25.80
C PRO A 687 -17.09 -12.60 -26.57
N GLY A 688 -15.81 -12.88 -26.35
CA GLY A 688 -15.11 -14.00 -26.98
C GLY A 688 -14.28 -14.76 -25.97
N THR A 689 -14.33 -16.10 -26.06
CA THR A 689 -13.43 -16.97 -25.30
C THR A 689 -12.33 -17.45 -26.23
N PHE A 690 -11.27 -17.99 -25.64
CA PHE A 690 -10.20 -18.64 -26.40
C PHE A 690 -10.30 -20.14 -26.20
N ASP A 691 -10.26 -20.59 -24.94
CA ASP A 691 -10.40 -22.01 -24.59
C ASP A 691 -11.55 -22.16 -23.56
N LEU A 692 -12.78 -22.19 -24.06
CA LEU A 692 -13.97 -22.28 -23.21
C LEU A 692 -14.07 -23.63 -22.48
N LYS A 693 -13.67 -24.71 -23.15
CA LYS A 693 -13.64 -26.05 -22.56
C LYS A 693 -12.74 -26.11 -21.31
N GLY A 694 -11.57 -25.47 -21.40
CA GLY A 694 -10.62 -25.39 -20.29
C GLY A 694 -11.13 -24.62 -19.09
N LEU A 695 -11.90 -23.56 -19.34
CA LEU A 695 -12.56 -22.79 -18.28
C LEU A 695 -13.63 -23.64 -17.58
N TYR A 696 -14.47 -24.30 -18.38
CA TYR A 696 -15.49 -25.23 -17.85
C TYR A 696 -14.88 -26.32 -16.99
N GLU A 697 -13.74 -26.86 -17.43
CA GLU A 697 -13.00 -27.88 -16.67
C GLU A 697 -12.44 -27.31 -15.36
N ALA A 698 -11.91 -26.08 -15.39
CA ALA A 698 -11.41 -25.41 -14.18
C ALA A 698 -12.49 -25.17 -13.12
N ILE A 699 -13.72 -24.92 -13.56
CA ILE A 699 -14.88 -24.81 -12.68
C ILE A 699 -15.23 -26.20 -12.14
N GLU A 700 -15.51 -27.13 -13.06
CA GLU A 700 -16.02 -28.47 -12.72
C GLU A 700 -15.05 -29.34 -11.92
N GLU A 701 -13.75 -29.06 -12.06
CA GLU A 701 -12.71 -29.67 -11.23
C GLU A 701 -12.94 -29.45 -9.73
N CYS A 702 -13.48 -28.28 -9.36
CA CYS A 702 -13.71 -27.90 -7.96
C CYS A 702 -15.03 -28.40 -7.34
N ILE A 703 -15.92 -28.98 -8.14
CA ILE A 703 -17.19 -29.54 -7.63
C ILE A 703 -16.97 -31.01 -7.30
N ILE A 704 -16.45 -31.28 -6.10
CA ILE A 704 -16.05 -32.63 -5.71
C ILE A 704 -17.10 -33.27 -4.80
N ASN A 705 -17.19 -32.82 -3.54
CA ASN A 705 -18.11 -33.41 -2.54
C ASN A 705 -18.86 -32.46 -1.58
N ASP A 706 -18.47 -31.19 -1.50
CA ASP A 706 -18.98 -30.29 -0.46
C ASP A 706 -20.43 -29.89 -0.76
N PRO A 707 -21.35 -30.05 0.23
CA PRO A 707 -22.77 -29.68 0.04
C PRO A 707 -23.01 -28.27 -0.48
N TRP A 708 -22.23 -27.32 0.05
CA TRP A 708 -22.41 -25.90 -0.25
C TRP A 708 -21.94 -25.54 -1.66
N VAL A 709 -20.79 -26.08 -2.10
CA VAL A 709 -20.32 -25.85 -3.47
C VAL A 709 -21.19 -26.55 -4.52
N LEU A 710 -21.67 -27.76 -4.19
CA LEU A 710 -22.63 -28.47 -5.06
C LEU A 710 -23.88 -27.63 -5.34
N LEU A 711 -24.44 -27.05 -4.28
CA LEU A 711 -25.61 -26.18 -4.39
C LEU A 711 -25.34 -24.90 -5.17
N ASN A 712 -24.15 -24.31 -4.98
CA ASN A 712 -23.76 -23.11 -5.72
C ASN A 712 -23.56 -23.39 -7.21
N ALA A 713 -23.02 -24.57 -7.51
CA ALA A 713 -22.94 -25.05 -8.90
C ALA A 713 -24.33 -25.19 -9.49
N SER A 714 -25.22 -25.87 -8.76
CA SER A 714 -26.63 -25.97 -9.15
C SER A 714 -27.28 -24.60 -9.34
N TRP A 715 -27.02 -23.67 -8.43
CA TRP A 715 -27.53 -22.29 -8.52
C TRP A 715 -27.10 -21.60 -9.80
N PHE A 716 -25.85 -21.85 -10.24
CA PHE A 716 -25.38 -21.31 -11.52
C PHE A 716 -26.17 -21.86 -12.69
N ASN A 717 -26.40 -23.17 -12.70
CA ASN A 717 -27.19 -23.82 -13.77
C ASN A 717 -28.61 -23.27 -13.84
N SER A 718 -29.27 -23.15 -12.68
CA SER A 718 -30.60 -22.55 -12.59
C SER A 718 -30.60 -21.12 -13.12
N PHE A 719 -29.55 -20.37 -12.78
CA PHE A 719 -29.35 -19.00 -13.28
C PHE A 719 -29.13 -18.96 -14.79
N LEU A 720 -28.29 -19.86 -15.30
CA LEU A 720 -28.02 -19.95 -16.73
C LEU A 720 -29.33 -20.18 -17.50
N LYS A 721 -30.11 -21.18 -17.07
CA LYS A 721 -31.42 -21.48 -17.68
C LYS A 721 -32.40 -20.31 -17.61
N ALA A 722 -32.36 -19.54 -16.52
CA ALA A 722 -33.19 -18.35 -16.37
C ALA A 722 -32.81 -17.25 -17.36
N VAL A 723 -31.51 -17.09 -17.60
CA VAL A 723 -31.00 -16.14 -18.60
C VAL A 723 -31.34 -16.59 -20.04
N GLN A 724 -31.28 -17.89 -20.30
CA GLN A 724 -31.61 -18.43 -21.63
C GLN A 724 -33.09 -18.22 -21.99
N LEU A 725 -33.99 -18.53 -21.06
CA LEU A 725 -35.44 -18.38 -21.28
C LEU A 725 -35.88 -16.92 -21.41
N SER A 726 -35.24 -16.00 -20.69
CA SER A 726 -35.54 -14.58 -20.82
C SER A 726 -35.09 -14.03 -22.17
N MET A 727 -33.93 -14.51 -22.66
CA MET A 727 -33.41 -14.11 -23.96
C MET A 727 -34.18 -14.77 -25.11
N GLY A 728 -34.10 -16.10 -25.20
CA GLY A 728 -34.73 -16.86 -26.29
C GLY A 728 -34.00 -16.69 -27.63
N SER A 729 -34.58 -17.24 -28.69
CA SER A 729 -33.99 -17.18 -30.03
C SER A 729 -34.14 -15.79 -30.66
N GLY A 730 -33.17 -15.42 -31.48
CA GLY A 730 -33.21 -14.15 -32.18
C GLY A 730 -31.86 -13.52 -32.41
N SER A 731 -31.80 -12.60 -33.37
CA SER A 731 -30.57 -11.86 -33.65
C SER A 731 -30.59 -10.62 -32.74
N GLY A 732 -31.79 -10.11 -32.50
CA GLY A 732 -32.02 -8.98 -31.63
C GLY A 732 -33.03 -9.50 -30.62
N GLU A 733 -32.54 -10.25 -29.64
CA GLU A 733 -33.39 -10.86 -28.62
C GLU A 733 -33.76 -9.94 -27.46
N ASN A 734 -34.19 -10.53 -26.35
CA ASN A 734 -34.61 -9.78 -25.18
C ASN A 734 -33.54 -9.74 -24.11
N LEU A 735 -32.64 -8.76 -24.22
CA LEU A 735 -31.56 -8.60 -23.24
C LEU A 735 -32.06 -8.19 -21.85
N TYR A 736 -33.09 -7.34 -21.83
CA TYR A 736 -33.75 -6.93 -20.57
C TYR A 736 -34.54 -8.10 -19.98
N PHE A 737 -34.53 -8.21 -18.65
CA PHE A 737 -35.19 -9.33 -17.96
C PHE A 737 -36.73 -9.14 -17.94
N GLN A 738 -37.26 -8.42 -16.96
CA GLN A 738 -38.72 -8.28 -16.79
C GLN A 738 -39.05 -6.94 -16.14
N MET B 10 -40.73 -22.17 -2.21
CA MET B 10 -39.72 -21.39 -2.98
C MET B 10 -38.30 -21.77 -2.57
N ASP B 11 -37.51 -22.21 -3.56
CA ASP B 11 -36.08 -22.41 -3.38
C ASP B 11 -35.37 -21.06 -3.56
N VAL B 12 -34.59 -20.66 -2.57
CA VAL B 12 -33.84 -19.40 -2.64
C VAL B 12 -32.55 -19.63 -3.43
N ASN B 13 -32.28 -18.75 -4.40
CA ASN B 13 -31.05 -18.75 -5.18
C ASN B 13 -30.51 -17.31 -5.26
N PRO B 14 -29.42 -17.01 -4.52
CA PRO B 14 -28.76 -15.69 -4.57
C PRO B 14 -28.32 -15.23 -5.97
N MET B 15 -27.90 -16.16 -6.82
CA MET B 15 -27.38 -15.83 -8.16
C MET B 15 -28.43 -15.32 -9.15
N LEU B 16 -29.71 -15.54 -8.85
CA LEU B 16 -30.80 -14.96 -9.66
C LEU B 16 -30.89 -13.44 -9.54
N ILE B 17 -30.23 -12.85 -8.53
CA ILE B 17 -30.06 -11.39 -8.45
C ILE B 17 -29.37 -10.84 -9.72
N PHE B 18 -28.45 -11.63 -10.28
CA PHE B 18 -27.72 -11.25 -11.51
C PHE B 18 -28.60 -11.05 -12.76
N LEU B 19 -29.85 -11.53 -12.75
CA LEU B 19 -30.82 -11.23 -13.82
C LEU B 19 -31.13 -9.73 -13.93
N LYS B 20 -31.31 -9.06 -12.80
CA LYS B 20 -31.58 -7.61 -12.75
C LYS B 20 -30.33 -6.78 -12.47
N VAL B 21 -29.55 -7.19 -11.48
CA VAL B 21 -28.33 -6.46 -11.09
C VAL B 21 -27.18 -6.95 -11.97
N PRO B 22 -26.39 -6.03 -12.56
CA PRO B 22 -25.23 -6.49 -13.32
C PRO B 22 -24.19 -7.18 -12.43
N VAL B 23 -23.38 -8.05 -13.03
CA VAL B 23 -22.43 -8.88 -12.29
C VAL B 23 -21.40 -8.03 -11.53
N GLN B 24 -20.89 -6.99 -12.18
CA GLN B 24 -19.93 -6.08 -11.55
C GLN B 24 -20.54 -5.33 -10.35
N ASN B 25 -21.83 -4.96 -10.45
CA ASN B 25 -22.53 -4.25 -9.38
C ASN B 25 -22.88 -5.11 -8.16
N ALA B 26 -22.98 -6.43 -8.34
CA ALA B 26 -23.18 -7.36 -7.22
C ALA B 26 -22.04 -8.38 -7.14
N ILE B 27 -20.82 -7.92 -7.39
CA ILE B 27 -19.64 -8.79 -7.47
C ILE B 27 -19.21 -9.33 -6.11
N SER B 28 -19.58 -8.62 -5.03
CA SER B 28 -19.35 -9.09 -3.65
C SER B 28 -19.96 -10.46 -3.33
N THR B 29 -21.07 -10.79 -3.97
CA THR B 29 -21.73 -12.09 -3.76
C THR B 29 -20.96 -13.29 -4.34
N THR B 30 -19.92 -13.04 -5.14
CA THR B 30 -19.04 -14.08 -5.67
C THR B 30 -17.65 -14.14 -4.99
N PHE B 31 -17.52 -13.50 -3.83
CA PHE B 31 -16.26 -13.49 -3.06
C PHE B 31 -16.55 -14.07 -1.67
N PRO B 32 -16.25 -15.35 -1.45
CA PRO B 32 -16.60 -16.03 -0.19
C PRO B 32 -15.55 -15.82 0.92
N TYR B 33 -15.21 -14.56 1.17
CA TYR B 33 -14.04 -14.21 2.00
C TYR B 33 -14.37 -14.02 3.50
N THR B 34 -15.51 -14.56 3.97
CA THR B 34 -15.82 -14.62 5.39
C THR B 34 -15.51 -15.99 6.02
N GLY B 35 -15.07 -16.94 5.19
CA GLY B 35 -14.66 -18.27 5.64
C GLY B 35 -13.14 -18.39 5.69
N ASP B 36 -12.67 -19.36 6.47
CA ASP B 36 -11.24 -19.66 6.56
C ASP B 36 -10.72 -20.12 5.20
N PRO B 37 -9.60 -19.53 4.71
CA PRO B 37 -9.05 -19.93 3.42
C PRO B 37 -8.30 -21.25 3.50
N PRO B 38 -7.97 -21.87 2.35
CA PRO B 38 -7.24 -23.14 2.33
C PRO B 38 -5.86 -23.09 2.98
N TYR B 39 -5.51 -24.17 3.68
CA TYR B 39 -4.20 -24.32 4.31
C TYR B 39 -3.61 -25.66 3.93
N SER B 40 -2.28 -25.70 3.78
CA SER B 40 -1.56 -26.93 3.57
C SER B 40 -1.30 -27.58 4.92
N HIS B 41 -1.48 -28.89 4.99
CA HIS B 41 -1.12 -29.69 6.16
C HIS B 41 0.09 -30.51 5.73
N GLY B 42 1.11 -30.56 6.57
CA GLY B 42 2.31 -31.33 6.28
C GLY B 42 3.26 -30.62 5.33
N THR B 43 3.87 -31.38 4.42
CA THR B 43 5.00 -30.88 3.63
C THR B 43 4.62 -30.38 2.23
N GLY B 44 5.51 -29.57 1.68
CA GLY B 44 5.41 -29.07 0.31
C GLY B 44 6.43 -29.68 -0.62
N THR B 45 6.91 -30.89 -0.31
CA THR B 45 7.86 -31.59 -1.15
C THR B 45 7.18 -32.06 -2.44
N GLY B 46 5.92 -32.51 -2.32
CA GLY B 46 5.11 -32.87 -3.47
C GLY B 46 4.92 -31.73 -4.46
N TYR B 47 4.80 -30.50 -3.94
CA TYR B 47 4.60 -29.32 -4.77
C TYR B 47 5.91 -28.80 -5.39
N THR B 48 6.98 -28.80 -4.60
CA THR B 48 8.30 -28.36 -5.10
C THR B 48 8.80 -29.25 -6.24
N MET B 49 8.61 -30.56 -6.10
CA MET B 49 8.95 -31.51 -7.18
C MET B 49 8.07 -31.29 -8.41
N ASP B 50 6.77 -31.09 -8.19
CA ASP B 50 5.83 -30.71 -9.27
C ASP B 50 6.30 -29.50 -10.06
N THR B 51 6.68 -28.43 -9.34
CA THR B 51 7.13 -27.19 -9.96
C THR B 51 8.42 -27.40 -10.77
N VAL B 52 9.38 -28.09 -10.15
CA VAL B 52 10.65 -28.41 -10.80
C VAL B 52 10.44 -29.27 -12.06
N ILE B 53 9.60 -30.30 -11.94
CA ILE B 53 9.27 -31.18 -13.07
C ILE B 53 8.51 -30.42 -14.17
N ARG B 54 7.48 -29.65 -13.78
CA ARG B 54 6.69 -28.88 -14.76
C ARG B 54 7.55 -27.84 -15.49
N THR B 55 8.39 -27.13 -14.74
CA THR B 55 9.29 -26.12 -15.30
C THR B 55 10.20 -26.68 -16.39
N HIS B 56 10.77 -27.86 -16.14
CA HIS B 56 11.65 -28.53 -17.13
C HIS B 56 10.88 -29.07 -18.35
N ASP B 57 9.63 -29.51 -18.15
CA ASP B 57 8.78 -29.98 -19.26
C ASP B 57 8.45 -28.88 -20.28
N TYR B 58 8.28 -27.64 -19.81
CA TYR B 58 8.02 -26.49 -20.69
C TYR B 58 9.26 -26.07 -21.49
N SER B 59 10.44 -26.45 -20.98
CA SER B 59 11.72 -26.15 -21.62
C SER B 59 12.41 -27.40 -22.22
N SER B 60 11.68 -28.52 -22.32
CA SER B 60 12.29 -29.85 -22.56
C SER B 60 13.07 -30.00 -23.86
N ARG B 61 12.69 -29.27 -24.90
CA ARG B 61 13.41 -29.29 -26.19
C ARG B 61 14.73 -28.50 -26.19
N GLY B 62 15.07 -27.85 -25.07
CA GLY B 62 16.35 -27.14 -24.92
C GLY B 62 17.58 -28.04 -24.81
N ILE B 63 18.68 -27.44 -24.35
CA ILE B 63 20.00 -28.06 -24.37
C ILE B 63 20.53 -28.29 -22.95
N TRP B 64 20.88 -29.55 -22.64
CA TRP B 64 21.42 -29.92 -21.33
C TRP B 64 22.94 -29.80 -21.29
N LYS B 65 23.47 -29.31 -20.17
CA LYS B 65 24.92 -29.24 -19.94
C LYS B 65 25.24 -29.33 -18.45
N THR B 66 26.20 -30.18 -18.10
CA THR B 66 26.63 -30.36 -16.71
C THR B 66 27.53 -29.18 -16.32
N ASN B 67 27.27 -28.62 -15.14
CA ASN B 67 27.95 -27.40 -14.70
C ASN B 67 29.37 -27.71 -14.20
N SER B 68 30.33 -26.87 -14.58
CA SER B 68 31.74 -27.01 -14.19
C SER B 68 31.99 -26.99 -12.68
N GLU B 69 31.19 -26.21 -11.96
CA GLU B 69 31.43 -25.91 -10.54
C GLU B 69 30.56 -26.74 -9.60
N THR B 70 29.26 -26.77 -9.87
CA THR B 70 28.29 -27.50 -9.03
C THR B 70 28.09 -28.95 -9.47
N GLY B 71 28.29 -29.24 -10.77
CA GLY B 71 27.99 -30.55 -11.33
C GLY B 71 26.50 -30.79 -11.57
N ALA B 72 25.71 -29.71 -11.57
CA ALA B 72 24.25 -29.80 -11.71
C ALA B 72 23.85 -29.80 -13.18
N GLN B 73 22.80 -30.56 -13.49
CA GLN B 73 22.33 -30.72 -14.86
C GLN B 73 21.36 -29.59 -15.25
N GLN B 74 21.86 -28.66 -16.06
CA GLN B 74 21.20 -27.38 -16.32
C GLN B 74 20.57 -27.34 -17.72
N LEU B 75 19.25 -27.17 -17.78
CA LEU B 75 18.50 -27.10 -19.03
C LEU B 75 18.45 -25.66 -19.55
N ASN B 76 18.90 -25.45 -20.78
CA ASN B 76 18.85 -24.14 -21.44
C ASN B 76 17.83 -24.17 -22.59
N PRO B 77 16.66 -23.53 -22.40
CA PRO B 77 15.64 -23.49 -23.45
C PRO B 77 15.77 -22.33 -24.45
N ILE B 78 16.49 -21.27 -24.10
CA ILE B 78 16.44 -20.04 -24.89
C ILE B 78 17.19 -20.17 -26.22
N ASP B 79 16.72 -19.41 -27.21
CA ASP B 79 17.12 -19.56 -28.62
C ASP B 79 16.93 -21.00 -29.12
N GLY B 80 15.93 -21.67 -28.56
CA GLY B 80 15.67 -23.07 -28.83
C GLY B 80 14.62 -23.18 -29.92
N PRO B 81 14.09 -24.39 -30.14
CA PRO B 81 13.07 -24.57 -31.18
C PRO B 81 11.81 -23.76 -30.88
N LEU B 82 11.35 -22.99 -31.86
CA LEU B 82 10.15 -22.18 -31.72
C LEU B 82 8.96 -23.11 -31.50
N PRO B 83 8.05 -22.76 -30.57
CA PRO B 83 6.98 -23.68 -30.20
C PRO B 83 6.02 -23.97 -31.36
N GLU B 84 5.46 -25.18 -31.37
CA GLU B 84 4.53 -25.62 -32.41
C GLU B 84 3.12 -25.94 -31.89
N ASP B 85 2.87 -25.60 -30.61
CA ASP B 85 1.53 -25.69 -30.02
C ASP B 85 1.30 -24.56 -29.02
N ASN B 86 0.09 -24.49 -28.47
CA ASN B 86 -0.28 -23.46 -27.48
C ASN B 86 0.06 -23.81 -26.02
N GLU B 87 0.65 -24.98 -25.77
CA GLU B 87 1.03 -25.40 -24.41
C GLU B 87 2.06 -24.44 -23.82
N PRO B 88 2.20 -24.41 -22.47
CA PRO B 88 3.16 -23.47 -21.88
C PRO B 88 4.60 -23.77 -22.29
N SER B 89 5.24 -22.80 -22.94
CA SER B 89 6.61 -22.93 -23.40
C SER B 89 7.47 -21.80 -22.84
N GLY B 90 8.75 -22.12 -22.58
CA GLY B 90 9.74 -21.14 -22.14
C GLY B 90 10.88 -20.99 -23.13
N TYR B 91 10.58 -21.09 -24.42
CA TYR B 91 11.58 -20.97 -25.49
C TYR B 91 11.67 -19.51 -25.92
N ALA B 92 12.21 -18.68 -25.03
CA ALA B 92 12.41 -17.26 -25.29
C ALA B 92 13.55 -17.07 -26.27
N GLN B 93 13.45 -16.05 -27.11
CA GLN B 93 14.45 -15.77 -28.13
C GLN B 93 15.20 -14.50 -27.73
N THR B 94 16.51 -14.62 -27.52
CA THR B 94 17.36 -13.51 -27.09
C THR B 94 17.22 -12.27 -27.98
N ASP B 95 17.24 -12.48 -29.30
CA ASP B 95 17.14 -11.37 -30.26
C ASP B 95 15.79 -10.64 -30.17
N CYS B 96 14.70 -11.39 -29.99
CA CYS B 96 13.37 -10.82 -29.84
C CYS B 96 13.19 -10.02 -28.54
N VAL B 97 13.83 -10.49 -27.46
CA VAL B 97 13.80 -9.78 -26.18
C VAL B 97 14.54 -8.45 -26.30
N LEU B 98 15.74 -8.48 -26.88
CA LEU B 98 16.53 -7.27 -27.08
C LEU B 98 15.86 -6.24 -28.00
N GLU B 99 15.12 -6.71 -29.02
CA GLU B 99 14.35 -5.81 -29.88
C GLU B 99 13.28 -5.06 -29.07
N LEU B 100 12.55 -5.80 -28.24
CA LEU B 100 11.54 -5.20 -27.35
C LEU B 100 12.15 -4.21 -26.34
N ILE B 101 13.28 -4.59 -25.73
CA ILE B 101 13.95 -3.73 -24.75
C ILE B 101 14.55 -2.48 -25.41
N GLU B 102 15.06 -2.64 -26.64
CA GLU B 102 15.48 -1.49 -27.46
C GLU B 102 14.30 -0.59 -27.81
N GLY B 103 13.19 -1.21 -28.21
CA GLY B 103 11.94 -0.50 -28.51
C GLY B 103 11.44 0.34 -27.34
N LEU B 104 11.68 -0.15 -26.13
CA LEU B 104 11.39 0.59 -24.90
C LEU B 104 12.33 1.80 -24.74
N ASP B 105 13.62 1.58 -25.01
CA ASP B 105 14.63 2.65 -24.96
C ASP B 105 14.33 3.78 -25.94
N ARG B 106 13.90 3.43 -27.16
CA ARG B 106 13.50 4.41 -28.17
C ARG B 106 12.32 5.25 -27.69
N SER B 107 11.28 4.58 -27.21
CA SER B 107 10.05 5.23 -26.76
C SER B 107 10.20 6.13 -25.53
N HIS B 108 11.21 5.86 -24.70
CA HIS B 108 11.48 6.65 -23.49
C HIS B 108 12.97 7.01 -23.43
N PRO B 109 13.39 8.03 -24.22
CA PRO B 109 14.80 8.40 -24.26
C PRO B 109 15.26 9.02 -22.94
N GLY B 110 16.42 8.59 -22.45
CA GLY B 110 16.94 9.02 -21.15
C GLY B 110 16.41 8.27 -19.93
N LEU B 111 15.46 7.35 -20.13
CA LEU B 111 14.89 6.54 -19.05
C LEU B 111 15.92 5.56 -18.49
N PHE B 112 16.53 4.80 -19.39
CA PHE B 112 17.59 3.84 -19.03
C PHE B 112 18.79 4.55 -18.41
N GLU B 113 19.15 5.71 -18.97
CA GLU B 113 20.22 6.57 -18.44
C GLU B 113 19.96 6.94 -16.97
N THR B 114 18.80 7.54 -16.72
CA THR B 114 18.46 8.02 -15.38
C THR B 114 18.29 6.87 -14.37
N ALA B 115 17.60 5.82 -14.80
CA ALA B 115 17.37 4.63 -13.96
C ALA B 115 18.68 3.99 -13.51
N CYS B 116 19.64 3.87 -14.43
CA CYS B 116 20.99 3.40 -14.11
C CYS B 116 21.70 4.34 -13.15
N GLN B 117 21.68 5.64 -13.46
CA GLN B 117 22.36 6.64 -12.66
C GLN B 117 21.80 6.73 -11.23
N GLU B 118 20.48 6.60 -11.08
CA GLU B 118 19.83 6.52 -9.77
C GLU B 118 20.23 5.25 -9.01
N THR B 119 20.35 4.14 -9.74
CA THR B 119 20.81 2.88 -9.15
C THR B 119 22.29 2.95 -8.75
N ILE B 120 23.12 3.63 -9.54
CA ILE B 120 24.54 3.82 -9.20
C ILE B 120 24.69 4.67 -7.93
N ASP B 121 23.90 5.74 -7.82
CA ASP B 121 23.90 6.59 -6.61
C ASP B 121 23.50 5.79 -5.36
N ALA B 122 22.58 4.86 -5.51
CA ALA B 122 22.16 3.97 -4.43
C ALA B 122 23.26 3.01 -4.02
N ILE B 123 23.91 2.39 -5.01
CA ILE B 123 25.02 1.43 -4.77
C ILE B 123 26.17 2.04 -3.96
N GLN B 124 26.50 3.30 -4.23
CA GLN B 124 27.55 4.01 -3.50
C GLN B 124 27.15 4.34 -2.06
N GLN B 125 25.89 4.74 -1.85
CA GLN B 125 25.39 5.14 -0.51
C GLN B 125 24.89 3.97 0.37
N THR B 126 24.41 2.89 -0.25
CA THR B 126 23.75 1.80 0.50
C THR B 126 24.73 1.07 1.43
N ARG B 127 24.33 0.96 2.69
CA ARG B 127 25.09 0.23 3.70
C ARG B 127 24.65 -1.22 3.80
N VAL B 128 25.44 -2.01 4.53
CA VAL B 128 25.14 -3.43 4.80
C VAL B 128 23.88 -3.57 5.68
N ASP B 129 23.62 -2.56 6.51
CA ASP B 129 22.40 -2.44 7.32
C ASP B 129 21.10 -2.71 6.55
N LYS B 130 21.04 -2.23 5.31
CA LYS B 130 19.83 -2.33 4.45
C LYS B 130 19.29 -3.76 4.28
N LEU B 131 20.17 -4.77 4.38
CA LEU B 131 19.74 -6.17 4.33
C LEU B 131 19.14 -6.72 5.63
N THR B 132 19.14 -5.95 6.71
CA THR B 132 18.40 -6.31 7.93
C THR B 132 16.89 -6.14 7.73
N GLN B 133 16.53 -5.13 6.93
CA GLN B 133 15.12 -4.84 6.60
C GLN B 133 14.65 -5.76 5.48
N GLY B 134 13.79 -6.69 5.81
CA GLY B 134 13.28 -7.68 4.85
C GLY B 134 12.64 -8.86 5.55
N ARG B 135 11.95 -9.71 4.79
CA ARG B 135 11.26 -10.88 5.37
C ARG B 135 12.24 -12.05 5.54
N GLN B 136 11.73 -13.19 6.01
CA GLN B 136 12.51 -14.42 6.20
C GLN B 136 13.45 -14.72 5.01
N THR B 137 14.68 -15.14 5.31
CA THR B 137 15.67 -15.49 4.29
C THR B 137 16.33 -16.84 4.61
N TYR B 138 16.66 -17.60 3.56
CA TYR B 138 17.32 -18.91 3.73
C TYR B 138 18.75 -18.72 4.23
N ASP B 139 19.04 -19.31 5.39
CA ASP B 139 20.36 -19.23 6.00
C ASP B 139 21.16 -20.49 5.62
N TRP B 140 22.17 -20.31 4.78
CA TRP B 140 23.07 -21.40 4.39
C TRP B 140 23.86 -21.97 5.58
N THR B 141 24.14 -21.12 6.57
CA THR B 141 24.78 -21.52 7.82
C THR B 141 24.06 -22.68 8.53
N LEU B 142 22.73 -22.59 8.60
CA LEU B 142 21.90 -23.56 9.33
C LEU B 142 21.02 -24.45 8.46
N ASN B 143 21.02 -24.25 7.14
CA ASN B 143 20.13 -24.94 6.19
C ASN B 143 18.63 -24.78 6.51
N ARG B 144 18.25 -23.61 7.02
CA ARG B 144 16.86 -23.30 7.37
C ARG B 144 16.60 -21.81 7.15
N ASN B 145 15.32 -21.43 7.19
CA ASN B 145 14.94 -20.02 7.12
C ASN B 145 15.15 -19.34 8.48
N GLN B 146 15.66 -18.11 8.44
CA GLN B 146 15.85 -17.26 9.61
C GLN B 146 15.46 -15.83 9.23
N PRO B 147 15.22 -14.95 10.22
CA PRO B 147 15.01 -13.53 9.92
C PRO B 147 16.17 -12.91 9.14
N ALA B 148 15.86 -11.87 8.36
CA ALA B 148 16.83 -11.23 7.45
C ALA B 148 18.11 -10.78 8.16
N ALA B 149 17.94 -10.09 9.27
CA ALA B 149 19.07 -9.58 10.06
C ALA B 149 19.91 -10.69 10.70
N THR B 150 19.24 -11.77 11.14
CA THR B 150 19.91 -12.93 11.74
C THR B 150 20.73 -13.70 10.71
N ALA B 151 20.15 -13.96 9.54
CA ALA B 151 20.86 -14.63 8.44
C ALA B 151 22.03 -13.80 7.91
N LEU B 152 21.90 -12.48 7.96
CA LEU B 152 22.98 -11.56 7.60
C LEU B 152 24.14 -11.65 8.58
N ALA B 153 23.85 -11.52 9.87
CA ALA B 153 24.87 -11.57 10.92
C ALA B 153 25.62 -12.90 10.95
N ASN B 154 24.89 -14.01 10.73
CA ASN B 154 25.50 -15.35 10.62
C ASN B 154 26.44 -15.46 9.42
N THR B 155 26.01 -14.93 8.28
CA THR B 155 26.82 -14.92 7.06
C THR B 155 28.03 -14.00 7.18
N ILE B 156 27.88 -12.85 7.85
CA ILE B 156 29.03 -11.96 8.15
C ILE B 156 30.01 -12.62 9.13
N GLU B 157 29.48 -13.29 10.16
CA GLU B 157 30.31 -13.95 11.19
C GLU B 157 31.19 -15.06 10.61
N VAL B 158 30.60 -15.93 9.79
CA VAL B 158 31.33 -17.01 9.13
C VAL B 158 32.33 -16.45 8.09
N PHE B 159 31.94 -15.37 7.42
CA PHE B 159 32.83 -14.62 6.52
C PHE B 159 34.04 -14.03 7.27
N ARG B 160 33.78 -13.47 8.45
CA ARG B 160 34.83 -12.88 9.29
C ARG B 160 35.78 -13.94 9.90
N LYS B 161 35.22 -15.10 10.27
CA LYS B 161 36.03 -16.23 10.75
C LYS B 161 36.95 -16.79 9.68
N ASN B 162 36.49 -16.75 8.42
CA ASN B 162 37.35 -17.02 7.26
C ASN B 162 37.99 -15.68 6.81
N GLY B 163 38.68 -15.65 5.66
CA GLY B 163 39.39 -14.45 5.22
C GLY B 163 38.57 -13.46 4.40
N TYR B 164 37.48 -12.95 4.98
CA TYR B 164 36.56 -12.05 4.27
C TYR B 164 36.01 -10.97 5.20
N LYS B 165 36.64 -9.79 5.18
CA LYS B 165 36.28 -8.66 6.04
C LYS B 165 36.27 -7.32 5.28
N LEU B 166 35.89 -7.33 4.00
CA LEU B 166 35.75 -6.07 3.23
C LEU B 166 34.52 -5.30 3.71
N ASN B 167 33.47 -6.03 4.09
CA ASN B 167 32.25 -5.42 4.65
C ASN B 167 32.44 -4.66 5.98
N GLU B 168 33.59 -4.86 6.64
CA GLU B 168 34.06 -4.02 7.76
C GLU B 168 33.79 -2.52 7.55
N SER B 169 34.02 -2.05 6.32
CA SER B 169 33.73 -0.67 5.92
C SER B 169 32.30 -0.24 6.23
N GLY B 170 31.34 -1.12 5.91
CA GLY B 170 29.92 -0.87 6.16
C GLY B 170 29.10 -0.73 4.89
N ARG B 171 29.74 -0.35 3.79
CA ARG B 171 29.06 -0.25 2.49
C ARG B 171 28.74 -1.63 1.90
N LEU B 172 27.57 -1.74 1.28
CA LEU B 172 27.01 -3.04 0.83
C LEU B 172 27.79 -3.70 -0.30
N ILE B 173 28.31 -2.89 -1.23
CA ILE B 173 29.08 -3.43 -2.38
C ILE B 173 30.32 -4.24 -1.95
N ASP B 174 30.92 -3.87 -0.81
CA ASP B 174 32.03 -4.64 -0.25
C ASP B 174 31.59 -6.02 0.27
N PHE B 175 30.43 -6.07 0.94
CA PHE B 175 29.82 -7.35 1.32
C PHE B 175 29.54 -8.23 0.10
N LEU B 176 29.13 -7.60 -1.01
CA LEU B 176 28.89 -8.31 -2.26
C LEU B 176 30.18 -8.89 -2.88
N LYS B 177 31.30 -8.16 -2.75
CA LYS B 177 32.61 -8.70 -3.15
C LYS B 177 33.00 -9.92 -2.32
N ASP B 178 32.84 -9.83 -1.00
CA ASP B 178 33.07 -10.95 -0.09
C ASP B 178 32.29 -12.21 -0.48
N VAL B 179 31.07 -12.04 -0.98
CA VAL B 179 30.25 -13.17 -1.45
C VAL B 179 30.85 -13.82 -2.70
N LEU B 180 31.34 -13.00 -3.63
CA LEU B 180 31.99 -13.53 -4.85
C LEU B 180 33.37 -14.14 -4.55
N LEU B 181 34.10 -13.53 -3.60
CA LEU B 181 35.40 -14.06 -3.15
C LEU B 181 35.27 -15.36 -2.34
N SER B 182 34.14 -15.55 -1.66
CA SER B 182 33.91 -16.74 -0.83
C SER B 182 33.65 -18.04 -1.61
N PHE B 183 33.39 -17.93 -2.91
CA PHE B 183 33.28 -19.12 -3.77
C PHE B 183 34.64 -19.78 -4.03
N GLU B 184 35.72 -19.02 -3.89
CA GLU B 184 37.08 -19.51 -4.10
C GLU B 184 37.57 -20.47 -3.01
N ASN B 185 36.99 -20.39 -1.80
CA ASN B 185 37.42 -21.21 -0.67
C ASN B 185 37.00 -22.66 -0.88
N ASP B 186 37.92 -23.58 -0.60
CA ASP B 186 37.67 -25.04 -0.69
C ASP B 186 37.67 -25.71 0.70
N SER B 187 37.51 -24.90 1.75
CA SER B 187 37.43 -25.40 3.13
C SER B 187 36.77 -24.34 4.02
N MET B 188 35.50 -24.06 3.71
CA MET B 188 34.72 -23.04 4.45
C MET B 188 34.24 -23.63 5.78
N GLU B 189 34.69 -23.02 6.88
CA GLU B 189 34.40 -23.54 8.22
C GLU B 189 33.07 -23.02 8.76
N VAL B 190 32.29 -23.92 9.38
CA VAL B 190 31.00 -23.60 10.00
C VAL B 190 30.87 -24.33 11.33
N THR B 191 30.29 -23.67 12.32
CA THR B 191 30.04 -24.26 13.64
C THR B 191 28.60 -24.77 13.77
N THR B 192 28.40 -26.07 13.56
CA THR B 192 27.11 -26.73 13.77
C THR B 192 26.95 -27.11 15.24
N HIS B 193 25.72 -27.00 15.76
CA HIS B 193 25.43 -27.32 17.16
C HIS B 193 24.83 -28.72 17.30
N PHE B 194 25.10 -29.35 18.44
CA PHE B 194 24.66 -30.72 18.73
C PHE B 194 24.41 -30.90 20.23
N GLN B 195 23.61 -31.91 20.59
CA GLN B 195 23.24 -32.17 21.98
C GLN B 195 24.09 -33.26 22.66
N LYS B 196 24.34 -33.07 23.97
CA LYS B 196 25.11 -34.00 24.79
C LYS B 196 24.33 -34.30 26.08
N LYS B 197 24.42 -35.54 26.56
CA LYS B 197 23.71 -35.98 27.77
C LYS B 197 24.68 -36.19 28.94
N LYS B 198 24.86 -35.15 29.74
CA LYS B 198 25.69 -35.20 30.96
C LYS B 198 24.90 -35.70 32.17
N ARG B 199 25.61 -35.92 33.27
CA ARG B 199 25.03 -36.27 34.56
C ARG B 199 25.68 -35.42 35.65
N ILE B 200 24.86 -34.87 36.55
CA ILE B 200 25.33 -34.06 37.69
C ILE B 200 24.56 -34.46 38.96
N ARG B 201 25.25 -34.42 40.11
CA ARG B 201 24.64 -34.75 41.40
C ARG B 201 23.69 -33.67 41.92
N ASP B 202 22.65 -34.11 42.65
CA ASP B 202 21.72 -33.21 43.34
C ASP B 202 21.32 -33.80 44.70
N ASN B 203 21.39 -32.98 45.76
CA ASN B 203 20.96 -33.38 47.10
C ASN B 203 19.44 -33.42 47.21
N LYS B 206 19.89 -36.60 47.46
CA LYS B 206 21.12 -37.27 47.04
C LYS B 206 20.84 -38.24 45.88
N LYS B 207 20.49 -37.68 44.72
CA LYS B 207 20.25 -38.43 43.49
C LYS B 207 20.87 -37.73 42.29
N MET B 208 21.46 -38.52 41.38
CA MET B 208 22.13 -38.00 40.19
C MET B 208 21.18 -38.03 39.00
N ILE B 209 20.90 -36.85 38.44
CA ILE B 209 19.91 -36.67 37.37
C ILE B 209 20.61 -36.39 36.04
N THR B 210 19.99 -36.82 34.94
CA THR B 210 20.51 -36.59 33.58
C THR B 210 20.29 -35.13 33.18
N GLN B 211 21.27 -34.56 32.48
CA GLN B 211 21.29 -33.16 32.08
C GLN B 211 21.63 -33.04 30.59
N ARG B 212 20.65 -32.57 29.80
CA ARG B 212 20.89 -32.28 28.37
C ARG B 212 21.58 -30.92 28.21
N THR B 213 22.71 -30.92 27.49
CA THR B 213 23.46 -29.69 27.21
C THR B 213 23.79 -29.62 25.72
N ILE B 214 24.18 -28.42 25.25
CA ILE B 214 24.40 -28.16 23.82
C ILE B 214 25.83 -27.67 23.57
N GLY B 215 26.59 -28.46 22.83
CA GLY B 215 27.94 -28.09 22.37
C GLY B 215 27.94 -27.74 20.89
N LYS B 216 29.06 -27.17 20.43
CA LYS B 216 29.21 -26.75 19.02
C LYS B 216 30.48 -27.31 18.38
N LYS B 217 30.30 -27.92 17.20
CA LYS B 217 31.34 -28.69 16.50
C LYS B 217 31.71 -27.99 15.20
N ARG B 218 33.00 -27.68 15.02
CA ARG B 218 33.50 -27.03 13.79
C ARG B 218 33.61 -28.04 12.64
N VAL B 219 32.91 -27.76 11.54
CA VAL B 219 32.90 -28.61 10.34
C VAL B 219 33.31 -27.78 9.12
N LYS B 220 34.25 -28.31 8.33
CA LYS B 220 34.65 -27.67 7.06
C LYS B 220 33.84 -28.24 5.90
N LEU B 221 33.54 -27.39 4.91
CA LEU B 221 32.72 -27.77 3.75
C LEU B 221 33.56 -27.91 2.48
N THR B 222 33.10 -28.77 1.58
CA THR B 222 33.67 -28.93 0.23
C THR B 222 33.39 -27.68 -0.60
N LYS B 223 34.14 -27.48 -1.69
CA LYS B 223 33.91 -26.33 -2.59
C LYS B 223 32.53 -26.42 -3.26
N LYS B 224 32.08 -27.62 -3.60
CA LYS B 224 30.70 -27.86 -4.04
C LYS B 224 29.70 -27.52 -2.93
N ASN B 225 29.92 -28.09 -1.75
CA ASN B 225 29.01 -27.97 -0.60
C ASN B 225 28.60 -26.52 -0.33
N TYR B 226 29.60 -25.64 -0.23
CA TYR B 226 29.34 -24.21 -0.01
C TYR B 226 28.62 -23.57 -1.20
N LEU B 227 29.14 -23.85 -2.39
CA LEU B 227 28.60 -23.30 -3.65
C LEU B 227 27.14 -23.67 -3.87
N ILE B 228 26.82 -24.95 -3.63
CA ILE B 228 25.44 -25.45 -3.70
C ILE B 228 24.56 -24.67 -2.72
N ARG B 229 25.02 -24.55 -1.48
CA ARG B 229 24.28 -23.85 -0.41
C ARG B 229 24.04 -22.36 -0.69
N ALA B 230 25.02 -21.70 -1.31
CA ALA B 230 24.89 -20.27 -1.67
C ALA B 230 23.90 -20.04 -2.82
N LEU B 231 23.83 -20.99 -3.75
CA LEU B 231 22.87 -20.95 -4.86
C LEU B 231 21.51 -21.60 -4.51
N THR B 232 21.41 -22.21 -3.33
CA THR B 232 20.17 -22.85 -2.87
C THR B 232 19.11 -21.82 -2.49
N LEU B 233 17.87 -22.11 -2.87
CA LEU B 233 16.70 -21.34 -2.48
C LEU B 233 15.69 -22.30 -1.85
N ASN B 234 15.23 -21.96 -0.65
CA ASN B 234 14.35 -22.84 0.14
C ASN B 234 12.94 -22.86 -0.45
N THR B 235 12.19 -23.93 -0.17
CA THR B 235 10.81 -24.05 -0.64
C THR B 235 9.84 -24.50 0.44
N MET B 236 8.57 -24.15 0.22
CA MET B 236 7.48 -24.44 1.15
C MET B 236 6.16 -24.16 0.45
N THR B 237 5.07 -24.69 1.00
CA THR B 237 3.74 -24.47 0.43
C THR B 237 3.22 -23.09 0.82
N LYS B 238 2.54 -22.41 -0.10
CA LYS B 238 1.90 -21.12 0.19
C LYS B 238 0.52 -21.34 0.80
N ASP B 239 0.34 -20.84 2.03
CA ASP B 239 -0.91 -20.98 2.78
C ASP B 239 -1.84 -19.77 2.66
N ALA B 240 -3.10 -19.97 3.03
CA ALA B 240 -4.12 -18.90 3.09
C ALA B 240 -4.41 -18.20 1.75
N GLU B 241 -4.18 -18.90 0.64
CA GLU B 241 -4.34 -18.35 -0.71
C GLU B 241 -5.77 -18.57 -1.23
N ARG B 242 -6.44 -17.49 -1.61
CA ARG B 242 -7.82 -17.54 -2.09
C ARG B 242 -7.91 -17.92 -3.57
N GLY B 243 -9.10 -18.33 -3.98
CA GLY B 243 -9.44 -18.54 -5.39
C GLY B 243 -8.80 -19.71 -6.11
N LYS B 244 -8.35 -20.72 -5.35
CA LYS B 244 -7.61 -21.86 -5.92
C LYS B 244 -7.88 -23.17 -5.17
N LEU B 245 -8.20 -24.23 -5.92
CA LEU B 245 -8.44 -25.56 -5.36
C LEU B 245 -7.17 -26.21 -4.81
N LYS B 246 -6.07 -26.11 -5.55
CA LYS B 246 -4.82 -26.81 -5.21
C LYS B 246 -3.75 -25.87 -4.70
N ARG B 247 -2.95 -26.35 -3.74
CA ARG B 247 -1.85 -25.57 -3.20
C ARG B 247 -0.72 -25.48 -4.22
N ARG B 248 0.21 -24.58 -3.96
CA ARG B 248 1.40 -24.46 -4.77
C ARG B 248 2.60 -24.05 -3.93
N ALA B 249 3.79 -24.22 -4.51
CA ALA B 249 5.05 -23.99 -3.81
C ALA B 249 5.50 -22.56 -3.98
N ILE B 250 6.10 -22.01 -2.92
CA ILE B 250 6.70 -20.67 -2.92
C ILE B 250 8.18 -20.86 -2.56
N ALA B 251 9.02 -19.89 -2.92
CA ALA B 251 10.48 -19.98 -2.74
C ALA B 251 11.04 -18.82 -1.94
N THR B 252 12.16 -19.09 -1.24
CA THR B 252 12.83 -18.12 -0.37
C THR B 252 14.31 -17.99 -0.78
N PRO B 253 14.73 -16.81 -1.24
CA PRO B 253 16.15 -16.58 -1.56
C PRO B 253 17.14 -16.69 -0.40
N GLY B 254 18.38 -17.01 -0.71
CA GLY B 254 19.46 -17.12 0.27
C GLY B 254 20.19 -15.81 0.50
N MET B 255 21.09 -15.79 1.48
CA MET B 255 21.76 -14.55 1.89
C MET B 255 22.74 -14.02 0.85
N GLN B 256 23.34 -14.91 0.06
CA GLN B 256 24.34 -14.52 -0.95
C GLN B 256 23.70 -13.73 -2.10
N ILE B 257 22.67 -14.33 -2.71
CA ILE B 257 21.94 -13.72 -3.83
C ILE B 257 21.10 -12.49 -3.43
N ARG B 258 20.66 -12.43 -2.17
CA ARG B 258 19.77 -11.35 -1.65
C ARG B 258 20.24 -9.93 -1.97
N GLY B 259 21.50 -9.64 -1.62
CA GLY B 259 22.07 -8.31 -1.81
C GLY B 259 22.18 -7.88 -3.26
N PHE B 260 22.43 -8.83 -4.15
CA PHE B 260 22.46 -8.58 -5.59
C PHE B 260 21.05 -8.35 -6.15
N VAL B 261 20.09 -9.12 -5.66
CA VAL B 261 18.68 -8.95 -6.03
C VAL B 261 18.15 -7.57 -5.62
N TYR B 262 18.59 -7.06 -4.45
CA TYR B 262 18.18 -5.72 -4.02
C TYR B 262 18.45 -4.66 -5.08
N PHE B 263 19.67 -4.63 -5.61
CA PHE B 263 20.06 -3.63 -6.62
C PHE B 263 19.44 -3.84 -7.99
N VAL B 264 19.19 -5.10 -8.38
CA VAL B 264 18.57 -5.38 -9.68
C VAL B 264 17.10 -4.98 -9.67
N GLU B 265 16.38 -5.34 -8.62
CA GLU B 265 14.99 -4.91 -8.42
C GLU B 265 14.88 -3.39 -8.28
N LEU B 266 15.89 -2.78 -7.64
CA LEU B 266 15.95 -1.32 -7.50
C LEU B 266 16.09 -0.59 -8.84
N LEU B 267 16.80 -1.21 -9.79
CA LEU B 267 16.87 -0.69 -11.16
C LEU B 267 15.50 -0.84 -11.83
N ALA B 268 14.98 -2.07 -11.85
CA ALA B 268 13.67 -2.36 -12.43
C ALA B 268 12.55 -1.51 -11.83
N ARG B 269 12.66 -1.20 -10.53
CA ARG B 269 11.73 -0.28 -9.87
C ARG B 269 11.81 1.11 -10.49
N ASN B 270 13.02 1.66 -10.60
CA ASN B 270 13.23 2.97 -11.22
C ASN B 270 12.77 3.02 -12.69
N ILE B 271 12.86 1.88 -13.38
CA ILE B 271 12.34 1.75 -14.75
C ILE B 271 10.81 1.79 -14.70
N CYS B 272 10.21 0.90 -13.88
CA CYS B 272 8.74 0.82 -13.75
C CYS B 272 8.09 2.10 -13.18
N GLU B 273 8.81 2.84 -12.33
CA GLU B 273 8.34 4.13 -11.79
C GLU B 273 7.99 5.16 -12.87
N ARG B 274 8.70 5.12 -14.00
CA ARG B 274 8.50 6.07 -15.12
C ARG B 274 7.86 5.42 -16.36
N LEU B 275 7.16 4.30 -16.18
CA LEU B 275 6.44 3.64 -17.27
C LEU B 275 4.94 3.67 -16.96
N GLU B 276 4.18 4.43 -17.75
CA GLU B 276 2.72 4.47 -17.65
C GLU B 276 2.07 3.09 -17.74
N GLN B 277 2.64 2.22 -18.57
CA GLN B 277 2.11 0.87 -18.79
C GLN B 277 2.36 -0.13 -17.65
N SER B 278 3.22 0.22 -16.69
CA SER B 278 3.47 -0.63 -15.52
C SER B 278 2.44 -0.37 -14.42
N GLY B 279 1.87 -1.46 -13.89
CA GLY B 279 1.05 -1.41 -12.69
C GLY B 279 1.89 -1.31 -11.41
N LEU B 280 3.08 -1.89 -11.43
CA LEU B 280 4.01 -1.84 -10.30
C LEU B 280 4.83 -0.54 -10.37
N PRO B 281 5.23 0.04 -9.23
CA PRO B 281 4.94 -0.45 -7.87
C PRO B 281 3.78 0.31 -7.18
N VAL B 282 2.91 0.95 -7.95
CA VAL B 282 1.94 1.90 -7.40
C VAL B 282 0.75 1.20 -6.73
N GLY B 283 0.03 1.95 -5.89
CA GLY B 283 -1.10 1.43 -5.13
C GLY B 283 -2.37 1.23 -5.95
N GLY B 284 -3.44 0.85 -5.27
CA GLY B 284 -4.71 0.52 -5.93
C GLY B 284 -5.33 1.66 -6.74
N ASN B 285 -5.47 2.82 -6.11
CA ASN B 285 -6.08 3.98 -6.77
C ASN B 285 -5.28 4.47 -7.96
N GLU B 286 -3.96 4.50 -7.80
CA GLU B 286 -3.04 4.91 -8.88
C GLU B 286 -3.05 3.88 -10.02
N LYS B 287 -3.09 2.59 -9.69
CA LYS B 287 -3.30 1.52 -10.68
C LYS B 287 -4.56 1.74 -11.50
N LYS B 288 -5.65 2.12 -10.84
CA LYS B 288 -6.92 2.40 -11.51
C LYS B 288 -6.83 3.65 -12.38
N ALA B 289 -6.19 4.69 -11.86
CA ALA B 289 -5.93 5.92 -12.63
C ALA B 289 -5.13 5.63 -13.90
N LYS B 290 -4.14 4.74 -13.81
CA LYS B 290 -3.32 4.35 -14.95
C LYS B 290 -4.12 3.59 -16.02
N LEU B 291 -4.97 2.66 -15.58
CA LEU B 291 -5.92 1.99 -16.48
C LEU B 291 -6.91 2.97 -17.14
N ALA B 292 -7.37 3.97 -16.37
CA ALA B 292 -8.26 5.01 -16.89
C ALA B 292 -7.56 5.88 -17.93
N ASN B 293 -6.29 6.19 -17.71
CA ASN B 293 -5.52 7.00 -18.64
C ASN B 293 -5.32 6.32 -20.00
N VAL B 294 -4.98 5.04 -19.99
CA VAL B 294 -4.78 4.31 -21.26
C VAL B 294 -6.07 4.11 -22.06
N ILE B 295 -7.21 3.98 -21.37
CA ILE B 295 -8.51 3.93 -22.05
C ILE B 295 -8.82 5.30 -22.66
N LYS B 296 -8.62 6.36 -21.87
CA LYS B 296 -8.70 7.74 -22.37
C LYS B 296 -7.76 8.01 -23.54
N LYS B 297 -6.53 7.49 -23.45
CA LYS B 297 -5.50 7.65 -24.48
C LYS B 297 -5.84 6.86 -25.75
N MET B 298 -6.33 5.63 -25.58
CA MET B 298 -6.74 4.79 -26.72
C MET B 298 -7.94 5.35 -27.48
N MET B 299 -8.90 5.92 -26.76
CA MET B 299 -10.09 6.54 -27.39
C MET B 299 -9.78 7.86 -28.07
N ALA B 300 -8.88 8.66 -27.48
CA ALA B 300 -8.49 9.95 -28.05
C ALA B 300 -7.67 9.79 -29.34
N LYS B 301 -6.73 8.85 -29.34
CA LYS B 301 -5.89 8.56 -30.52
C LYS B 301 -6.65 7.90 -31.67
N SER B 302 -7.69 7.14 -31.37
CA SER B 302 -8.48 6.44 -32.40
C SER B 302 -9.44 7.38 -33.13
N THR B 303 -10.03 6.84 -34.20
CA THR B 303 -11.04 7.55 -35.00
C THR B 303 -12.39 6.88 -34.81
N ASP B 304 -13.45 7.56 -35.24
CA ASP B 304 -14.83 7.09 -35.05
C ASP B 304 -15.14 5.83 -35.86
N GLU B 305 -14.43 5.61 -36.95
CA GLU B 305 -14.58 4.40 -37.75
C GLU B 305 -14.07 3.14 -37.04
N GLU B 306 -13.05 3.30 -36.19
CA GLU B 306 -12.38 2.17 -35.54
C GLU B 306 -13.17 1.50 -34.41
N LEU B 307 -12.79 0.24 -34.15
CA LEU B 307 -13.32 -0.57 -33.06
C LEU B 307 -12.38 -0.54 -31.85
N SER B 308 -12.82 -1.14 -30.75
CA SER B 308 -11.99 -1.29 -29.56
C SER B 308 -12.43 -2.51 -28.77
N TYR B 309 -11.50 -3.43 -28.51
CA TYR B 309 -11.75 -4.58 -27.64
C TYR B 309 -10.72 -4.60 -26.51
N THR B 310 -11.12 -5.14 -25.37
CA THR B 310 -10.25 -5.25 -24.20
C THR B 310 -10.15 -6.72 -23.80
N ILE B 311 -8.92 -7.23 -23.76
CA ILE B 311 -8.65 -8.56 -23.21
C ILE B 311 -8.52 -8.44 -21.69
N THR B 312 -9.35 -9.18 -20.98
CA THR B 312 -9.16 -9.40 -19.55
C THR B 312 -8.15 -10.55 -19.45
N GLY B 313 -6.91 -10.23 -19.09
CA GLY B 313 -5.77 -11.10 -19.32
C GLY B 313 -5.09 -11.73 -18.12
N ASP B 314 -4.83 -13.04 -18.23
CA ASP B 314 -3.97 -13.77 -17.30
C ASP B 314 -2.88 -14.51 -18.09
N ASN B 315 -1.64 -14.41 -17.63
CA ASN B 315 -0.54 -15.22 -18.17
C ASN B 315 -0.42 -16.49 -17.32
N THR B 316 -0.56 -17.64 -17.97
CA THR B 316 -0.42 -18.95 -17.30
C THR B 316 1.05 -19.35 -17.13
N LYS B 317 1.36 -19.95 -15.98
CA LYS B 317 2.72 -20.44 -15.67
C LYS B 317 3.77 -19.34 -15.90
N TRP B 318 3.54 -18.23 -15.21
CA TRP B 318 4.32 -17.00 -15.37
C TRP B 318 5.77 -17.16 -14.95
N ASN B 319 5.98 -17.57 -13.70
CA ASN B 319 7.33 -17.70 -13.12
C ASN B 319 8.11 -18.88 -13.73
N GLU B 320 7.40 -19.98 -14.01
CA GLU B 320 8.05 -21.18 -14.55
C GLU B 320 8.65 -20.97 -15.94
N ASN B 321 8.11 -20.01 -16.72
CA ASN B 321 8.58 -19.74 -18.08
C ASN B 321 9.39 -18.45 -18.26
N GLN B 322 9.60 -17.67 -17.19
CA GLN B 322 10.53 -16.54 -17.23
C GLN B 322 11.94 -17.07 -16.89
N ASN B 323 12.93 -16.73 -17.71
CA ASN B 323 14.24 -17.38 -17.69
C ASN B 323 15.36 -16.44 -17.17
N PRO B 324 16.25 -16.94 -16.28
CA PRO B 324 17.39 -16.15 -15.79
C PRO B 324 18.37 -15.65 -16.86
N ARG B 325 18.53 -16.43 -17.93
CA ARG B 325 19.43 -16.05 -19.04
C ARG B 325 18.86 -14.86 -19.81
N ILE B 326 17.53 -14.81 -19.93
CA ILE B 326 16.82 -13.69 -20.55
C ILE B 326 16.93 -12.44 -19.68
N PHE B 327 16.83 -12.61 -18.35
CA PHE B 327 17.05 -11.49 -17.43
C PHE B 327 18.46 -10.91 -17.52
N LEU B 328 19.45 -11.75 -17.80
CA LEU B 328 20.81 -11.29 -18.06
C LEU B 328 20.88 -10.43 -19.33
N ALA B 329 20.13 -10.83 -20.36
CA ALA B 329 20.01 -10.04 -21.60
C ALA B 329 19.38 -8.66 -21.35
N MET B 330 18.32 -8.63 -20.53
CA MET B 330 17.66 -7.37 -20.17
C MET B 330 18.58 -6.44 -19.38
N VAL B 331 19.16 -6.99 -18.30
CA VAL B 331 20.02 -6.21 -17.39
C VAL B 331 21.20 -5.59 -18.13
N LEU B 332 21.84 -6.38 -19.01
CA LEU B 332 22.95 -5.89 -19.82
C LEU B 332 22.51 -4.84 -20.85
N ARG B 333 21.36 -5.06 -21.50
CA ARG B 333 20.84 -4.10 -22.49
C ARG B 333 20.36 -2.79 -21.84
N ILE B 334 19.71 -2.90 -20.68
CA ILE B 334 19.25 -1.71 -19.93
C ILE B 334 20.44 -0.87 -19.42
N THR B 335 21.55 -1.54 -19.11
CA THR B 335 22.75 -0.86 -18.62
C THR B 335 23.79 -0.47 -19.69
N ALA B 336 23.43 -0.60 -20.98
CA ALA B 336 24.35 -0.30 -22.08
C ALA B 336 24.98 1.09 -21.97
N GLY B 337 26.29 1.16 -22.18
CA GLY B 337 27.05 2.41 -22.05
C GLY B 337 27.43 2.86 -20.64
N GLN B 338 27.04 2.09 -19.63
CA GLN B 338 27.35 2.43 -18.23
C GLN B 338 28.66 1.75 -17.83
N PRO B 339 29.29 2.18 -16.72
CA PRO B 339 30.53 1.54 -16.25
C PRO B 339 30.40 0.03 -16.09
N GLU B 340 31.43 -0.69 -16.52
CA GLU B 340 31.37 -2.16 -16.57
C GLU B 340 31.27 -2.81 -15.19
N TRP B 341 31.80 -2.15 -14.15
CA TRP B 341 31.62 -2.61 -12.77
C TRP B 341 30.15 -2.65 -12.36
N PHE B 342 29.40 -1.65 -12.80
CA PHE B 342 27.96 -1.53 -12.51
C PHE B 342 27.15 -2.57 -13.27
N ARG B 343 27.55 -2.86 -14.51
CA ARG B 343 26.87 -3.84 -15.36
C ARG B 343 27.07 -5.26 -14.82
N ASP B 344 28.29 -5.55 -14.38
CA ASP B 344 28.67 -6.87 -13.88
C ASP B 344 28.12 -7.15 -12.48
N LEU B 345 27.93 -6.09 -11.69
CA LEU B 345 27.31 -6.20 -10.37
C LEU B 345 25.85 -6.61 -10.47
N LEU B 346 25.09 -5.91 -11.32
CA LEU B 346 23.68 -6.22 -11.56
C LEU B 346 23.48 -7.54 -12.31
N ALA B 347 24.47 -7.94 -13.10
CA ALA B 347 24.45 -9.24 -13.80
C ALA B 347 24.61 -10.44 -12.86
N VAL B 348 25.08 -10.23 -11.63
CA VAL B 348 25.29 -11.33 -10.66
C VAL B 348 24.02 -12.11 -10.36
N ALA B 349 22.94 -11.40 -10.01
CA ALA B 349 21.69 -12.05 -9.60
C ALA B 349 21.08 -12.98 -10.66
N PRO B 350 20.97 -12.53 -11.93
CA PRO B 350 20.57 -13.44 -13.02
C PRO B 350 21.47 -14.69 -13.18
N ILE B 351 22.77 -14.51 -12.99
CA ILE B 351 23.74 -15.62 -13.12
C ILE B 351 23.47 -16.68 -12.05
N MET B 352 23.40 -16.25 -10.79
CA MET B 352 23.05 -17.13 -9.67
C MET B 352 21.67 -17.77 -9.84
N PHE B 353 20.72 -17.02 -10.41
CA PHE B 353 19.39 -17.57 -10.73
C PHE B 353 19.44 -18.60 -11.84
N SER B 354 20.34 -18.42 -12.80
CA SER B 354 20.55 -19.42 -13.87
C SER B 354 21.19 -20.70 -13.36
N ASN B 355 22.05 -20.59 -12.34
CA ASN B 355 22.69 -21.74 -11.69
C ASN B 355 22.09 -22.05 -10.31
N LYS B 356 20.81 -21.70 -10.13
CA LYS B 356 20.13 -21.91 -8.85
C LYS B 356 19.78 -23.39 -8.67
N VAL B 357 19.67 -23.77 -7.40
CA VAL B 357 19.23 -25.11 -7.00
C VAL B 357 18.12 -24.92 -5.97
N ALA B 358 17.15 -25.85 -5.95
CA ALA B 358 15.99 -25.73 -5.08
C ALA B 358 16.01 -26.81 -4.01
N ARG B 359 15.88 -26.41 -2.75
CA ARG B 359 15.65 -27.35 -1.64
C ARG B 359 14.28 -28.02 -1.81
N LEU B 360 14.19 -29.28 -1.44
CA LEU B 360 12.98 -30.10 -1.68
C LEU B 360 12.06 -30.21 -0.45
N GLY B 361 12.33 -29.42 0.59
CA GLY B 361 11.43 -29.31 1.74
C GLY B 361 11.67 -30.33 2.84
N ARG B 362 10.67 -30.46 3.71
CA ARG B 362 10.71 -31.39 4.86
C ARG B 362 10.88 -32.85 4.45
N GLY B 363 10.20 -33.26 3.38
CA GLY B 363 10.24 -34.63 2.87
C GLY B 363 8.85 -35.24 2.88
N TYR B 364 8.72 -36.44 3.46
CA TYR B 364 7.43 -37.14 3.58
C TYR B 364 7.28 -37.83 4.93
N MET B 365 6.04 -38.14 5.27
CA MET B 365 5.70 -38.91 6.46
C MET B 365 5.12 -40.24 5.99
N PHE B 366 5.60 -41.35 6.58
CA PHE B 366 5.05 -42.68 6.30
C PHE B 366 4.21 -43.17 7.47
N GLU B 367 3.37 -44.17 7.20
CA GLU B 367 2.38 -44.66 8.15
C GLU B 367 2.16 -46.17 8.00
N SER B 368 2.27 -46.91 9.10
CA SER B 368 1.97 -48.35 9.15
C SER B 368 0.70 -48.58 9.96
N LYS B 369 -0.36 -49.06 9.31
CA LYS B 369 -1.67 -49.22 9.94
C LYS B 369 -1.71 -50.36 10.96
N SER B 370 -1.14 -51.50 10.59
CA SER B 370 -1.11 -52.69 11.46
C SER B 370 -0.24 -52.48 12.69
N MET B 371 0.96 -51.95 12.50
CA MET B 371 1.87 -51.66 13.62
C MET B 371 1.49 -50.39 14.40
N HIS B 372 0.77 -49.49 13.74
CA HIS B 372 0.34 -48.20 14.32
C HIS B 372 1.55 -47.35 14.72
N LEU B 373 2.36 -47.03 13.70
CA LEU B 373 3.50 -46.13 13.85
C LEU B 373 3.60 -45.18 12.66
N ARG B 374 4.30 -44.06 12.88
CA ARG B 374 4.56 -43.05 11.86
C ARG B 374 6.03 -42.70 11.88
N THR B 375 6.55 -42.20 10.76
CA THR B 375 7.95 -41.80 10.67
C THR B 375 8.20 -40.72 9.62
N GLN B 376 9.25 -39.93 9.85
CA GLN B 376 9.64 -38.82 8.97
C GLN B 376 10.95 -39.13 8.25
N ILE B 377 10.91 -39.17 6.93
CA ILE B 377 12.12 -39.20 6.10
C ILE B 377 12.38 -37.81 5.53
N SER B 378 13.65 -37.43 5.48
CA SER B 378 14.04 -36.13 4.92
C SER B 378 13.91 -36.15 3.41
N ALA B 379 13.90 -34.96 2.80
CA ALA B 379 13.93 -34.82 1.34
C ALA B 379 15.28 -35.24 0.76
N GLU B 380 16.34 -35.14 1.56
CA GLU B 380 17.68 -35.59 1.20
C GLU B 380 17.73 -37.11 0.96
N ASN B 381 16.92 -37.85 1.71
CA ASN B 381 16.81 -39.31 1.55
C ASN B 381 16.13 -39.76 0.25
N LEU B 382 15.53 -38.84 -0.52
CA LEU B 382 14.81 -39.20 -1.75
C LEU B 382 15.68 -39.81 -2.87
N SER B 383 17.00 -39.58 -2.81
CA SER B 383 17.93 -40.30 -3.68
C SER B 383 18.09 -41.75 -3.22
N ASP B 384 18.71 -41.95 -2.06
CA ASP B 384 18.92 -43.30 -1.50
C ASP B 384 17.72 -43.74 -0.66
N ILE B 385 16.68 -44.22 -1.33
CA ILE B 385 15.51 -44.81 -0.65
C ILE B 385 14.68 -45.67 -1.61
N ASN B 386 14.11 -46.74 -1.07
CA ASN B 386 13.26 -47.65 -1.85
C ASN B 386 11.94 -46.96 -2.19
N LEU B 387 11.41 -47.26 -3.37
CA LEU B 387 10.17 -46.64 -3.86
C LEU B 387 8.90 -47.48 -3.58
N ARG B 388 9.03 -48.55 -2.78
CA ARG B 388 7.89 -49.36 -2.36
C ARG B 388 6.93 -48.59 -1.44
N TYR B 389 7.46 -47.62 -0.69
CA TYR B 389 6.68 -46.81 0.25
C TYR B 389 5.68 -45.91 -0.47
N PHE B 390 6.15 -45.21 -1.51
CA PHE B 390 5.39 -44.11 -2.12
C PHE B 390 4.27 -44.60 -3.04
N ASN B 391 3.26 -43.73 -3.20
CA ASN B 391 2.18 -43.96 -4.17
C ASN B 391 2.68 -43.72 -5.60
N GLU B 392 1.83 -44.00 -6.58
CA GLU B 392 2.27 -44.04 -7.98
C GLU B 392 2.71 -42.67 -8.52
N ASP B 393 1.90 -41.63 -8.32
CA ASP B 393 2.26 -40.27 -8.77
C ASP B 393 3.53 -39.75 -8.08
N THR B 394 3.61 -39.95 -6.77
CA THR B 394 4.77 -39.50 -5.99
C THR B 394 6.05 -40.22 -6.39
N LYS B 395 5.95 -41.53 -6.65
CA LYS B 395 7.08 -42.32 -7.12
C LYS B 395 7.64 -41.72 -8.41
N LYS B 396 6.78 -41.61 -9.43
CA LYS B 396 7.15 -41.05 -10.75
C LYS B 396 7.89 -39.71 -10.67
N LYS B 397 7.46 -38.84 -9.76
CA LYS B 397 8.12 -37.54 -9.53
C LYS B 397 9.52 -37.68 -8.94
N ILE B 398 9.69 -38.63 -8.02
CA ILE B 398 11.01 -38.91 -7.42
C ILE B 398 12.00 -39.46 -8.47
N GLU B 399 11.47 -40.24 -9.42
CA GLU B 399 12.28 -40.85 -10.49
C GLU B 399 12.81 -39.78 -11.46
N LYS B 400 11.97 -38.78 -11.74
CA LYS B 400 12.36 -37.63 -12.57
C LYS B 400 13.30 -36.67 -11.82
N ILE B 401 13.03 -36.46 -10.53
CA ILE B 401 13.83 -35.56 -9.68
C ILE B 401 15.25 -36.08 -9.41
N ARG B 402 15.43 -37.41 -9.40
CA ARG B 402 16.77 -37.99 -9.22
C ARG B 402 17.76 -37.60 -10.33
N HIS B 403 17.27 -37.45 -11.56
CA HIS B 403 18.08 -36.96 -12.69
C HIS B 403 18.59 -35.52 -12.51
N LEU B 404 17.91 -34.73 -11.68
CA LEU B 404 18.30 -33.34 -11.36
C LEU B 404 18.89 -33.16 -9.95
N MET B 405 18.86 -34.21 -9.12
CA MET B 405 19.24 -34.11 -7.71
C MET B 405 20.74 -33.90 -7.55
N VAL B 406 21.14 -32.92 -6.72
CA VAL B 406 22.55 -32.62 -6.47
C VAL B 406 22.75 -32.23 -5.00
N GLU B 407 23.35 -33.13 -4.22
CA GLU B 407 23.62 -32.91 -2.79
C GLU B 407 22.36 -32.48 -2.02
N GLY B 408 21.32 -33.30 -2.12
CA GLY B 408 20.06 -33.09 -1.39
C GLY B 408 19.17 -31.96 -1.87
N THR B 409 19.39 -31.47 -3.10
CA THR B 409 18.67 -30.33 -3.66
C THR B 409 18.54 -30.49 -5.17
N ALA B 410 17.33 -30.34 -5.70
CA ALA B 410 17.07 -30.49 -7.14
C ALA B 410 17.53 -29.24 -7.91
N SER B 411 18.27 -29.46 -9.01
CA SER B 411 18.73 -28.36 -9.86
C SER B 411 17.57 -27.79 -10.66
N LEU B 412 17.63 -26.50 -10.91
CA LEU B 412 16.53 -25.77 -11.52
C LEU B 412 17.08 -24.58 -12.30
N SER B 413 17.78 -24.86 -13.40
CA SER B 413 18.37 -23.81 -14.23
C SER B 413 17.32 -22.93 -14.91
N PRO B 414 16.36 -23.55 -15.65
CA PRO B 414 15.37 -22.70 -16.32
C PRO B 414 14.30 -22.21 -15.35
N GLY B 415 13.52 -21.25 -15.81
CA GLY B 415 12.34 -20.80 -15.07
C GLY B 415 12.64 -20.03 -13.80
N MET B 416 11.59 -19.84 -13.01
CA MET B 416 11.66 -19.11 -11.76
C MET B 416 10.66 -19.74 -10.79
N MET B 417 10.48 -19.13 -9.63
CA MET B 417 9.49 -19.59 -8.65
C MET B 417 9.02 -18.37 -7.86
N MET B 418 7.78 -18.43 -7.35
CA MET B 418 7.20 -17.32 -6.58
C MET B 418 8.05 -16.98 -5.36
N GLY B 419 8.17 -15.69 -5.06
CA GLY B 419 8.98 -15.22 -3.93
C GLY B 419 10.46 -14.98 -4.24
N MET B 420 10.92 -15.32 -5.44
CA MET B 420 12.33 -15.14 -5.81
C MET B 420 12.61 -13.69 -6.22
N PHE B 421 11.86 -13.23 -7.23
CA PHE B 421 12.22 -12.05 -8.01
C PHE B 421 10.95 -11.30 -8.41
N ASN B 422 11.02 -9.96 -8.47
CA ASN B 422 9.81 -9.11 -8.49
C ASN B 422 9.51 -8.34 -9.80
N MET B 423 10.16 -7.21 -10.02
CA MET B 423 9.66 -6.19 -10.95
C MET B 423 10.20 -6.25 -12.38
N LEU B 424 11.36 -6.89 -12.58
CA LEU B 424 11.99 -6.95 -13.90
C LEU B 424 11.19 -7.78 -14.92
N SER B 425 10.42 -8.75 -14.41
CA SER B 425 9.51 -9.55 -15.25
C SER B 425 8.37 -8.73 -15.86
N THR B 426 7.91 -7.71 -15.12
CA THR B 426 6.89 -6.77 -15.61
C THR B 426 7.43 -5.89 -16.74
N VAL B 427 8.71 -5.55 -16.70
CA VAL B 427 9.36 -4.76 -17.76
C VAL B 427 9.40 -5.52 -19.09
N LEU B 428 9.50 -6.84 -19.04
CA LEU B 428 9.37 -7.67 -20.25
C LEU B 428 7.97 -7.57 -20.83
N GLY B 429 6.95 -7.70 -19.96
CA GLY B 429 5.56 -7.54 -20.37
C GLY B 429 5.24 -6.16 -20.94
N VAL B 430 5.74 -5.12 -20.27
CA VAL B 430 5.52 -3.73 -20.69
C VAL B 430 6.15 -3.45 -22.06
N SER B 431 7.30 -4.05 -22.35
CA SER B 431 7.94 -3.90 -23.66
C SER B 431 7.11 -4.50 -24.81
N VAL B 432 6.32 -5.54 -24.52
CA VAL B 432 5.37 -6.10 -25.49
C VAL B 432 4.18 -5.14 -25.68
N LEU B 433 3.72 -4.53 -24.59
CA LEU B 433 2.67 -3.52 -24.68
C LEU B 433 3.14 -2.30 -25.48
N ASN B 434 4.39 -1.90 -25.25
CA ASN B 434 5.00 -0.79 -25.96
C ASN B 434 5.20 -1.04 -27.46
N LEU B 435 5.36 -2.31 -27.85
CA LEU B 435 5.46 -2.68 -29.26
C LEU B 435 4.21 -2.30 -30.07
N GLY B 436 3.04 -2.32 -29.43
CA GLY B 436 1.77 -2.05 -30.11
C GLY B 436 1.44 -0.63 -30.49
N GLN B 437 2.40 0.30 -30.40
CA GLN B 437 2.22 1.66 -30.94
C GLN B 437 1.99 1.60 -32.45
N ARG B 438 1.22 2.55 -32.96
CA ARG B 438 0.87 2.61 -34.39
C ARG B 438 2.09 2.82 -35.28
N GLU B 439 3.04 3.62 -34.78
CA GLU B 439 4.28 3.94 -35.50
C GLU B 439 5.31 2.80 -35.57
N ILE B 440 5.16 1.76 -34.74
CA ILE B 440 5.99 0.55 -34.83
C ILE B 440 5.33 -0.50 -35.72
N LEU B 441 4.05 -0.79 -35.47
CA LEU B 441 3.31 -1.83 -36.21
C LEU B 441 2.99 -1.41 -37.65
N LYS B 442 2.53 -0.17 -37.83
CA LYS B 442 2.24 0.41 -39.15
C LYS B 442 1.26 -0.42 -39.98
N ARG B 443 0.21 -0.94 -39.35
CA ARG B 443 -0.77 -1.79 -40.03
C ARG B 443 -2.18 -1.52 -39.51
N THR B 444 -3.14 -2.39 -39.84
CA THR B 444 -4.56 -2.15 -39.55
C THR B 444 -4.97 -2.20 -38.07
N TYR B 445 -4.13 -2.80 -37.21
CA TYR B 445 -4.39 -2.85 -35.75
C TYR B 445 -3.26 -2.23 -34.94
N TRP B 446 -3.55 -1.98 -33.68
CA TRP B 446 -2.60 -1.40 -32.72
C TRP B 446 -3.14 -1.54 -31.30
N TRP B 447 -2.24 -1.62 -30.32
CA TRP B 447 -2.65 -1.85 -28.92
C TRP B 447 -1.91 -1.02 -27.87
N ASP B 448 -2.47 -1.05 -26.66
CA ASP B 448 -1.85 -0.49 -25.46
C ASP B 448 -2.52 -1.21 -24.27
N GLY B 449 -1.99 -1.01 -23.07
CA GLY B 449 -2.58 -1.61 -21.88
C GLY B 449 -1.82 -1.33 -20.61
N LEU B 450 -2.14 -2.12 -19.58
CA LEU B 450 -1.42 -2.09 -18.30
C LEU B 450 -1.08 -3.53 -17.92
N GLN B 451 0.02 -3.70 -17.18
CA GLN B 451 0.44 -5.01 -16.71
C GLN B 451 1.13 -4.92 -15.36
N SER B 452 0.78 -5.84 -14.46
CA SER B 452 1.54 -6.07 -13.22
C SER B 452 1.72 -7.58 -13.07
N SER B 453 2.97 -8.05 -13.22
CA SER B 453 3.32 -9.47 -13.15
C SER B 453 2.54 -10.29 -14.20
N ASP B 454 1.95 -11.43 -13.82
CA ASP B 454 1.17 -12.25 -14.74
C ASP B 454 -0.12 -11.60 -15.22
N ASP B 455 -0.69 -10.69 -14.41
CA ASP B 455 -1.97 -10.07 -14.73
C ASP B 455 -1.78 -8.90 -15.68
N PHE B 456 -2.61 -8.83 -16.72
CA PHE B 456 -2.55 -7.74 -17.70
C PHE B 456 -3.93 -7.40 -18.26
N ALA B 457 -4.08 -6.15 -18.69
CA ALA B 457 -5.27 -5.69 -19.41
C ALA B 457 -4.82 -5.07 -20.73
N LEU B 458 -5.10 -5.76 -21.83
CA LEU B 458 -4.72 -5.31 -23.18
C LEU B 458 -5.92 -4.73 -23.91
N ILE B 459 -5.76 -3.52 -24.45
CA ILE B 459 -6.78 -2.85 -25.24
C ILE B 459 -6.30 -2.80 -26.70
N ILE B 460 -7.03 -3.48 -27.59
CA ILE B 460 -6.69 -3.55 -29.03
C ILE B 460 -7.72 -2.75 -29.83
N ASN B 461 -7.24 -1.80 -30.64
CA ASN B 461 -8.08 -1.08 -31.60
C ASN B 461 -7.73 -1.48 -33.03
N GLY B 462 -8.76 -1.47 -33.88
CA GLY B 462 -8.61 -1.76 -35.31
C GLY B 462 -9.82 -1.27 -36.07
N HIS B 463 -9.77 -1.37 -37.40
CA HIS B 463 -10.85 -0.86 -38.24
C HIS B 463 -12.03 -1.85 -38.36
N PHE B 464 -11.74 -3.14 -38.20
CA PHE B 464 -12.75 -4.21 -38.31
C PHE B 464 -12.47 -5.33 -37.30
N LYS B 465 -13.46 -6.20 -37.11
CA LYS B 465 -13.35 -7.28 -36.11
C LYS B 465 -12.20 -8.26 -36.40
N GLU B 466 -11.91 -8.50 -37.68
CA GLU B 466 -10.78 -9.35 -38.08
C GLU B 466 -9.41 -8.70 -37.79
N ASP B 467 -9.34 -7.37 -37.82
CA ASP B 467 -8.12 -6.64 -37.42
C ASP B 467 -7.75 -6.90 -35.96
N ILE B 468 -8.77 -7.06 -35.11
CA ILE B 468 -8.57 -7.40 -33.70
C ILE B 468 -7.97 -8.81 -33.59
N GLN B 469 -8.57 -9.76 -34.29
CA GLN B 469 -8.09 -11.15 -34.31
C GLN B 469 -6.62 -11.27 -34.75
N GLN B 470 -6.23 -10.48 -35.74
CA GLN B 470 -4.83 -10.42 -36.18
C GLN B 470 -3.94 -9.76 -35.12
N GLY B 471 -4.45 -8.71 -34.48
CA GLY B 471 -3.74 -8.05 -33.37
C GLY B 471 -3.57 -8.89 -32.12
N VAL B 472 -4.57 -9.71 -31.80
CA VAL B 472 -4.47 -10.66 -30.69
C VAL B 472 -3.36 -11.67 -30.98
N ASN B 473 -3.44 -12.30 -32.16
CA ASN B 473 -2.45 -13.29 -32.59
C ASN B 473 -1.02 -12.72 -32.67
N HIS B 474 -0.90 -11.47 -33.11
CA HIS B 474 0.40 -10.79 -33.15
C HIS B 474 0.95 -10.57 -31.75
N PHE B 475 0.11 -10.10 -30.84
CA PHE B 475 0.46 -9.96 -29.42
C PHE B 475 0.77 -11.31 -28.78
N TYR B 476 -0.11 -12.28 -29.01
CA TYR B 476 0.00 -13.63 -28.44
C TYR B 476 1.30 -14.34 -28.81
N ARG B 477 1.64 -14.29 -30.10
CA ARG B 477 2.83 -14.96 -30.63
C ARG B 477 4.12 -14.22 -30.27
N THR B 478 4.06 -12.88 -30.22
CA THR B 478 5.19 -12.08 -29.75
C THR B 478 5.49 -12.36 -28.27
N CYS B 479 4.43 -12.55 -27.47
CA CYS B 479 4.57 -12.98 -26.08
C CYS B 479 5.21 -14.37 -25.99
N LYS B 480 4.78 -15.29 -26.85
CA LYS B 480 5.37 -16.65 -26.94
C LYS B 480 6.86 -16.61 -27.32
N LEU B 481 7.25 -15.66 -28.19
CA LEU B 481 8.65 -15.47 -28.58
C LEU B 481 9.59 -15.06 -27.44
N VAL B 482 9.03 -14.48 -26.37
CA VAL B 482 9.81 -14.13 -25.17
C VAL B 482 9.39 -14.93 -23.92
N GLY B 483 8.83 -16.13 -24.13
CA GLY B 483 8.46 -17.03 -23.05
C GLY B 483 7.32 -16.60 -22.14
N ILE B 484 6.41 -15.76 -22.67
CA ILE B 484 5.21 -15.34 -21.96
C ILE B 484 4.01 -16.07 -22.56
N ASN B 485 3.25 -16.76 -21.72
CA ASN B 485 2.17 -17.62 -22.17
C ASN B 485 0.84 -17.10 -21.66
N MET B 486 0.06 -16.47 -22.55
CA MET B 486 -1.27 -16.00 -22.20
C MET B 486 -2.18 -17.21 -21.99
N SER B 487 -2.92 -17.21 -20.89
CA SER B 487 -3.92 -18.25 -20.62
C SER B 487 -5.07 -18.08 -21.58
N GLN B 488 -5.39 -19.15 -22.31
CA GLN B 488 -6.55 -19.14 -23.19
C GLN B 488 -7.83 -19.46 -22.39
N LYS B 489 -7.70 -20.26 -21.34
CA LYS B 489 -8.87 -20.65 -20.53
C LYS B 489 -9.28 -19.56 -19.52
N LYS B 490 -8.32 -18.84 -18.95
CA LYS B 490 -8.62 -17.82 -17.94
C LYS B 490 -8.83 -16.41 -18.51
N SER B 491 -8.13 -16.08 -19.60
CA SER B 491 -8.36 -14.81 -20.29
C SER B 491 -9.62 -14.86 -21.15
N TYR B 492 -10.11 -13.69 -21.52
CA TYR B 492 -11.21 -13.56 -22.47
C TYR B 492 -11.20 -12.15 -23.05
N ILE B 493 -12.02 -11.91 -24.08
CA ILE B 493 -12.07 -10.63 -24.79
C ILE B 493 -13.51 -10.14 -24.93
N ASN B 494 -13.67 -8.82 -24.93
CA ASN B 494 -14.95 -8.18 -25.24
C ASN B 494 -14.72 -6.75 -25.71
N LYS B 495 -15.75 -6.13 -26.28
CA LYS B 495 -15.71 -4.71 -26.66
C LYS B 495 -15.38 -3.83 -25.46
N THR B 496 -14.57 -2.81 -25.67
CA THR B 496 -14.07 -1.96 -24.59
C THR B 496 -15.22 -1.24 -23.90
N GLY B 497 -15.28 -1.37 -22.58
CA GLY B 497 -16.43 -0.94 -21.78
C GLY B 497 -16.46 -1.61 -20.42
N THR B 498 -16.19 -2.93 -20.41
CA THR B 498 -15.96 -3.68 -19.18
C THR B 498 -14.65 -4.46 -19.28
N PHE B 499 -13.98 -4.64 -18.14
CA PHE B 499 -12.85 -5.58 -18.00
C PHE B 499 -12.55 -5.84 -16.52
N GLU B 500 -11.63 -6.76 -16.26
CA GLU B 500 -11.15 -7.06 -14.91
C GLU B 500 -9.62 -6.98 -14.89
N PHE B 501 -9.06 -6.61 -13.73
CA PHE B 501 -7.62 -6.46 -13.54
C PHE B 501 -7.27 -6.51 -12.05
N THR B 502 -6.49 -7.50 -11.63
CA THR B 502 -6.17 -7.76 -10.21
C THR B 502 -7.39 -7.59 -9.28
N SER B 503 -8.49 -8.21 -9.67
CA SER B 503 -9.77 -8.11 -8.96
C SER B 503 -10.33 -6.69 -8.78
N PHE B 504 -9.91 -5.76 -9.65
CA PHE B 504 -10.62 -4.50 -9.85
C PHE B 504 -11.56 -4.74 -11.03
N PHE B 505 -12.80 -4.30 -10.91
CA PHE B 505 -13.80 -4.49 -11.94
C PHE B 505 -14.19 -3.14 -12.53
N TYR B 506 -14.07 -3.04 -13.84
CA TYR B 506 -14.40 -1.83 -14.59
C TYR B 506 -15.71 -2.07 -15.30
N ARG B 507 -16.61 -1.10 -15.18
CA ARG B 507 -17.86 -1.10 -15.93
C ARG B 507 -18.16 0.35 -16.30
N TYR B 508 -17.51 0.81 -17.37
CA TYR B 508 -17.53 2.22 -17.79
C TYR B 508 -17.02 3.15 -16.68
N GLY B 509 -16.08 2.62 -15.88
CA GLY B 509 -15.57 3.25 -14.68
C GLY B 509 -15.43 2.16 -13.63
N PHE B 510 -14.49 2.33 -12.72
CA PHE B 510 -14.27 1.31 -11.69
C PHE B 510 -15.39 1.29 -10.67
N VAL B 511 -15.90 0.09 -10.40
CA VAL B 511 -16.87 -0.16 -9.33
C VAL B 511 -16.17 -0.70 -8.10
N ALA B 512 -16.89 -0.79 -7.00
CA ALA B 512 -16.34 -1.27 -5.73
C ALA B 512 -16.22 -2.77 -5.68
N ASN B 513 -15.24 -3.24 -4.89
CA ASN B 513 -15.11 -4.65 -4.53
C ASN B 513 -14.81 -4.71 -3.03
N PHE B 514 -15.84 -4.46 -2.22
CA PHE B 514 -15.69 -4.44 -0.76
C PHE B 514 -15.31 -5.79 -0.19
N SER B 515 -15.90 -6.87 -0.70
CA SER B 515 -15.67 -8.22 -0.16
C SER B 515 -14.21 -8.70 -0.23
N MET B 516 -13.44 -8.18 -1.19
CA MET B 516 -11.98 -8.33 -1.21
C MET B 516 -11.34 -7.98 0.14
N GLU B 517 -11.83 -6.91 0.77
CA GLU B 517 -11.28 -6.36 2.01
C GLU B 517 -11.88 -6.91 3.32
N LEU B 518 -12.78 -7.89 3.24
CA LEU B 518 -13.45 -8.41 4.43
C LEU B 518 -12.54 -9.01 5.51
N PRO B 519 -11.45 -9.71 5.11
CA PRO B 519 -10.51 -10.21 6.11
C PRO B 519 -9.83 -9.15 7.00
N SER B 520 -9.68 -7.92 6.51
CA SER B 520 -9.11 -6.81 7.29
C SER B 520 -10.05 -6.18 8.33
N PHE B 521 -11.34 -6.52 8.28
CA PHE B 521 -12.30 -6.10 9.31
C PHE B 521 -12.25 -7.09 10.47
N GLY B 522 -11.56 -6.69 11.53
CA GLY B 522 -11.38 -7.54 12.72
C GLY B 522 -10.26 -6.98 13.58
N VAL B 523 -9.98 -7.66 14.69
CA VAL B 523 -8.92 -7.25 15.59
C VAL B 523 -7.59 -7.73 15.00
N ALA B 524 -6.73 -6.78 14.65
CA ALA B 524 -5.45 -7.08 13.99
C ALA B 524 -4.53 -7.96 14.83
N GLY B 525 -4.60 -7.81 16.15
CA GLY B 525 -3.82 -8.62 17.08
C GLY B 525 -2.38 -8.16 17.34
N ASN B 526 -2.11 -6.87 17.20
CA ASN B 526 -0.81 -6.29 17.57
C ASN B 526 -0.80 -5.98 19.07
N ASN B 527 -1.65 -5.05 19.50
CA ASN B 527 -1.91 -4.76 20.92
C ASN B 527 -3.14 -3.85 21.02
N GLU B 528 -3.57 -3.55 22.25
CA GLU B 528 -4.75 -2.71 22.47
C GLU B 528 -4.67 -1.33 21.80
N SER B 529 -3.52 -0.67 21.92
CA SER B 529 -3.34 0.66 21.32
C SER B 529 -3.38 0.64 19.80
N ALA B 530 -2.58 -0.25 19.20
CA ALA B 530 -2.43 -0.32 17.74
C ALA B 530 -3.70 -0.78 17.03
N ASP B 531 -4.38 -1.77 17.61
CA ASP B 531 -5.57 -2.36 16.99
C ASP B 531 -6.75 -1.40 16.89
N MET B 532 -6.98 -0.60 17.94
CA MET B 532 -8.02 0.42 17.93
C MET B 532 -7.81 1.42 16.80
N SER B 533 -6.55 1.81 16.58
CA SER B 533 -6.18 2.71 15.51
C SER B 533 -6.29 2.03 14.14
N ILE B 534 -5.83 0.78 14.05
CA ILE B 534 -5.93 0.00 12.82
C ILE B 534 -7.38 -0.27 12.42
N GLY B 535 -8.22 -0.59 13.40
CA GLY B 535 -9.61 -0.96 13.15
C GLY B 535 -10.45 0.17 12.59
N THR B 536 -10.34 1.33 13.21
CA THR B 536 -11.06 2.53 12.79
C THR B 536 -10.58 3.03 11.42
N THR B 537 -9.28 2.92 11.16
CA THR B 537 -8.71 3.33 9.89
C THR B 537 -9.14 2.42 8.74
N VAL B 538 -9.23 1.11 9.00
CA VAL B 538 -9.75 0.15 8.01
C VAL B 538 -11.18 0.52 7.58
N ILE B 539 -12.03 0.85 8.54
CA ILE B 539 -13.40 1.31 8.25
C ILE B 539 -13.37 2.59 7.42
N LYS B 540 -12.50 3.53 7.83
CA LYS B 540 -12.36 4.84 7.18
C LYS B 540 -11.91 4.72 5.73
N THR B 541 -10.83 3.98 5.51
CA THR B 541 -10.26 3.83 4.16
C THR B 541 -11.22 3.11 3.20
N ASN B 542 -12.01 2.17 3.73
CA ASN B 542 -13.01 1.46 2.93
C ASN B 542 -14.24 2.31 2.57
N MET B 543 -14.63 3.24 3.44
CA MET B 543 -15.60 4.27 3.07
C MET B 543 -15.10 5.10 1.87
N ILE B 544 -13.81 5.46 1.88
CA ILE B 544 -13.21 6.26 0.80
C ILE B 544 -12.99 5.44 -0.47
N ASN B 545 -12.32 4.30 -0.34
CA ASN B 545 -11.78 3.55 -1.50
C ASN B 545 -12.66 2.42 -2.05
N ASN B 546 -13.57 1.89 -1.24
CA ASN B 546 -14.36 0.69 -1.64
C ASN B 546 -15.87 0.82 -1.39
N ASP B 547 -16.38 2.05 -1.37
CA ASP B 547 -17.83 2.32 -1.28
C ASP B 547 -18.56 1.68 -0.08
N LEU B 548 -17.90 1.62 1.06
CA LEU B 548 -18.54 1.17 2.29
C LEU B 548 -19.49 2.29 2.73
N GLY B 549 -20.80 2.03 2.65
CA GLY B 549 -21.80 3.05 2.96
C GLY B 549 -21.82 3.42 4.45
N PRO B 550 -22.41 4.58 4.78
CA PRO B 550 -22.36 5.14 6.13
C PRO B 550 -23.01 4.29 7.23
N ALA B 551 -24.16 3.67 6.91
CA ALA B 551 -24.86 2.80 7.85
C ALA B 551 -24.09 1.52 8.16
N THR B 552 -23.57 0.86 7.13
CA THR B 552 -22.73 -0.34 7.30
C THR B 552 -21.43 -0.01 8.05
N ALA B 553 -20.87 1.18 7.80
CA ALA B 553 -19.64 1.64 8.46
C ALA B 553 -19.85 1.87 9.96
N GLN B 554 -20.99 2.46 10.32
CA GLN B 554 -21.41 2.55 11.72
C GLN B 554 -21.48 1.15 12.36
N MET B 555 -22.10 0.20 11.64
CA MET B 555 -22.22 -1.17 12.15
C MET B 555 -20.86 -1.88 12.22
N ALA B 556 -19.94 -1.56 11.30
CA ALA B 556 -18.56 -2.04 11.36
C ALA B 556 -17.77 -1.51 12.58
N ILE B 557 -18.09 -0.30 13.01
CA ILE B 557 -17.54 0.23 14.27
C ILE B 557 -18.11 -0.55 15.44
N GLN B 558 -19.44 -0.71 15.44
CA GLN B 558 -20.15 -1.45 16.48
C GLN B 558 -19.65 -2.89 16.64
N LEU B 559 -19.42 -3.57 15.52
CA LEU B 559 -18.94 -4.94 15.52
C LEU B 559 -17.45 -5.06 15.87
N PHE B 560 -16.66 -4.04 15.51
CA PHE B 560 -15.25 -3.99 15.90
C PHE B 560 -15.06 -3.85 17.41
N ILE B 561 -15.85 -2.96 18.02
CA ILE B 561 -15.78 -2.73 19.46
C ILE B 561 -16.12 -4.02 20.21
N LYS B 562 -17.17 -4.72 19.76
CA LYS B 562 -17.53 -6.05 20.26
C LYS B 562 -16.35 -7.04 20.18
N ASP B 563 -15.71 -7.11 19.01
CA ASP B 563 -14.61 -8.05 18.78
C ASP B 563 -13.40 -7.67 19.64
N TYR B 564 -13.11 -6.37 19.68
CA TYR B 564 -12.03 -5.79 20.50
C TYR B 564 -12.27 -5.99 22.00
N ARG B 565 -13.50 -5.82 22.45
CA ARG B 565 -13.86 -6.01 23.87
C ARG B 565 -13.72 -7.47 24.33
N TYR B 566 -14.18 -8.40 23.50
CA TYR B 566 -14.03 -9.84 23.79
C TYR B 566 -12.58 -10.32 23.69
N THR B 567 -11.89 -9.96 22.61
CA THR B 567 -10.51 -10.41 22.37
C THR B 567 -9.57 -10.01 23.51
N TYR B 568 -9.57 -8.72 23.84
CA TYR B 568 -8.73 -8.17 24.92
C TYR B 568 -9.37 -8.21 26.32
N ARG B 569 -10.53 -8.85 26.44
CA ARG B 569 -11.23 -9.04 27.73
C ARG B 569 -11.49 -7.72 28.46
N CYS B 570 -11.69 -6.64 27.69
CA CYS B 570 -11.76 -5.27 28.22
C CYS B 570 -13.16 -4.69 28.03
N HIS B 571 -14.16 -5.41 28.54
CA HIS B 571 -15.55 -4.99 28.45
C HIS B 571 -15.79 -3.75 29.31
N ARG B 572 -16.90 -3.08 29.07
CA ARG B 572 -17.17 -1.82 29.73
C ARG B 572 -17.34 -2.02 31.24
N GLY B 573 -16.91 -1.03 32.02
CA GLY B 573 -16.82 -1.14 33.48
C GLY B 573 -18.13 -1.35 34.24
N ASP B 574 -19.25 -1.01 33.59
CA ASP B 574 -20.58 -1.24 34.17
C ASP B 574 -21.28 -2.50 33.62
N THR B 575 -20.50 -3.48 33.16
CA THR B 575 -21.07 -4.73 32.65
C THR B 575 -21.16 -5.77 33.75
N ASN B 576 -22.06 -6.72 33.55
CA ASN B 576 -22.27 -7.83 34.48
C ASN B 576 -21.48 -9.09 34.07
N LEU B 577 -20.66 -9.00 33.03
CA LEU B 577 -19.77 -10.11 32.61
C LEU B 577 -18.74 -10.42 33.68
N GLU B 578 -18.16 -11.62 33.58
CA GLU B 578 -17.09 -12.05 34.48
C GLU B 578 -15.95 -12.67 33.67
N THR B 579 -14.79 -12.03 33.73
CA THR B 579 -13.55 -12.51 33.12
C THR B 579 -12.42 -12.30 34.13
N ARG B 580 -11.19 -12.61 33.76
CA ARG B 580 -10.01 -12.26 34.58
C ARG B 580 -9.83 -10.76 34.78
N ARG B 581 -10.32 -9.95 33.84
CA ARG B 581 -10.13 -8.50 33.85
C ARG B 581 -11.28 -7.65 34.40
N THR B 582 -12.48 -8.22 34.54
CA THR B 582 -13.66 -7.43 34.95
C THR B 582 -13.51 -6.73 36.32
N LYS B 583 -12.90 -7.42 37.29
CA LYS B 583 -12.76 -6.89 38.65
C LYS B 583 -11.83 -5.67 38.73
N SER B 584 -10.65 -5.77 38.13
CA SER B 584 -9.69 -4.65 38.13
C SER B 584 -10.18 -3.46 37.30
N ILE B 585 -10.91 -3.74 36.22
CA ILE B 585 -11.54 -2.70 35.41
C ILE B 585 -12.73 -2.06 36.16
N LYS B 586 -13.45 -2.86 36.95
CA LYS B 586 -14.53 -2.35 37.81
C LYS B 586 -14.01 -1.39 38.87
N ARG B 587 -12.87 -1.73 39.48
CA ARG B 587 -12.20 -0.85 40.44
C ARG B 587 -11.79 0.48 39.80
N LEU B 588 -11.28 0.40 38.58
CA LEU B 588 -10.98 1.61 37.79
C LEU B 588 -12.24 2.40 37.45
N TRP B 589 -13.29 1.70 37.05
CA TRP B 589 -14.57 2.34 36.69
C TRP B 589 -15.12 3.15 37.85
N THR B 590 -15.22 2.54 39.03
CA THR B 590 -15.82 3.21 40.20
C THR B 590 -15.02 4.41 40.69
N GLU B 591 -13.69 4.29 40.72
CA GLU B 591 -12.83 5.39 41.18
C GLU B 591 -12.76 6.56 40.20
N THR B 592 -13.03 6.30 38.91
CA THR B 592 -12.95 7.33 37.88
C THR B 592 -14.16 8.27 37.93
N ILE B 593 -13.90 9.57 37.90
CA ILE B 593 -14.96 10.60 37.96
C ILE B 593 -15.61 10.75 36.58
N SER B 594 -14.77 11.07 35.59
CA SER B 594 -15.20 11.19 34.18
C SER B 594 -15.00 9.86 33.45
N LYS B 595 -16.07 9.07 33.36
CA LYS B 595 -16.00 7.73 32.76
C LYS B 595 -15.71 7.80 31.25
N ALA B 596 -16.28 8.81 30.59
CA ALA B 596 -16.08 9.07 29.15
C ALA B 596 -14.62 9.23 28.74
N GLY B 597 -13.75 9.63 29.67
CA GLY B 597 -12.32 9.72 29.41
C GLY B 597 -11.59 8.40 29.30
N LEU B 598 -12.13 7.36 29.93
CA LEU B 598 -11.51 6.03 29.93
C LEU B 598 -11.43 5.47 28.52
N LEU B 599 -10.28 4.90 28.15
CA LEU B 599 -10.15 4.20 26.88
C LEU B 599 -11.00 2.93 26.93
N VAL B 600 -11.29 2.37 25.76
CA VAL B 600 -12.07 1.13 25.67
C VAL B 600 -11.33 -0.01 26.39
N ALA B 601 -10.01 -0.09 26.18
CA ALA B 601 -9.16 -1.07 26.85
C ALA B 601 -9.16 -0.96 28.39
N ASP B 602 -9.54 0.21 28.91
CA ASP B 602 -9.76 0.43 30.34
C ASP B 602 -11.26 0.46 30.73
N GLY B 603 -12.10 -0.24 29.98
CA GLY B 603 -13.53 -0.32 30.27
C GLY B 603 -14.34 0.93 29.98
N GLY B 604 -13.83 1.79 29.11
CA GLY B 604 -14.54 3.03 28.76
C GLY B 604 -15.45 2.86 27.56
N PRO B 605 -16.27 3.89 27.28
CA PRO B 605 -17.22 3.83 26.18
C PRO B 605 -16.56 4.06 24.81
N ASN B 606 -17.23 3.61 23.75
CA ASN B 606 -16.78 3.87 22.39
C ASN B 606 -17.11 5.33 22.03
N PRO B 607 -16.08 6.13 21.70
CA PRO B 607 -16.36 7.49 21.26
C PRO B 607 -16.64 7.61 19.76
N TYR B 608 -16.32 6.57 18.98
CA TYR B 608 -16.29 6.65 17.53
C TYR B 608 -17.66 6.59 16.86
N ASN B 609 -17.85 7.51 15.91
CA ASN B 609 -18.90 7.47 14.91
C ASN B 609 -18.17 7.74 13.58
N LEU B 610 -18.89 8.04 12.50
CA LEU B 610 -18.27 8.34 11.19
C LEU B 610 -17.21 9.44 11.22
N ARG B 611 -17.57 10.61 11.75
CA ARG B 611 -16.68 11.79 11.78
C ARG B 611 -15.38 11.63 12.60
N ASN B 612 -15.39 10.73 13.58
CA ASN B 612 -14.28 10.53 14.53
C ASN B 612 -13.11 9.70 13.98
N LEU B 613 -13.37 8.84 13.00
CA LEU B 613 -12.49 7.69 12.68
C LEU B 613 -11.00 7.99 12.46
N HIS B 614 -10.69 9.21 12.01
CA HIS B 614 -9.30 9.64 11.79
C HIS B 614 -8.56 10.18 13.03
N ILE B 615 -9.28 10.40 14.14
CA ILE B 615 -8.67 10.88 15.38
C ILE B 615 -8.34 9.67 16.26
N PRO B 616 -7.07 9.52 16.71
CA PRO B 616 -6.70 8.47 17.68
C PRO B 616 -7.48 8.53 19.00
N GLU B 617 -7.62 7.41 19.69
CA GLU B 617 -8.55 7.32 20.82
C GLU B 617 -8.12 8.18 22.01
N VAL B 618 -6.85 8.10 22.39
CA VAL B 618 -6.29 8.91 23.49
C VAL B 618 -6.46 10.40 23.20
N CYS B 619 -6.11 10.78 21.98
CA CYS B 619 -6.31 12.14 21.49
C CYS B 619 -7.78 12.59 21.56
N LEU B 620 -8.68 11.69 21.17
CA LEU B 620 -10.13 11.95 21.20
C LEU B 620 -10.75 12.07 22.60
N LYS B 621 -10.17 11.38 23.58
CA LYS B 621 -10.68 11.36 24.95
C LYS B 621 -9.91 12.24 25.95
N TRP B 622 -8.78 12.80 25.48
CA TRP B 622 -7.84 13.56 26.32
C TRP B 622 -8.48 14.59 27.26
N SER B 623 -9.31 15.46 26.70
CA SER B 623 -9.98 16.51 27.48
C SER B 623 -10.97 15.96 28.52
N LEU B 624 -11.49 14.75 28.28
CA LEU B 624 -12.45 14.08 29.18
C LEU B 624 -11.80 13.14 30.21
N MET B 625 -10.47 13.04 30.22
CA MET B 625 -9.77 12.13 31.14
C MET B 625 -9.58 12.71 32.54
N ASP B 626 -9.59 11.83 33.55
CA ASP B 626 -9.13 12.17 34.89
C ASP B 626 -7.62 12.39 34.84
N PRO B 627 -7.12 13.45 35.49
CA PRO B 627 -5.68 13.76 35.39
C PRO B 627 -4.75 12.63 35.84
N ASP B 628 -5.12 11.94 36.92
CA ASP B 628 -4.32 10.83 37.45
C ASP B 628 -4.32 9.61 36.51
N TYR B 629 -5.50 9.28 35.96
CA TYR B 629 -5.62 8.21 34.97
C TYR B 629 -4.79 8.52 33.72
N ARG B 630 -4.93 9.75 33.22
CA ARG B 630 -4.14 10.24 32.09
C ARG B 630 -2.63 10.23 32.40
N GLY B 631 -2.27 10.63 33.63
CA GLY B 631 -0.89 10.58 34.09
C GLY B 631 -0.31 9.18 34.23
N ARG B 632 -1.15 8.22 34.60
CA ARG B 632 -0.75 6.81 34.66
C ARG B 632 -0.69 6.20 33.27
N LEU B 633 -1.76 6.42 32.50
CA LEU B 633 -1.92 5.87 31.14
C LEU B 633 -0.72 6.15 30.25
N CYS B 634 -0.33 7.42 30.16
CA CYS B 634 0.76 7.87 29.27
C CYS B 634 2.11 8.06 30.00
N ASN B 635 2.29 7.39 31.13
CA ASN B 635 3.51 7.53 31.95
C ASN B 635 4.71 7.02 31.14
N PRO B 636 5.69 7.90 30.83
CA PRO B 636 6.81 7.51 29.97
C PRO B 636 7.77 6.49 30.59
N ASN B 637 7.79 6.39 31.92
CA ASN B 637 8.59 5.39 32.62
C ASN B 637 7.67 4.26 33.08
N ASN B 638 7.06 3.56 32.12
CA ASN B 638 6.22 2.39 32.40
C ASN B 638 6.85 1.14 31.79
N PRO B 639 6.71 -0.03 32.44
CA PRO B 639 7.43 -1.23 32.03
C PRO B 639 6.83 -2.03 30.85
N PHE B 640 5.68 -1.61 30.34
CA PHE B 640 4.95 -2.39 29.33
C PHE B 640 5.41 -2.12 27.89
N VAL B 641 5.90 -0.91 27.63
CA VAL B 641 6.31 -0.51 26.27
C VAL B 641 7.74 -0.98 26.00
N HIS B 642 7.98 -1.38 24.75
CA HIS B 642 9.32 -1.74 24.27
C HIS B 642 9.82 -0.56 23.44
N HIS B 643 10.76 0.21 23.99
CA HIS B 643 11.25 1.42 23.30
C HIS B 643 12.12 1.07 22.09
N MET B 644 11.44 0.83 20.96
CA MET B 644 12.08 0.46 19.69
C MET B 644 12.62 1.70 18.97
N GLU B 645 13.22 1.48 17.80
CA GLU B 645 13.72 2.58 16.96
C GLU B 645 12.59 3.42 16.36
N VAL B 646 12.94 4.60 15.86
CA VAL B 646 11.99 5.52 15.21
C VAL B 646 11.45 4.93 13.90
N GLU B 647 12.32 4.28 13.13
CA GLU B 647 11.92 3.58 11.90
C GLU B 647 10.84 2.50 12.09
N SER B 648 10.83 1.87 13.26
CA SER B 648 9.86 0.82 13.60
C SER B 648 8.82 1.26 14.66
N THR B 649 8.68 2.56 14.88
CA THR B 649 7.67 3.10 15.80
C THR B 649 6.33 3.21 15.08
N ASN B 650 5.27 2.72 15.73
CA ASN B 650 3.92 2.68 15.18
C ASN B 650 3.82 2.00 13.80
N LEU B 651 4.44 0.83 13.68
CA LEU B 651 4.36 -0.01 12.47
C LEU B 651 3.80 -1.38 12.83
N ALA B 652 2.94 -1.90 11.96
CA ALA B 652 2.45 -3.28 12.03
C ALA B 652 2.69 -3.92 10.67
N VAL B 653 2.45 -5.23 10.58
CA VAL B 653 2.59 -5.98 9.33
C VAL B 653 1.22 -6.47 8.88
N VAL B 654 0.97 -6.35 7.57
CA VAL B 654 -0.33 -6.72 6.96
C VAL B 654 -0.09 -7.32 5.57
N MET B 655 -0.94 -8.28 5.18
CA MET B 655 -0.98 -8.81 3.81
C MET B 655 -2.29 -8.40 3.13
N PRO B 656 -2.27 -8.22 1.79
CA PRO B 656 -3.46 -7.75 1.06
C PRO B 656 -4.50 -8.86 0.89
N GLY B 659 0.06 -8.88 -3.46
CA GLY B 659 1.41 -8.44 -3.11
C GLY B 659 2.11 -9.35 -2.11
N PRO B 660 3.37 -9.01 -1.75
CA PRO B 660 4.12 -9.82 -0.79
C PRO B 660 3.65 -9.65 0.67
N ALA B 661 4.06 -8.56 1.33
CA ALA B 661 3.69 -8.28 2.73
C ALA B 661 4.32 -6.96 3.18
N LYS B 662 3.61 -5.85 2.95
CA LYS B 662 4.09 -4.52 3.32
C LYS B 662 3.70 -4.15 4.74
N SER B 663 4.37 -3.13 5.27
CA SER B 663 4.11 -2.64 6.62
C SER B 663 2.95 -1.65 6.63
N LEU B 664 2.20 -1.64 7.73
CA LEU B 664 1.06 -0.74 7.93
C LEU B 664 1.36 0.22 9.06
N GLU B 665 1.53 1.51 8.72
CA GLU B 665 1.72 2.55 9.72
C GLU B 665 0.37 3.03 10.27
N TYR B 666 0.30 3.19 11.59
CA TYR B 666 -0.93 3.61 12.28
C TYR B 666 -0.68 4.80 13.20
N ASP B 667 -1.71 5.58 13.45
CA ASP B 667 -1.64 6.77 14.30
C ASP B 667 -2.10 6.47 15.72
N ALA B 668 -1.17 6.50 16.68
CA ALA B 668 -1.48 6.15 18.06
C ALA B 668 -0.53 6.81 19.08
N VAL B 669 -1.11 7.22 20.20
CA VAL B 669 -0.36 7.77 21.33
C VAL B 669 0.18 6.61 22.17
N ALA B 670 1.47 6.65 22.48
CA ALA B 670 2.12 5.60 23.26
C ALA B 670 1.61 5.61 24.68
N THR B 671 0.99 4.51 25.10
CA THR B 671 0.48 4.33 26.45
C THR B 671 0.90 2.98 27.00
N THR B 672 0.46 2.67 28.22
CA THR B 672 0.57 1.32 28.79
C THR B 672 -0.09 0.24 27.92
N HIS B 673 -1.04 0.63 27.07
CA HIS B 673 -1.67 -0.29 26.11
C HIS B 673 -0.84 -0.61 24.87
N SER B 674 0.29 0.08 24.68
CA SER B 674 1.21 -0.18 23.56
C SER B 674 2.21 -1.29 23.92
N TRP B 675 1.69 -2.42 24.39
CA TRP B 675 2.53 -3.53 24.90
C TRP B 675 2.82 -4.56 23.79
N THR B 676 3.63 -5.56 24.11
CA THR B 676 4.03 -6.59 23.15
C THR B 676 3.75 -7.97 23.75
N PRO B 677 3.11 -8.88 22.96
CA PRO B 677 2.79 -10.20 23.47
C PRO B 677 4.04 -11.08 23.58
N LYS B 678 3.95 -12.15 24.38
CA LYS B 678 5.13 -12.98 24.68
C LYS B 678 5.67 -13.71 23.44
N ARG B 679 6.98 -13.92 23.44
CA ARG B 679 7.66 -14.57 22.33
C ARG B 679 7.38 -16.07 22.32
N ASN B 680 7.52 -16.68 21.15
CA ASN B 680 7.46 -18.13 21.01
C ASN B 680 8.66 -18.74 21.72
N ARG B 681 8.44 -19.89 22.37
CA ARG B 681 9.43 -20.51 23.26
C ARG B 681 9.86 -21.92 22.81
N SER B 682 9.51 -22.33 21.60
CA SER B 682 9.85 -23.67 21.09
C SER B 682 11.34 -23.88 20.83
N ILE B 683 12.09 -22.79 20.63
CA ILE B 683 13.54 -22.85 20.46
C ILE B 683 14.29 -23.40 21.69
N LEU B 684 13.68 -23.29 22.87
CA LEU B 684 14.28 -23.80 24.11
C LEU B 684 14.58 -25.31 24.08
N ASN B 685 13.73 -26.08 23.39
CA ASN B 685 13.90 -27.53 23.25
C ASN B 685 14.95 -27.93 22.19
N THR B 686 15.24 -27.04 21.25
CA THR B 686 16.10 -27.34 20.10
C THR B 686 17.58 -27.04 20.36
N ASN B 687 18.42 -27.39 19.38
CA ASN B 687 19.86 -27.12 19.45
C ASN B 687 20.23 -25.64 19.28
N GLN B 688 19.29 -24.82 18.79
CA GLN B 688 19.51 -23.38 18.64
C GLN B 688 19.11 -22.55 19.89
N ARG B 689 18.92 -23.22 21.02
CA ARG B 689 18.63 -22.58 22.32
C ARG B 689 19.55 -21.39 22.66
N GLY B 690 20.83 -21.52 22.32
CA GLY B 690 21.84 -20.49 22.59
C GLY B 690 21.64 -19.14 21.89
N ILE B 691 20.89 -19.15 20.79
CA ILE B 691 20.57 -17.90 20.06
C ILE B 691 19.83 -16.88 20.95
N LEU B 692 19.04 -17.38 21.90
CA LEU B 692 18.35 -16.51 22.87
C LEU B 692 19.33 -15.73 23.76
N GLU B 693 20.41 -16.37 24.19
CA GLU B 693 21.44 -15.72 25.01
C GLU B 693 22.28 -14.75 24.19
N ASP B 694 22.63 -15.13 22.96
CA ASP B 694 23.27 -14.20 22.01
C ASP B 694 22.47 -12.91 21.88
N GLU B 695 21.17 -13.07 21.64
CA GLU B 695 20.24 -11.94 21.53
C GLU B 695 20.17 -11.13 22.82
N ARG B 696 20.04 -11.79 23.97
CA ARG B 696 20.03 -11.12 25.27
C ARG B 696 21.29 -10.29 25.51
N ILE B 697 22.44 -10.82 25.11
CA ILE B 697 23.73 -10.13 25.25
C ILE B 697 23.84 -8.97 24.24
N TYR B 698 23.44 -9.20 22.99
CA TYR B 698 23.44 -8.14 21.97
C TYR B 698 22.56 -6.94 22.34
N GLN B 699 21.39 -7.20 22.95
CA GLN B 699 20.47 -6.14 23.35
C GLN B 699 20.99 -5.32 24.53
N LYS B 700 21.61 -5.99 25.50
CA LYS B 700 22.23 -5.30 26.64
C LYS B 700 23.37 -4.38 26.19
N CYS B 701 24.15 -4.84 25.21
CA CYS B 701 25.22 -4.02 24.62
C CYS B 701 24.67 -2.82 23.85
N CYS B 702 23.59 -3.01 23.10
CA CYS B 702 22.92 -1.92 22.37
C CYS B 702 22.18 -0.96 23.30
N GLN B 703 21.63 -1.48 24.40
CA GLN B 703 20.94 -0.65 25.39
C GLN B 703 21.89 0.31 26.09
N VAL B 704 23.08 -0.15 26.44
CA VAL B 704 24.10 0.69 27.09
C VAL B 704 24.71 1.72 26.12
N PHE B 705 24.90 1.34 24.85
CA PHE B 705 25.39 2.26 23.82
C PHE B 705 24.48 3.48 23.64
N GLU B 706 23.16 3.27 23.72
CA GLU B 706 22.16 4.34 23.58
C GLU B 706 22.19 5.36 24.73
N LYS B 707 22.71 4.95 25.89
CA LYS B 707 22.90 5.88 27.02
C LYS B 707 24.06 6.86 26.76
N PHE B 708 25.02 6.46 25.94
CA PHE B 708 26.09 7.34 25.45
C PHE B 708 25.75 8.00 24.11
N PHE B 709 24.96 7.32 23.27
CA PHE B 709 24.53 7.84 21.97
C PHE B 709 23.00 7.76 21.76
N PRO B 710 22.23 8.65 22.44
CA PRO B 710 20.77 8.74 22.26
C PRO B 710 20.28 8.80 20.81
N SER B 711 21.05 9.49 19.96
CA SER B 711 20.76 9.61 18.53
C SER B 711 20.65 8.28 17.77
N SER B 712 21.32 7.23 18.25
CA SER B 712 21.32 5.92 17.57
C SER B 712 19.93 5.29 17.38
N THR B 713 18.99 5.61 18.27
CA THR B 713 17.59 5.15 18.13
C THR B 713 16.83 5.85 16.99
N TYR B 714 17.21 7.09 16.67
CA TYR B 714 16.61 7.82 15.55
C TYR B 714 17.36 7.55 14.23
N ARG B 715 18.59 8.04 14.14
CA ARG B 715 19.45 7.84 12.97
C ARG B 715 20.55 6.85 13.33
N ARG B 716 20.72 5.82 12.52
CA ARG B 716 21.76 4.80 12.77
C ARG B 716 23.15 5.44 12.69
N PRO B 717 24.01 5.20 13.70
CA PRO B 717 25.34 5.81 13.71
C PRO B 717 26.29 5.15 12.70
N ILE B 718 27.34 5.88 12.33
CA ILE B 718 28.31 5.45 11.31
C ILE B 718 29.73 5.55 11.86
N GLY B 719 30.42 4.42 11.92
CA GLY B 719 31.85 4.39 12.23
C GLY B 719 32.46 3.01 12.13
N MET B 720 33.72 2.94 11.72
CA MET B 720 34.49 1.69 11.74
C MET B 720 35.14 1.42 13.11
N ALA B 721 35.12 2.41 14.01
CA ALA B 721 35.62 2.23 15.39
C ALA B 721 34.72 1.32 16.22
N SER B 722 35.24 0.88 17.36
CA SER B 722 34.52 -0.02 18.27
C SER B 722 33.36 0.69 18.99
N MET B 723 32.41 -0.11 19.46
CA MET B 723 31.33 0.38 20.32
C MET B 723 31.89 0.92 21.64
N LEU B 724 32.81 0.16 22.22
CA LEU B 724 33.44 0.53 23.50
C LEU B 724 34.28 1.80 23.39
N ASP B 725 35.09 1.90 22.34
CA ASP B 725 35.94 3.08 22.11
C ASP B 725 35.14 4.36 21.84
N ALA B 726 33.99 4.20 21.19
CA ALA B 726 33.05 5.31 20.97
C ALA B 726 32.40 5.75 22.28
N MET B 727 31.92 4.79 23.06
CA MET B 727 31.32 5.06 24.38
C MET B 727 32.35 5.68 25.34
N LEU B 728 33.58 5.16 25.31
CA LEU B 728 34.68 5.71 26.11
C LEU B 728 34.98 7.17 25.75
N SER B 729 35.11 7.45 24.45
CA SER B 729 35.32 8.81 23.94
C SER B 729 34.24 9.78 24.39
N ARG B 730 32.99 9.32 24.38
CA ARG B 730 31.85 10.13 24.81
C ARG B 730 31.82 10.34 26.32
N ALA B 731 32.22 9.32 27.09
CA ALA B 731 32.27 9.41 28.55
C ALA B 731 33.22 10.48 29.05
N ARG B 732 34.36 10.61 28.36
CA ARG B 732 35.37 11.62 28.70
C ARG B 732 34.91 13.04 28.37
N ILE B 733 34.47 13.25 27.12
CA ILE B 733 34.10 14.59 26.64
C ILE B 733 32.81 15.15 27.28
N ASP B 734 31.83 14.28 27.56
CA ASP B 734 30.61 14.71 28.26
C ASP B 734 30.91 15.10 29.71
N ALA B 735 31.74 14.31 30.38
CA ALA B 735 32.20 14.62 31.74
C ALA B 735 33.05 15.90 31.80
N ARG B 736 33.79 16.17 30.73
CA ARG B 736 34.56 17.41 30.57
C ARG B 736 33.63 18.63 30.61
N ILE B 737 32.61 18.61 29.75
CA ILE B 737 31.64 19.73 29.64
C ILE B 737 30.79 19.90 30.91
N ASP B 738 30.45 18.79 31.57
CA ASP B 738 29.70 18.84 32.83
C ASP B 738 30.45 19.57 33.97
N LEU B 739 31.78 19.50 33.97
CA LEU B 739 32.62 20.19 34.96
C LEU B 739 33.07 21.57 34.47
N GLU B 740 33.58 21.63 33.23
CA GLU B 740 34.07 22.89 32.64
C GLU B 740 33.01 24.01 32.59
N SER B 741 31.75 23.63 32.43
CA SER B 741 30.63 24.58 32.55
C SER B 741 29.32 23.85 32.85
N GLY B 742 29.07 23.57 34.13
CA GLY B 742 27.84 22.89 34.54
C GLY B 742 27.79 22.40 35.98
N ARG B 743 26.90 21.44 36.22
CA ARG B 743 26.64 20.87 37.56
C ARG B 743 27.31 19.50 37.72
N ILE B 744 28.59 19.52 38.08
CA ILE B 744 29.30 18.30 38.51
C ILE B 744 30.56 18.70 39.28
N SER B 745 30.92 17.92 40.31
CA SER B 745 32.08 18.22 41.16
C SER B 745 33.39 17.82 40.51
N SER B 746 34.50 18.28 41.08
CA SER B 746 35.85 17.97 40.59
C SER B 746 36.24 16.51 40.87
N GLN B 747 35.84 16.00 42.03
CA GLN B 747 36.05 14.59 42.40
C GLN B 747 35.33 13.60 41.47
N ASP B 748 34.17 13.99 40.93
CA ASP B 748 33.41 13.16 39.99
C ASP B 748 34.11 13.01 38.64
N PHE B 749 34.72 14.10 38.15
CA PHE B 749 35.48 14.07 36.89
C PHE B 749 36.64 13.08 36.93
N SER B 750 37.36 13.06 38.06
CA SER B 750 38.44 12.09 38.28
C SER B 750 37.91 10.66 38.38
N GLU B 751 36.77 10.48 39.04
CA GLU B 751 36.14 9.16 39.20
C GLU B 751 35.69 8.55 37.86
N ILE B 752 35.19 9.39 36.94
CA ILE B 752 34.78 8.93 35.61
C ILE B 752 35.99 8.58 34.73
N THR B 753 37.00 9.46 34.73
CA THR B 753 38.21 9.26 33.91
C THR B 753 39.10 8.10 34.39
N ASN B 754 39.06 7.79 35.69
CA ASN B 754 39.72 6.59 36.23
C ASN B 754 39.04 5.31 35.78
N THR B 755 37.71 5.34 35.68
CA THR B 755 36.93 4.21 35.16
C THR B 755 37.19 3.98 33.67
N CYS B 756 37.29 5.05 32.90
CA CYS B 756 37.67 4.98 31.48
C CYS B 756 39.09 4.43 31.29
N LYS B 757 39.99 4.78 32.22
CA LYS B 757 41.35 4.22 32.25
C LYS B 757 41.31 2.73 32.63
N ALA B 758 40.48 2.39 33.62
CA ALA B 758 40.29 1.01 34.05
C ALA B 758 39.69 0.12 32.96
N ILE B 759 38.73 0.67 32.20
CA ILE B 759 38.09 -0.05 31.09
C ILE B 759 39.07 -0.23 29.91
N GLU B 760 39.88 0.79 29.63
CA GLU B 760 40.93 0.71 28.61
C GLU B 760 41.99 -0.34 28.97
N ALA B 761 42.25 -0.52 30.26
CA ALA B 761 43.21 -1.52 30.75
C ALA B 761 42.78 -2.98 30.49
N LEU B 762 41.47 -3.22 30.38
CA LEU B 762 40.94 -4.57 30.09
C LEU B 762 40.72 -4.79 28.57
N LYS B 763 41.68 -4.37 27.75
CA LYS B 763 41.62 -4.46 26.28
C LYS B 763 40.35 -3.85 25.69
N SER C 8 24.13 13.39 35.96
CA SER C 8 25.44 12.99 36.59
C SER C 8 26.34 12.24 35.60
N GLY C 9 25.79 11.20 34.98
CA GLY C 9 26.56 10.32 34.10
C GLY C 9 27.53 9.42 34.85
N MET C 10 27.18 9.11 36.10
CA MET C 10 28.01 8.29 36.98
C MET C 10 27.65 6.81 36.83
N GLU C 11 26.35 6.50 36.88
CA GLU C 11 25.88 5.12 36.83
C GLU C 11 26.01 4.44 35.45
N ARG C 12 26.10 5.23 34.38
CA ARG C 12 26.27 4.68 33.03
C ARG C 12 27.68 4.10 32.81
N ILE C 13 28.71 4.84 33.23
CA ILE C 13 30.10 4.39 33.13
C ILE C 13 30.40 3.27 34.13
N LYS C 14 29.73 3.30 35.28
CA LYS C 14 29.86 2.25 36.31
C LYS C 14 29.33 0.92 35.79
N GLU C 15 28.18 0.95 35.11
CA GLU C 15 27.60 -0.25 34.48
C GLU C 15 28.41 -0.78 33.31
N LEU C 16 29.03 0.12 32.53
CA LEU C 16 29.92 -0.27 31.42
C LEU C 16 31.16 -1.01 31.93
N MET C 17 31.71 -0.56 33.05
CA MET C 17 32.79 -1.27 33.75
C MET C 17 32.33 -2.67 34.16
N GLU C 18 31.14 -2.75 34.76
CA GLU C 18 30.52 -4.02 35.17
C GLU C 18 30.24 -4.95 33.99
N MET C 19 29.90 -4.38 32.83
CA MET C 19 29.71 -5.16 31.60
C MET C 19 31.05 -5.63 31.01
N VAL C 20 32.05 -4.74 31.01
CA VAL C 20 33.39 -5.09 30.53
C VAL C 20 34.07 -6.14 31.44
N LYS C 21 33.72 -6.18 32.73
CA LYS C 21 34.12 -7.28 33.62
C LYS C 21 33.67 -8.67 33.12
N ASN C 22 32.49 -8.73 32.50
CA ASN C 22 32.01 -9.96 31.85
C ASN C 22 32.82 -10.21 30.57
N SER C 23 33.40 -11.40 30.45
CA SER C 23 34.28 -11.75 29.33
C SER C 23 33.55 -11.96 28.00
N ARG C 24 32.24 -12.25 28.05
CA ARG C 24 31.41 -12.34 26.84
C ARG C 24 31.14 -10.95 26.29
N MET C 25 30.60 -10.07 27.12
CA MET C 25 30.17 -8.73 26.71
C MET C 25 31.33 -7.83 26.27
N ARG C 26 32.51 -8.01 26.88
CA ARG C 26 33.72 -7.26 26.46
C ARG C 26 34.18 -7.65 25.05
N GLU C 27 33.98 -8.92 24.69
CA GLU C 27 34.31 -9.42 23.35
C GLU C 27 33.42 -8.78 22.28
N ILE C 28 32.11 -8.77 22.53
CA ILE C 28 31.13 -8.18 21.59
C ILE C 28 31.34 -6.66 21.48
N LEU C 29 31.52 -5.99 22.61
CA LEU C 29 31.75 -4.53 22.62
C LEU C 29 33.03 -4.10 21.88
N THR C 30 34.08 -4.92 21.94
CA THR C 30 35.35 -4.61 21.26
C THR C 30 35.37 -5.04 19.79
N THR C 31 34.87 -6.25 19.50
CA THR C 31 34.91 -6.81 18.14
C THR C 31 33.96 -6.11 17.17
N THR C 32 32.70 -5.92 17.57
CA THR C 32 31.68 -5.36 16.69
C THR C 32 31.79 -3.83 16.62
N SER C 33 31.87 -3.32 15.39
CA SER C 33 32.04 -1.89 15.13
C SER C 33 30.71 -1.13 15.27
N VAL C 34 30.77 0.19 15.13
CA VAL C 34 29.58 1.05 15.20
C VAL C 34 28.63 0.78 14.03
N ASP C 35 29.17 0.62 12.82
CA ASP C 35 28.36 0.24 11.65
C ASP C 35 27.77 -1.16 11.77
N HIS C 36 28.54 -2.09 12.33
CA HIS C 36 28.07 -3.46 12.55
C HIS C 36 27.06 -3.59 13.69
N MET C 37 26.99 -2.60 14.58
CA MET C 37 26.04 -2.64 15.72
C MET C 37 24.57 -2.57 15.29
N ALA C 38 24.32 -1.94 14.13
CA ALA C 38 22.98 -1.91 13.54
C ALA C 38 22.48 -3.29 13.11
N VAL C 39 23.40 -4.17 12.71
CA VAL C 39 23.06 -5.56 12.33
C VAL C 39 22.76 -6.40 13.57
N ILE C 40 23.66 -6.40 14.55
CA ILE C 40 23.48 -7.19 15.77
C ILE C 40 22.34 -6.72 16.68
N LYS C 41 21.93 -5.46 16.54
CA LYS C 41 20.74 -4.95 17.24
C LYS C 41 19.46 -5.65 16.78
N LYS C 42 19.38 -5.96 15.49
CA LYS C 42 18.24 -6.68 14.90
C LYS C 42 18.39 -8.21 14.87
N TYR C 43 19.48 -8.74 15.42
CA TYR C 43 19.70 -10.19 15.53
C TYR C 43 18.65 -10.79 16.47
N THR C 44 17.89 -11.77 15.98
CA THR C 44 16.81 -12.36 16.78
C THR C 44 16.36 -13.75 16.31
N SER C 45 15.94 -14.55 17.27
CA SER C 45 15.24 -15.81 17.01
C SER C 45 13.81 -15.54 16.49
N GLY C 46 13.22 -14.43 16.93
CA GLY C 46 11.81 -14.13 16.70
C GLY C 46 11.42 -13.83 15.26
N ARG C 47 10.58 -14.70 14.69
CA ARG C 47 9.96 -14.47 13.38
C ARG C 47 8.97 -13.32 13.47
N GLN C 48 8.71 -12.69 12.33
CA GLN C 48 7.59 -11.76 12.21
C GLN C 48 6.33 -12.61 12.10
N GLU C 49 5.35 -12.35 12.97
CA GLU C 49 4.14 -13.17 13.06
C GLU C 49 3.33 -13.13 11.75
N LYS C 50 3.05 -14.32 11.21
CA LYS C 50 2.28 -14.47 9.97
C LYS C 50 0.80 -14.16 10.17
N ASN C 51 0.24 -14.64 11.28
CA ASN C 51 -1.18 -14.47 11.61
C ASN C 51 -1.33 -13.84 13.00
N PRO C 52 -1.18 -12.50 13.10
CA PRO C 52 -1.29 -11.83 14.40
C PRO C 52 -2.70 -11.90 15.01
N ALA C 53 -3.74 -11.87 14.18
CA ALA C 53 -5.12 -11.96 14.64
C ALA C 53 -5.41 -13.28 15.35
N LEU C 54 -4.91 -14.39 14.81
CA LEU C 54 -5.05 -15.71 15.43
C LEU C 54 -4.25 -15.79 16.73
N ARG C 55 -2.97 -15.43 16.66
CA ARG C 55 -2.08 -15.56 17.83
C ARG C 55 -2.58 -14.75 19.03
N MET C 56 -3.07 -13.54 18.79
CA MET C 56 -3.57 -12.70 19.88
C MET C 56 -4.80 -13.34 20.54
N LYS C 57 -5.68 -13.93 19.74
CA LYS C 57 -6.82 -14.65 20.29
C LYS C 57 -6.39 -15.89 21.08
N TRP C 58 -5.39 -16.59 20.58
CA TRP C 58 -4.78 -17.72 21.32
C TRP C 58 -4.15 -17.27 22.62
N MET C 59 -3.34 -16.22 22.55
CA MET C 59 -2.57 -15.72 23.70
C MET C 59 -3.41 -14.98 24.75
N MET C 60 -4.45 -14.25 24.34
CA MET C 60 -5.33 -13.57 25.32
C MET C 60 -6.17 -14.52 26.20
N ALA C 61 -6.24 -15.79 25.83
CA ALA C 61 -6.80 -16.83 26.72
C ALA C 61 -5.82 -17.25 27.82
N MET C 62 -4.52 -16.99 27.63
CA MET C 62 -3.48 -17.38 28.58
C MET C 62 -3.42 -16.39 29.75
N LYS C 63 -2.92 -16.88 30.88
CA LYS C 63 -2.81 -16.08 32.10
C LYS C 63 -1.80 -14.94 31.98
N TYR C 64 -0.65 -15.23 31.38
CA TYR C 64 0.46 -14.27 31.30
C TYR C 64 0.97 -14.11 29.85
N PRO C 65 0.18 -13.41 29.00
CA PRO C 65 0.52 -13.19 27.60
C PRO C 65 1.41 -11.98 27.29
N ILE C 66 1.45 -10.98 28.17
CA ILE C 66 2.20 -9.74 27.90
C ILE C 66 3.61 -9.81 28.48
N SER C 67 4.61 -9.40 27.71
CA SER C 67 5.99 -9.25 28.21
C SER C 67 6.23 -7.82 28.68
N ALA C 68 6.98 -7.67 29.76
CA ALA C 68 7.26 -6.36 30.36
C ALA C 68 8.63 -6.35 31.02
N SER C 69 9.20 -5.15 31.19
CA SER C 69 10.51 -4.98 31.83
C SER C 69 10.52 -5.60 33.22
N SER C 70 11.65 -6.22 33.59
CA SER C 70 11.79 -6.87 34.90
C SER C 70 11.52 -5.91 36.07
N ARG C 71 11.83 -4.63 35.89
CA ARG C 71 11.56 -3.59 36.90
C ARG C 71 10.06 -3.41 37.25
N ILE C 72 9.16 -4.02 36.48
CA ILE C 72 7.73 -4.12 36.86
C ILE C 72 7.52 -4.81 38.22
N ARG C 73 8.43 -5.71 38.59
CA ARG C 73 8.36 -6.43 39.85
C ARG C 73 8.60 -5.53 41.07
N GLU C 74 9.35 -4.45 40.87
CA GLU C 74 9.64 -3.47 41.94
C GLU C 74 8.55 -2.39 42.03
N MET C 75 7.81 -2.16 40.94
CA MET C 75 6.83 -1.07 40.85
C MET C 75 5.42 -1.45 41.31
N ILE C 76 4.85 -2.49 40.69
CA ILE C 76 3.50 -2.96 41.03
C ILE C 76 3.60 -4.21 41.91
N PRO C 77 2.54 -4.51 42.69
CA PRO C 77 2.58 -5.71 43.54
C PRO C 77 2.48 -7.02 42.74
N GLU C 78 2.84 -8.13 43.37
CA GLU C 78 2.75 -9.45 42.75
C GLU C 78 1.30 -9.90 42.61
N LYS C 79 0.48 -9.59 43.61
CA LYS C 79 -0.96 -9.85 43.56
C LYS C 79 -1.73 -8.59 43.94
N ASP C 80 -2.88 -8.38 43.30
CA ASP C 80 -3.71 -7.19 43.56
C ASP C 80 -4.72 -7.46 44.70
N GLU C 81 -5.74 -6.61 44.84
CA GLU C 81 -6.69 -6.71 45.95
C GLU C 81 -7.64 -7.91 45.83
N ASP C 82 -7.91 -8.32 44.59
CA ASP C 82 -8.79 -9.47 44.33
C ASP C 82 -8.02 -10.79 44.12
N GLY C 83 -6.72 -10.79 44.42
CA GLY C 83 -5.90 -11.99 44.33
C GLY C 83 -5.44 -12.39 42.94
N ASN C 84 -5.55 -11.48 41.97
CA ASN C 84 -5.08 -11.74 40.60
C ASN C 84 -3.57 -11.60 40.57
N THR C 85 -2.86 -12.62 40.08
CA THR C 85 -1.41 -12.52 39.88
C THR C 85 -1.11 -11.55 38.75
N LEU C 86 -0.37 -10.48 39.06
CA LEU C 86 -0.05 -9.42 38.10
C LEU C 86 1.19 -9.71 37.28
N TRP C 87 2.22 -10.28 37.91
CA TRP C 87 3.44 -10.69 37.20
C TRP C 87 3.98 -12.02 37.70
N THR C 88 4.81 -12.65 36.86
CA THR C 88 5.56 -13.86 37.20
C THR C 88 7.05 -13.62 36.97
N ASN C 89 7.87 -14.59 37.35
CA ASN C 89 9.33 -14.50 37.19
C ASN C 89 9.85 -15.13 35.90
N THR C 90 8.96 -15.68 35.07
CA THR C 90 9.37 -16.33 33.82
C THR C 90 9.92 -15.30 32.84
N LYS C 91 11.18 -15.47 32.41
CA LYS C 91 11.80 -14.57 31.45
C LYS C 91 11.23 -14.82 30.05
N ASP C 92 11.03 -13.74 29.29
CA ASP C 92 10.53 -13.81 27.93
C ASP C 92 11.66 -14.26 27.02
N ALA C 93 11.37 -15.23 26.14
CA ALA C 93 12.39 -15.85 25.28
C ALA C 93 13.27 -14.83 24.56
N GLY C 94 14.55 -14.78 24.93
CA GLY C 94 15.53 -13.90 24.29
C GLY C 94 15.69 -12.50 24.87
N SER C 95 15.20 -12.27 26.10
CA SER C 95 15.43 -11.00 26.79
C SER C 95 15.27 -11.14 28.31
N ASN C 96 15.54 -10.05 29.03
CA ASN C 96 15.36 -9.99 30.49
C ASN C 96 13.96 -9.53 30.91
N ARG C 97 13.02 -9.45 29.97
CA ARG C 97 11.65 -9.06 30.24
C ARG C 97 10.90 -10.25 30.84
N VAL C 98 9.86 -9.98 31.64
CA VAL C 98 9.10 -11.03 32.34
C VAL C 98 7.67 -11.13 31.84
N LEU C 99 7.07 -12.30 31.97
CA LEU C 99 5.70 -12.56 31.52
C LEU C 99 4.69 -12.04 32.55
N VAL C 100 3.64 -11.39 32.05
CA VAL C 100 2.78 -10.51 32.83
C VAL C 100 1.32 -10.69 32.41
N SER C 101 0.39 -10.50 33.36
CA SER C 101 -1.06 -10.56 33.10
C SER C 101 -1.58 -9.21 32.59
N PRO C 102 -2.71 -9.21 31.85
CA PRO C 102 -3.35 -7.93 31.52
C PRO C 102 -3.83 -7.13 32.74
N ASN C 103 -4.10 -7.82 33.85
CA ASN C 103 -4.44 -7.16 35.13
C ASN C 103 -3.34 -6.21 35.65
N ALA C 104 -2.09 -6.43 35.25
CA ALA C 104 -0.98 -5.52 35.55
C ALA C 104 -1.15 -4.16 34.88
N VAL C 105 -1.58 -4.17 33.62
CA VAL C 105 -1.84 -2.95 32.87
C VAL C 105 -2.99 -2.16 33.50
N THR C 106 -4.05 -2.88 33.93
CA THR C 106 -5.18 -2.25 34.59
C THR C 106 -4.80 -1.67 35.96
N TRP C 107 -4.01 -2.40 36.73
CA TRP C 107 -3.53 -1.93 38.05
C TRP C 107 -2.72 -0.65 37.92
N TRP C 108 -1.85 -0.59 36.91
CA TRP C 108 -1.07 0.61 36.63
C TRP C 108 -1.98 1.80 36.32
N ASN C 109 -2.98 1.59 35.48
CA ASN C 109 -3.84 2.69 35.03
C ASN C 109 -4.75 3.24 36.14
N ARG C 110 -5.02 2.43 37.17
CA ARG C 110 -5.84 2.87 38.31
C ARG C 110 -5.04 3.23 39.57
N ALA C 111 -3.93 2.53 39.82
CA ALA C 111 -3.14 2.70 41.05
C ALA C 111 -1.64 2.94 40.84
N GLY C 112 -1.22 3.19 39.60
CA GLY C 112 0.20 3.31 39.29
C GLY C 112 0.74 4.70 39.57
N PRO C 113 2.06 4.89 39.36
CA PRO C 113 2.65 6.22 39.58
C PRO C 113 2.16 7.25 38.57
N VAL C 114 1.77 8.43 39.07
CA VAL C 114 1.26 9.51 38.23
C VAL C 114 2.45 10.34 37.74
N SER C 115 2.35 10.86 36.52
CA SER C 115 3.39 11.74 35.96
C SER C 115 2.78 12.93 35.23
N ASP C 116 3.60 13.95 35.02
CA ASP C 116 3.18 15.17 34.34
C ASP C 116 3.24 14.95 32.85
N VAL C 117 2.09 15.04 32.18
CA VAL C 117 2.00 14.85 30.72
C VAL C 117 1.18 15.96 30.04
N VAL C 118 1.07 17.13 30.68
CA VAL C 118 0.18 18.20 30.19
C VAL C 118 0.60 18.81 28.84
N HIS C 119 1.89 18.75 28.51
CA HIS C 119 2.41 19.26 27.23
C HIS C 119 2.53 18.18 26.13
N TYR C 120 1.95 17.00 26.35
CA TYR C 120 1.87 15.94 25.33
C TYR C 120 1.11 16.34 24.05
N PRO C 121 0.05 17.17 24.17
CA PRO C 121 -0.62 17.69 22.97
C PRO C 121 0.24 18.56 22.04
N ARG C 122 1.40 19.04 22.52
CA ARG C 122 2.39 19.72 21.69
C ARG C 122 3.32 18.73 20.99
N VAL C 123 3.63 17.62 21.66
CA VAL C 123 4.42 16.52 21.06
C VAL C 123 3.59 15.81 19.99
N TYR C 124 2.34 15.46 20.33
CA TYR C 124 1.42 14.82 19.39
C TYR C 124 0.56 15.85 18.65
N LYS C 125 1.15 16.96 18.21
CA LYS C 125 0.39 18.09 17.64
C LYS C 125 -0.36 17.71 16.38
N MET C 126 0.25 16.86 15.54
CA MET C 126 -0.38 16.38 14.30
C MET C 126 -1.73 15.72 14.57
N TYR C 127 -1.81 14.93 15.64
CA TYR C 127 -3.07 14.27 16.02
C TYR C 127 -4.09 15.27 16.56
N PHE C 128 -3.71 16.07 17.56
CA PHE C 128 -4.63 17.02 18.21
C PHE C 128 -5.14 18.14 17.29
N ASP C 129 -4.38 18.47 16.25
CA ASP C 129 -4.84 19.40 15.20
C ASP C 129 -6.08 18.87 14.45
N ARG C 130 -6.17 17.56 14.27
CA ARG C 130 -7.31 16.94 13.57
C ARG C 130 -8.60 17.13 14.37
N LEU C 131 -8.50 16.92 15.69
CA LEU C 131 -9.62 17.12 16.60
C LEU C 131 -9.99 18.60 16.69
N GLU C 132 -8.99 19.48 16.72
CA GLU C 132 -9.21 20.94 16.72
C GLU C 132 -9.99 21.42 15.49
N ARG C 133 -9.64 20.88 14.31
CA ARG C 133 -10.38 21.17 13.08
C ARG C 133 -11.80 20.58 13.06
N LEU C 134 -11.97 19.40 13.65
CA LEU C 134 -13.28 18.75 13.72
C LEU C 134 -14.18 19.41 14.76
N THR C 135 -13.64 19.65 15.96
CA THR C 135 -14.35 20.31 17.07
C THR C 135 -14.90 21.68 16.68
N HIS C 136 -14.11 22.44 15.90
CA HIS C 136 -14.49 23.77 15.43
C HIS C 136 -15.04 23.77 13.99
N GLY C 137 -15.49 22.60 13.51
CA GLY C 137 -16.05 22.45 12.17
C GLY C 137 -17.53 22.76 12.17
N THR C 138 -18.05 23.08 10.99
CA THR C 138 -19.46 23.48 10.83
C THR C 138 -20.10 22.63 9.74
N PHE C 139 -21.17 21.91 10.10
CA PHE C 139 -21.89 21.05 9.15
C PHE C 139 -23.03 21.78 8.46
N GLY C 140 -23.10 21.63 7.13
CA GLY C 140 -24.25 22.07 6.34
C GLY C 140 -25.18 20.90 6.07
N PRO C 141 -26.11 21.05 5.11
CA PRO C 141 -27.04 19.97 4.77
C PRO C 141 -26.41 18.91 3.86
N VAL C 142 -27.07 17.75 3.79
CA VAL C 142 -26.66 16.65 2.93
C VAL C 142 -27.52 16.65 1.67
N LYS C 143 -26.89 16.83 0.52
CA LYS C 143 -27.55 16.70 -0.77
C LYS C 143 -27.25 15.32 -1.34
N PHE C 144 -28.22 14.76 -2.07
CA PHE C 144 -28.10 13.45 -2.70
C PHE C 144 -27.95 13.61 -4.22
N TYR C 145 -26.82 13.14 -4.76
CA TYR C 145 -26.61 13.07 -6.21
C TYR C 145 -25.39 12.22 -6.59
N ASN C 146 -25.31 11.84 -7.87
CA ASN C 146 -24.19 11.06 -8.40
C ASN C 146 -22.87 11.84 -8.30
N GLN C 147 -22.02 11.41 -7.34
CA GLN C 147 -20.78 12.11 -7.02
C GLN C 147 -19.64 11.55 -7.89
N VAL C 148 -19.14 12.37 -8.81
CA VAL C 148 -18.05 11.96 -9.70
C VAL C 148 -16.72 12.24 -8.99
N LYS C 149 -15.88 11.22 -8.89
CA LYS C 149 -14.64 11.29 -8.12
C LYS C 149 -13.42 11.07 -9.00
N VAL C 150 -12.57 12.09 -9.11
CA VAL C 150 -11.33 12.02 -9.88
C VAL C 150 -10.24 11.47 -8.97
N ARG C 151 -9.59 10.38 -9.40
CA ARG C 151 -8.44 9.81 -8.68
C ARG C 151 -7.23 10.69 -8.90
N LYS C 152 -6.78 11.34 -7.83
CA LYS C 152 -5.72 12.35 -7.90
C LYS C 152 -4.76 12.23 -6.71
N ARG C 153 -3.48 12.56 -6.96
CA ARG C 153 -2.50 12.66 -5.87
C ARG C 153 -2.79 13.92 -5.07
N VAL C 154 -2.93 13.76 -3.75
CA VAL C 154 -3.28 14.87 -2.85
C VAL C 154 -2.58 14.74 -1.51
N ASP C 155 -2.43 15.86 -0.81
CA ASP C 155 -1.79 15.90 0.50
C ASP C 155 -2.69 15.26 1.55
N ILE C 156 -2.07 14.48 2.45
CA ILE C 156 -2.77 13.81 3.56
C ILE C 156 -2.31 14.30 4.94
N ASN C 157 -1.46 15.33 4.96
CA ASN C 157 -0.79 15.79 6.16
C ASN C 157 -0.98 17.31 6.27
N PRO C 158 -2.17 17.75 6.74
CA PRO C 158 -2.43 19.20 6.85
C PRO C 158 -1.56 19.88 7.91
N GLY C 159 -1.20 21.14 7.65
CA GLY C 159 -0.32 21.89 8.55
C GLY C 159 1.13 21.43 8.53
N HIS C 160 1.56 20.82 7.42
CA HIS C 160 2.96 20.44 7.24
C HIS C 160 3.78 21.68 6.87
N LYS C 161 4.88 21.91 7.60
CA LYS C 161 5.83 22.96 7.26
C LYS C 161 6.81 22.36 6.27
N ASP C 162 6.63 22.69 4.99
CA ASP C 162 7.18 21.92 3.86
C ASP C 162 8.71 21.93 3.82
N LEU C 163 9.30 20.77 4.09
CA LEU C 163 10.75 20.54 4.00
C LEU C 163 11.02 19.19 3.37
N THR C 164 12.26 18.96 2.94
CA THR C 164 12.70 17.65 2.47
C THR C 164 12.94 16.75 3.68
N SER C 165 13.11 15.45 3.42
CA SER C 165 13.36 14.46 4.47
C SER C 165 14.68 14.75 5.21
N ARG C 166 15.70 15.14 4.46
CA ARG C 166 17.01 15.48 5.02
C ARG C 166 17.01 16.81 5.78
N GLU C 167 16.29 17.80 5.27
CA GLU C 167 16.10 19.08 5.98
C GLU C 167 15.36 18.90 7.30
N ALA C 168 14.28 18.10 7.27
CA ALA C 168 13.50 17.78 8.48
C ALA C 168 14.30 16.95 9.48
N GLN C 169 15.19 16.09 8.98
CA GLN C 169 16.11 15.31 9.84
C GLN C 169 17.04 16.21 10.66
N GLU C 170 17.57 17.25 10.03
CA GLU C 170 18.43 18.24 10.70
C GLU C 170 17.70 19.02 11.80
N VAL C 171 16.44 19.37 11.53
CA VAL C 171 15.59 20.11 12.48
C VAL C 171 15.31 19.24 13.71
N ILE C 172 14.90 18.00 13.46
CA ILE C 172 14.61 17.01 14.52
C ILE C 172 15.85 16.80 15.40
N MET C 173 16.99 16.61 14.76
CA MET C 173 18.27 16.41 15.47
C MET C 173 18.55 17.58 16.41
N GLU C 174 18.42 18.80 15.89
CA GLU C 174 18.63 20.03 16.68
C GLU C 174 17.73 20.15 17.93
N VAL C 175 16.49 19.66 17.84
CA VAL C 175 15.52 19.80 18.94
C VAL C 175 15.74 18.75 20.04
N VAL C 176 15.84 17.48 19.65
CA VAL C 176 15.92 16.36 20.62
C VAL C 176 17.32 15.78 20.85
N PHE C 177 18.20 15.85 19.85
CA PHE C 177 19.57 15.35 19.95
C PHE C 177 20.58 16.46 19.60
N PRO C 178 20.54 17.59 20.32
CA PRO C 178 21.33 18.78 19.95
C PRO C 178 22.85 18.55 19.96
N ASN C 179 23.32 17.68 20.86
CA ASN C 179 24.75 17.42 21.04
C ASN C 179 25.34 16.55 19.92
N GLU C 180 24.49 15.75 19.26
CA GLU C 180 24.94 14.80 18.23
C GLU C 180 24.59 15.20 16.79
N VAL C 181 24.53 16.51 16.53
CA VAL C 181 24.34 17.02 15.16
C VAL C 181 25.68 16.86 14.43
N GLY C 182 25.62 16.43 13.17
CA GLY C 182 26.82 16.12 12.40
C GLY C 182 27.57 17.33 11.87
N ALA C 183 28.23 17.16 10.73
CA ALA C 183 28.95 18.25 10.06
C ALA C 183 28.01 19.32 9.52
N ARG C 184 26.82 18.91 9.09
CA ARG C 184 25.83 19.84 8.51
C ARG C 184 25.19 20.75 9.56
N THR C 185 24.60 21.84 9.07
CA THR C 185 23.97 22.87 9.91
C THR C 185 22.63 23.31 9.31
N LEU C 186 21.90 24.14 10.05
CA LEU C 186 20.60 24.66 9.62
C LEU C 186 20.78 25.71 8.51
N SER C 187 20.43 25.32 7.28
CA SER C 187 20.64 26.16 6.10
C SER C 187 19.58 27.26 5.96
N SER C 188 18.32 26.85 5.86
CA SER C 188 17.20 27.78 5.59
C SER C 188 16.76 28.55 6.82
N ASP C 189 16.13 29.70 6.60
CA ASP C 189 15.49 30.48 7.68
C ASP C 189 14.19 29.84 8.16
N ALA C 190 13.57 29.00 7.31
CA ALA C 190 12.46 28.15 7.72
C ALA C 190 12.93 27.16 8.79
N GLN C 191 14.05 26.50 8.53
CA GLN C 191 14.63 25.51 9.45
C GLN C 191 15.00 26.11 10.82
N LEU C 192 15.53 27.33 10.83
CA LEU C 192 15.90 28.01 12.07
C LEU C 192 14.69 28.42 12.90
N THR C 193 13.68 29.00 12.26
CA THR C 193 12.45 29.45 12.93
C THR C 193 11.59 28.30 13.45
N ILE C 194 11.54 27.19 12.71
CA ILE C 194 10.83 25.97 13.16
C ILE C 194 11.52 25.37 14.39
N THR C 195 12.85 25.36 14.38
CA THR C 195 13.65 24.83 15.50
C THR C 195 13.48 25.65 16.79
N LYS C 196 13.47 26.99 16.67
CA LYS C 196 13.19 27.87 17.81
C LYS C 196 11.82 27.61 18.44
N GLU C 197 10.81 27.45 17.58
CA GLU C 197 9.43 27.16 18.01
C GLU C 197 9.31 25.77 18.66
N LYS C 198 9.92 24.77 18.03
CA LYS C 198 9.91 23.40 18.56
C LYS C 198 10.67 23.28 19.88
N LYS C 199 11.85 23.89 19.96
CA LYS C 199 12.62 23.92 21.21
C LYS C 199 11.85 24.56 22.36
N GLU C 200 11.16 25.67 22.07
CA GLU C 200 10.41 26.40 23.09
C GLU C 200 9.11 25.69 23.51
N GLU C 201 8.38 25.14 22.53
CA GLU C 201 7.13 24.41 22.79
C GLU C 201 7.36 23.11 23.58
N LEU C 202 8.39 22.36 23.20
CA LEU C 202 8.67 21.03 23.76
C LEU C 202 9.60 21.01 24.98
N LYS C 203 10.00 22.18 25.49
CA LYS C 203 10.94 22.25 26.64
C LYS C 203 10.34 21.67 27.92
N ASN C 204 11.15 20.90 28.65
CA ASN C 204 10.75 20.29 29.93
C ASN C 204 9.43 19.50 29.80
N CYS C 205 9.45 18.53 28.89
CA CYS C 205 8.31 17.65 28.63
C CYS C 205 8.79 16.21 28.77
N LYS C 206 8.47 15.58 29.90
CA LYS C 206 8.94 14.22 30.19
C LYS C 206 8.26 13.19 29.29
N ILE C 207 8.95 12.81 28.23
CA ILE C 207 8.47 11.83 27.27
C ILE C 207 9.67 11.30 26.49
N SER C 208 9.57 10.07 25.97
CA SER C 208 10.64 9.47 25.16
C SER C 208 11.02 10.37 23.98
N PRO C 209 12.32 10.72 23.86
CA PRO C 209 12.79 11.45 22.67
C PRO C 209 12.53 10.72 21.35
N ILE C 210 12.53 9.38 21.39
CA ILE C 210 12.20 8.54 20.24
C ILE C 210 10.81 8.91 19.69
N MET C 211 9.85 9.10 20.58
CA MET C 211 8.49 9.46 20.20
C MET C 211 8.38 10.90 19.66
N VAL C 212 9.18 11.81 20.21
CA VAL C 212 9.20 13.21 19.76
C VAL C 212 9.81 13.31 18.35
N ALA C 213 10.92 12.60 18.14
CA ALA C 213 11.53 12.47 16.82
C ALA C 213 10.56 11.91 15.78
N TYR C 214 9.81 10.88 16.18
CA TYR C 214 8.80 10.25 15.31
C TYR C 214 7.68 11.21 14.90
N MET C 215 7.06 11.86 15.89
CA MET C 215 5.93 12.78 15.62
C MET C 215 6.33 14.00 14.78
N LEU C 216 7.55 14.50 14.96
CA LEU C 216 8.08 15.59 14.14
C LEU C 216 8.32 15.15 12.69
N GLU C 217 8.91 13.96 12.50
CA GLU C 217 9.09 13.37 11.17
C GLU C 217 7.77 13.27 10.38
N ARG C 218 6.70 12.88 11.07
CA ARG C 218 5.37 12.76 10.46
C ARG C 218 4.74 14.14 10.24
N GLU C 219 4.92 15.05 11.19
CA GLU C 219 4.32 16.39 11.12
C GLU C 219 4.94 17.28 10.05
N LEU C 220 6.27 17.35 10.03
CA LEU C 220 6.99 18.31 9.18
C LEU C 220 6.99 17.93 7.70
N VAL C 221 7.30 16.68 7.39
CA VAL C 221 7.48 16.25 6.00
C VAL C 221 6.14 16.04 5.29
N ARG C 222 6.05 16.54 4.06
CA ARG C 222 4.87 16.40 3.21
C ARG C 222 4.72 14.95 2.75
N ARG C 223 3.51 14.42 2.86
CA ARG C 223 3.17 13.08 2.37
C ARG C 223 1.91 13.16 1.51
N THR C 224 1.86 12.34 0.46
CA THR C 224 0.74 12.32 -0.48
C THR C 224 0.20 10.91 -0.71
N ARG C 225 -1.02 10.83 -1.23
CA ARG C 225 -1.65 9.57 -1.63
C ARG C 225 -2.58 9.78 -2.82
N PHE C 226 -2.70 8.75 -3.67
CA PHE C 226 -3.73 8.72 -4.70
C PHE C 226 -5.05 8.35 -4.03
N LEU C 227 -5.99 9.29 -4.01
CA LEU C 227 -7.33 9.08 -3.48
C LEU C 227 -8.36 9.56 -4.49
N PRO C 228 -9.57 8.96 -4.49
CA PRO C 228 -10.68 9.54 -5.26
C PRO C 228 -11.32 10.71 -4.49
N ILE C 229 -11.19 11.92 -5.04
CA ILE C 229 -11.72 13.14 -4.40
C ILE C 229 -12.80 13.77 -5.28
N ALA C 230 -13.94 14.07 -4.66
CA ALA C 230 -14.96 14.94 -5.25
C ALA C 230 -14.84 16.27 -4.54
N GLY C 231 -14.79 17.35 -5.30
CA GLY C 231 -14.74 18.69 -4.73
C GLY C 231 -13.37 19.05 -4.17
N ALA C 232 -13.39 19.83 -3.09
CA ALA C 232 -12.18 20.44 -2.50
C ALA C 232 -11.06 19.43 -2.28
N THR C 233 -9.89 19.71 -2.86
CA THR C 233 -8.73 18.82 -2.80
C THR C 233 -7.67 19.22 -1.78
N SER C 234 -7.85 20.34 -1.08
CA SER C 234 -6.84 20.81 -0.13
C SER C 234 -6.78 19.89 1.09
N SER C 235 -5.65 19.95 1.80
CA SER C 235 -5.31 19.01 2.88
C SER C 235 -6.44 18.77 3.87
N THR C 236 -7.02 19.84 4.40
CA THR C 236 -8.04 19.76 5.44
C THR C 236 -9.39 19.16 4.98
N TYR C 237 -9.66 19.23 3.68
CA TYR C 237 -10.82 18.56 3.09
C TYR C 237 -10.51 17.10 2.73
N VAL C 238 -9.27 16.82 2.33
CA VAL C 238 -8.81 15.45 2.10
C VAL C 238 -8.82 14.64 3.40
N GLU C 239 -8.51 15.31 4.51
CA GLU C 239 -8.56 14.71 5.85
C GLU C 239 -9.91 14.06 6.16
N VAL C 240 -11.00 14.63 5.64
CA VAL C 240 -12.37 14.22 5.98
C VAL C 240 -13.20 13.71 4.79
N LEU C 241 -12.55 13.02 3.85
CA LEU C 241 -13.26 12.44 2.69
C LEU C 241 -14.31 11.41 3.08
N HIS C 242 -13.96 10.55 4.03
CA HIS C 242 -14.90 9.58 4.59
C HIS C 242 -16.18 10.23 5.11
N LEU C 243 -16.03 11.43 5.69
CA LEU C 243 -17.15 12.17 6.26
C LEU C 243 -17.93 13.01 5.25
N THR C 244 -17.26 13.57 4.24
CA THR C 244 -17.87 14.54 3.31
C THR C 244 -18.47 13.96 2.03
N GLN C 245 -17.98 12.80 1.58
CA GLN C 245 -18.48 12.17 0.34
C GLN C 245 -18.75 10.69 0.50
N GLY C 246 -19.82 10.22 -0.14
CA GLY C 246 -20.07 8.81 -0.36
C GLY C 246 -20.34 8.57 -1.83
N THR C 247 -20.97 7.44 -2.13
CA THR C 247 -21.29 7.09 -3.52
C THR C 247 -22.34 8.05 -4.11
N CYS C 248 -23.34 8.40 -3.30
CA CYS C 248 -24.50 9.17 -3.77
C CYS C 248 -24.82 10.41 -2.94
N TRP C 249 -23.86 10.91 -2.16
CA TRP C 249 -24.14 12.03 -1.25
C TRP C 249 -22.94 12.94 -1.00
N GLU C 250 -23.24 14.20 -0.68
CA GLU C 250 -22.25 15.19 -0.25
C GLU C 250 -22.69 15.81 1.08
N GLN C 251 -21.96 15.52 2.14
CA GLN C 251 -22.14 16.18 3.44
C GLN C 251 -21.30 17.46 3.42
N GLN C 252 -21.96 18.60 3.26
CA GLN C 252 -21.29 19.90 3.27
C GLN C 252 -20.69 20.17 4.66
N TYR C 253 -19.43 20.61 4.66
CA TYR C 253 -18.67 20.75 5.90
C TYR C 253 -17.51 21.70 5.68
N THR C 254 -17.40 22.69 6.56
CA THR C 254 -16.26 23.60 6.60
C THR C 254 -15.44 23.22 7.84
N PRO C 255 -14.18 22.79 7.66
CA PRO C 255 -13.31 22.54 8.81
C PRO C 255 -12.99 23.83 9.58
N GLY C 256 -12.61 23.66 10.85
CA GLY C 256 -12.16 24.78 11.68
C GLY C 256 -10.89 25.40 11.13
N GLY C 257 -10.62 26.63 11.56
CA GLY C 257 -9.47 27.38 11.07
C GLY C 257 -9.75 28.03 9.72
N GLU C 258 -8.81 28.87 9.30
CA GLU C 258 -8.97 29.70 8.11
C GLU C 258 -8.25 29.08 6.92
N ALA C 259 -8.81 29.28 5.73
CA ALA C 259 -8.22 28.77 4.49
C ALA C 259 -7.02 29.60 4.08
N GLU C 260 -6.00 28.96 3.50
CA GLU C 260 -4.81 29.65 3.02
C GLU C 260 -5.11 30.45 1.75
N ASN C 261 -4.41 31.56 1.56
CA ASN C 261 -4.62 32.45 0.41
C ASN C 261 -4.37 31.74 -0.93
N ASP C 262 -3.41 30.83 -0.95
CA ASP C 262 -3.10 30.01 -2.14
C ASP C 262 -4.33 29.25 -2.61
N ASP C 263 -4.98 28.55 -1.67
CA ASP C 263 -6.20 27.80 -1.96
C ASP C 263 -7.34 28.74 -2.36
N LEU C 264 -7.45 29.87 -1.69
CA LEU C 264 -8.49 30.87 -1.96
C LEU C 264 -8.33 31.58 -3.31
N ASP C 265 -7.09 31.85 -3.74
CA ASP C 265 -6.83 32.46 -5.05
C ASP C 265 -7.09 31.48 -6.20
N GLN C 266 -6.66 30.23 -6.02
CA GLN C 266 -6.87 29.16 -7.02
C GLN C 266 -8.36 28.89 -7.27
N THR C 267 -9.12 28.75 -6.19
CA THR C 267 -10.56 28.47 -6.26
C THR C 267 -11.41 29.67 -6.72
N LEU C 268 -10.96 30.88 -6.40
CA LEU C 268 -11.59 32.12 -6.90
C LEU C 268 -11.51 32.22 -8.42
N ILE C 269 -10.35 31.85 -8.97
CA ILE C 269 -10.14 31.82 -10.43
C ILE C 269 -11.07 30.79 -11.10
N ILE C 270 -11.18 29.61 -10.51
CA ILE C 270 -12.03 28.54 -11.05
C ILE C 270 -13.50 28.97 -10.98
N ALA C 271 -13.92 29.54 -9.84
CA ALA C 271 -15.30 30.02 -9.65
C ALA C 271 -15.69 31.09 -10.67
N SER C 272 -14.81 32.07 -10.87
CA SER C 272 -15.03 33.14 -11.85
C SER C 272 -15.09 32.61 -13.29
N ARG C 273 -14.15 31.73 -13.64
CA ARG C 273 -14.13 31.13 -14.98
C ARG C 273 -15.42 30.39 -15.30
N ASN C 274 -15.84 29.53 -14.36
CA ASN C 274 -17.11 28.80 -14.50
C ASN C 274 -18.31 29.74 -14.60
N ILE C 275 -18.28 30.84 -13.84
CA ILE C 275 -19.32 31.87 -13.91
C ILE C 275 -19.35 32.60 -15.27
N VAL C 276 -18.19 32.90 -15.83
CA VAL C 276 -18.10 33.58 -17.13
C VAL C 276 -18.48 32.64 -18.29
N ARG C 277 -17.99 31.39 -18.25
CA ARG C 277 -18.35 30.39 -19.27
C ARG C 277 -19.86 30.12 -19.33
N ARG C 278 -20.52 30.14 -18.18
CA ARG C 278 -21.97 29.98 -18.08
C ARG C 278 -22.73 31.18 -18.66
N SER C 279 -22.28 32.38 -18.33
CA SER C 279 -22.98 33.61 -18.70
C SER C 279 -23.01 33.88 -20.22
N ILE C 280 -21.92 33.55 -20.90
CA ILE C 280 -21.78 33.80 -22.35
C ILE C 280 -22.93 33.19 -23.16
N VAL C 281 -23.29 31.95 -22.85
CA VAL C 281 -24.34 31.22 -23.58
C VAL C 281 -25.79 31.53 -23.16
N ALA C 282 -25.98 32.43 -22.19
CA ALA C 282 -27.30 32.94 -21.82
C ALA C 282 -27.68 34.18 -22.66
N ILE C 283 -28.95 34.57 -22.57
CA ILE C 283 -29.49 35.70 -23.36
C ILE C 283 -29.01 37.06 -22.84
N ASP C 284 -28.90 37.21 -21.52
CA ASP C 284 -28.41 38.44 -20.89
C ASP C 284 -27.24 38.13 -19.93
N PRO C 285 -26.03 37.91 -20.49
CA PRO C 285 -24.82 37.53 -19.74
C PRO C 285 -24.52 38.34 -18.47
N LEU C 286 -24.62 39.66 -18.54
CA LEU C 286 -24.26 40.52 -17.42
C LEU C 286 -25.22 40.37 -16.24
N ALA C 287 -26.51 40.20 -16.52
CA ALA C 287 -27.51 39.93 -15.46
C ALA C 287 -27.31 38.54 -14.85
N SER C 288 -26.98 37.56 -15.70
CA SER C 288 -26.70 36.20 -15.25
C SER C 288 -25.42 36.10 -14.43
N LEU C 289 -24.37 36.79 -14.88
CA LEU C 289 -23.10 36.86 -14.15
C LEU C 289 -23.29 37.52 -12.78
N LEU C 290 -24.02 38.63 -12.76
CA LEU C 290 -24.35 39.34 -11.51
C LEU C 290 -25.22 38.49 -10.57
N SER C 291 -26.20 37.79 -11.14
CA SER C 291 -27.07 36.87 -10.38
C SER C 291 -26.24 35.79 -9.67
N MET C 292 -25.31 35.18 -10.40
CA MET C 292 -24.43 34.15 -9.85
C MET C 292 -23.42 34.70 -8.84
N CYS C 293 -22.87 35.90 -9.09
CA CYS C 293 -21.89 36.52 -8.18
C CYS C 293 -22.43 36.77 -6.76
N HIS C 294 -23.67 37.21 -6.66
CA HIS C 294 -24.29 37.48 -5.35
C HIS C 294 -24.73 36.21 -4.61
N THR C 295 -25.06 35.15 -5.36
CA THR C 295 -25.43 33.85 -4.76
C THR C 295 -24.25 32.93 -4.42
N THR C 296 -23.14 33.06 -5.16
CA THR C 296 -22.01 32.14 -5.00
C THR C 296 -21.21 32.40 -3.73
N SER C 297 -20.73 31.32 -3.11
CA SER C 297 -19.83 31.41 -1.97
C SER C 297 -18.67 30.42 -2.13
N ILE C 298 -17.53 30.77 -1.53
CA ILE C 298 -16.35 29.93 -1.51
C ILE C 298 -15.92 29.72 -0.06
N SER C 299 -15.83 28.44 0.34
CA SER C 299 -15.54 28.05 1.73
C SER C 299 -16.55 28.68 2.71
N SER C 300 -17.81 28.78 2.27
CA SER C 300 -18.91 29.46 2.98
C SER C 300 -18.89 31.02 2.94
N GLU C 301 -17.76 31.62 2.53
CA GLU C 301 -17.66 33.08 2.40
C GLU C 301 -18.27 33.52 1.05
N PRO C 302 -19.19 34.53 1.05
CA PRO C 302 -19.77 35.02 -0.20
C PRO C 302 -18.73 35.53 -1.22
N LEU C 303 -19.02 35.33 -2.50
CA LEU C 303 -18.06 35.63 -3.57
C LEU C 303 -17.77 37.13 -3.77
N VAL C 304 -18.73 37.99 -3.42
CA VAL C 304 -18.61 39.42 -3.69
C VAL C 304 -17.60 40.09 -2.75
N GLU C 305 -17.64 39.75 -1.46
CA GLU C 305 -16.68 40.31 -0.49
C GLU C 305 -15.26 39.76 -0.70
N ILE C 306 -15.14 38.57 -1.27
CA ILE C 306 -13.85 38.03 -1.72
C ILE C 306 -13.31 38.91 -2.84
N LEU C 307 -14.14 39.19 -3.85
CA LEU C 307 -13.76 40.07 -4.96
C LEU C 307 -13.43 41.51 -4.55
N ARG C 308 -14.02 41.99 -3.47
CA ARG C 308 -13.71 43.32 -2.91
C ARG C 308 -12.34 43.40 -2.21
N SER C 309 -11.91 42.30 -1.59
CA SER C 309 -10.65 42.26 -0.82
C SER C 309 -9.49 41.50 -1.49
N ASN C 310 -9.79 40.57 -2.40
CA ASN C 310 -8.76 39.72 -3.01
C ASN C 310 -8.18 40.38 -4.27
N PRO C 311 -6.84 40.50 -4.36
CA PRO C 311 -6.22 41.23 -5.48
C PRO C 311 -5.80 40.38 -6.69
N THR C 312 -6.44 39.22 -6.91
CA THR C 312 -6.08 38.32 -8.00
C THR C 312 -6.29 38.98 -9.37
N ASP C 313 -5.27 38.90 -10.23
CA ASP C 313 -5.32 39.45 -11.58
C ASP C 313 -5.44 38.29 -12.57
N GLU C 314 -6.65 38.13 -13.10
CA GLU C 314 -6.98 37.04 -14.02
C GLU C 314 -8.22 37.48 -14.82
N GLN C 315 -8.28 37.10 -16.09
CA GLN C 315 -9.29 37.64 -17.01
C GLN C 315 -10.75 37.44 -16.55
N ALA C 316 -11.09 36.23 -16.12
CA ALA C 316 -12.44 35.93 -15.60
C ALA C 316 -12.78 36.65 -14.29
N VAL C 317 -11.82 36.71 -13.37
CA VAL C 317 -11.98 37.45 -12.10
C VAL C 317 -12.19 38.94 -12.37
N ASN C 318 -11.42 39.49 -13.30
CA ASN C 318 -11.51 40.91 -13.67
C ASN C 318 -12.83 41.28 -14.34
N ILE C 319 -13.39 40.37 -15.14
CA ILE C 319 -14.74 40.55 -15.70
C ILE C 319 -15.81 40.57 -14.58
N CYS C 320 -15.62 39.76 -13.55
CA CYS C 320 -16.50 39.78 -12.37
C CYS C 320 -16.32 41.05 -11.54
N LYS C 321 -15.07 41.46 -11.35
CA LYS C 321 -14.76 42.74 -10.68
C LYS C 321 -15.32 43.94 -11.46
N ALA C 322 -15.21 43.90 -12.79
CA ALA C 322 -15.72 44.97 -13.65
C ALA C 322 -17.24 45.07 -13.66
N ALA C 323 -17.92 43.92 -13.66
CA ALA C 323 -19.39 43.87 -13.58
C ALA C 323 -19.96 44.41 -12.27
N LEU C 324 -19.20 44.26 -11.18
CA LEU C 324 -19.57 44.79 -9.86
C LEU C 324 -19.00 46.20 -9.58
N GLY C 325 -18.23 46.74 -10.51
CA GLY C 325 -17.63 48.07 -10.37
C GLY C 325 -16.46 48.14 -9.40
N ILE C 326 -15.71 47.05 -9.28
CA ILE C 326 -14.57 46.94 -8.37
C ILE C 326 -13.30 47.17 -9.19
N ARG C 327 -12.33 47.87 -8.62
CA ARG C 327 -11.06 48.14 -9.30
C ARG C 327 -10.32 46.85 -9.65
N ILE C 328 -10.00 46.68 -10.92
CA ILE C 328 -9.18 45.57 -11.39
C ILE C 328 -7.77 45.80 -10.89
N ASN C 329 -7.16 44.78 -10.28
CA ASN C 329 -5.74 44.85 -9.88
C ASN C 329 -4.91 44.83 -11.15
N ASN C 330 -4.78 46.02 -11.75
CA ASN C 330 -4.21 46.21 -13.07
C ASN C 330 -2.70 46.48 -13.00
N SER C 331 -2.18 46.71 -11.80
CA SER C 331 -0.83 47.25 -11.63
C SER C 331 0.00 46.53 -10.57
N PHE C 332 1.29 46.85 -10.58
CA PHE C 332 2.27 46.31 -9.63
C PHE C 332 3.54 47.18 -9.71
N SER C 333 4.56 46.84 -8.93
CA SER C 333 5.84 47.57 -8.93
C SER C 333 7.02 46.63 -9.10
N PHE C 334 8.09 47.15 -9.69
CA PHE C 334 9.32 46.38 -9.91
C PHE C 334 10.48 47.31 -10.22
N GLY C 335 11.48 47.32 -9.34
CA GLY C 335 12.63 48.23 -9.46
C GLY C 335 12.33 49.68 -9.14
N GLY C 336 11.23 49.93 -8.42
CA GLY C 336 10.81 51.29 -8.09
C GLY C 336 10.06 52.01 -9.18
N TYR C 337 9.42 51.26 -10.09
CA TYR C 337 8.60 51.82 -11.17
C TYR C 337 7.23 51.14 -11.14
N ASN C 338 6.17 51.94 -11.24
CA ASN C 338 4.79 51.41 -11.25
C ASN C 338 4.39 50.98 -12.67
N PHE C 339 4.29 49.67 -12.87
CA PHE C 339 3.80 49.08 -14.13
C PHE C 339 2.27 49.03 -14.11
N LYS C 340 1.65 49.51 -15.19
CA LYS C 340 0.19 49.54 -15.34
C LYS C 340 -0.18 48.98 -16.71
N ARG C 341 -0.80 47.80 -16.73
CA ARG C 341 -1.16 47.13 -17.99
C ARG C 341 -2.32 47.84 -18.69
N VAL C 342 -2.13 48.22 -19.95
CA VAL C 342 -3.20 48.85 -20.76
C VAL C 342 -3.77 47.95 -21.86
N LYS C 343 -3.08 46.87 -22.22
CA LYS C 343 -3.57 45.87 -23.17
C LYS C 343 -2.98 44.48 -22.91
N GLY C 344 -3.70 43.44 -23.34
CA GLY C 344 -3.22 42.06 -23.25
C GLY C 344 -3.56 41.39 -21.93
N SER C 345 -2.79 40.34 -21.60
CA SER C 345 -3.01 39.57 -20.37
C SER C 345 -1.79 38.73 -19.97
N SER C 346 -1.63 38.54 -18.66
CA SER C 346 -0.49 37.81 -18.09
C SER C 346 -0.84 36.33 -17.86
N GLN C 347 -0.11 35.44 -18.52
CA GLN C 347 -0.24 33.99 -18.36
C GLN C 347 1.05 33.43 -17.76
N ARG C 348 0.91 32.70 -16.65
CA ARG C 348 2.05 32.30 -15.81
C ARG C 348 2.58 30.92 -16.22
N THR C 349 3.89 30.75 -16.14
CA THR C 349 4.55 29.46 -16.44
C THR C 349 5.93 29.37 -15.78
N GLU C 350 6.02 28.71 -14.63
CA GLU C 350 7.29 28.56 -13.93
C GLU C 350 8.17 27.51 -14.61
N LYS C 351 9.37 27.92 -15.04
CA LYS C 351 10.34 27.04 -15.69
C LYS C 351 11.77 27.43 -15.33
N ALA C 352 12.68 26.46 -15.41
CA ALA C 352 14.10 26.68 -15.10
C ALA C 352 14.89 26.95 -16.39
N VAL C 353 15.74 27.97 -16.36
CA VAL C 353 16.55 28.38 -17.53
C VAL C 353 18.01 28.58 -17.12
N LEU C 354 18.92 28.30 -18.05
CA LEU C 354 20.37 28.45 -17.83
C LEU C 354 20.84 29.87 -18.15
N THR C 355 21.69 30.41 -17.27
CA THR C 355 22.33 31.72 -17.48
C THR C 355 23.64 31.56 -18.26
N GLY C 356 24.38 32.65 -18.43
CA GLY C 356 25.74 32.60 -19.00
C GLY C 356 26.76 31.84 -18.16
N ASN C 357 26.52 31.76 -16.84
CA ASN C 357 27.37 31.01 -15.91
C ASN C 357 26.89 29.56 -15.68
N LEU C 358 26.00 29.05 -16.55
CA LEU C 358 25.47 27.68 -16.47
C LEU C 358 24.72 27.38 -15.17
N GLN C 359 24.04 28.40 -14.63
CA GLN C 359 23.31 28.30 -13.37
C GLN C 359 21.80 28.16 -13.65
N THR C 360 21.25 26.99 -13.31
CA THR C 360 19.83 26.72 -13.51
C THR C 360 19.01 27.39 -12.40
N LEU C 361 18.03 28.20 -12.79
CA LEU C 361 17.20 28.98 -11.85
C LEU C 361 15.74 29.01 -12.28
N THR C 362 14.84 28.63 -11.36
CA THR C 362 13.41 28.56 -11.64
C THR C 362 12.76 29.96 -11.63
N MET C 363 12.39 30.43 -12.82
CA MET C 363 11.77 31.75 -13.03
C MET C 363 10.28 31.59 -13.29
N THR C 364 9.46 32.44 -12.67
CA THR C 364 8.02 32.51 -12.99
C THR C 364 7.83 33.38 -14.23
N ILE C 365 8.13 32.80 -15.39
CA ILE C 365 8.14 33.51 -16.67
C ILE C 365 6.71 33.79 -17.17
N PHE C 366 6.51 35.00 -17.70
CA PHE C 366 5.21 35.44 -18.22
C PHE C 366 5.18 35.32 -19.74
N GLU C 367 3.99 35.01 -20.28
CA GLU C 367 3.80 34.78 -21.71
C GLU C 367 2.58 35.55 -22.24
N GLY C 368 2.48 35.64 -23.57
CA GLY C 368 1.43 36.41 -24.24
C GLY C 368 1.82 37.85 -24.52
N TYR C 369 1.10 38.49 -25.43
CA TYR C 369 1.35 39.89 -25.79
C TYR C 369 0.74 40.83 -24.74
N GLU C 370 1.56 41.68 -24.15
CA GLU C 370 1.12 42.67 -23.16
C GLU C 370 1.63 44.07 -23.50
N GLU C 371 0.95 45.08 -22.94
CA GLU C 371 1.32 46.48 -23.06
C GLU C 371 1.22 47.16 -21.70
N PHE C 372 2.30 47.82 -21.27
CA PHE C 372 2.34 48.54 -20.00
C PHE C 372 2.62 50.02 -20.22
N ASN C 373 1.93 50.87 -19.45
CA ASN C 373 2.35 52.27 -19.24
C ASN C 373 3.14 52.27 -17.93
N VAL C 374 4.47 52.34 -18.04
CA VAL C 374 5.37 52.29 -16.89
C VAL C 374 5.73 53.72 -16.48
N SER C 375 5.89 53.95 -15.17
CA SER C 375 6.25 55.27 -14.64
C SER C 375 6.75 55.15 -13.20
N GLY C 376 7.89 55.81 -12.92
CA GLY C 376 8.53 55.73 -11.61
C GLY C 376 8.98 57.08 -11.08
N LYS C 377 10.28 57.21 -10.83
CA LYS C 377 10.83 58.36 -10.09
C LYS C 377 10.80 59.63 -10.94
N ARG C 378 11.70 59.70 -11.93
CA ARG C 378 11.89 60.89 -12.75
C ARG C 378 11.86 60.52 -14.25
N ALA C 379 11.18 59.42 -14.58
CA ALA C 379 11.18 58.88 -15.93
C ALA C 379 10.01 57.90 -16.14
N SER C 380 9.51 57.84 -17.37
CA SER C 380 8.39 56.95 -17.73
C SER C 380 8.64 56.27 -19.07
N ALA C 381 7.90 55.19 -19.33
CA ALA C 381 8.02 54.42 -20.57
C ALA C 381 6.69 53.78 -21.00
N VAL C 382 6.62 53.39 -22.27
CA VAL C 382 5.50 52.63 -22.83
C VAL C 382 6.04 51.29 -23.34
N LEU C 383 5.92 50.24 -22.52
CA LEU C 383 6.46 48.92 -22.84
C LEU C 383 5.50 48.07 -23.66
N LYS C 384 6.04 47.41 -24.68
CA LYS C 384 5.34 46.34 -25.42
C LYS C 384 6.19 45.09 -25.25
N LYS C 385 5.56 44.01 -24.77
CA LYS C 385 6.28 42.79 -24.37
C LYS C 385 5.60 41.55 -24.93
N GLY C 386 6.41 40.52 -25.19
CA GLY C 386 5.93 39.18 -25.51
C GLY C 386 6.59 38.17 -24.58
N ALA C 387 6.45 36.89 -24.92
CA ALA C 387 7.08 35.81 -24.16
C ALA C 387 8.60 35.86 -24.37
N GLN C 388 9.32 36.29 -23.34
CA GLN C 388 10.78 36.48 -23.40
C GLN C 388 11.20 37.40 -24.56
N ARG C 389 10.46 38.50 -24.72
CA ARG C 389 10.65 39.44 -25.83
C ARG C 389 10.36 40.89 -25.42
N LEU C 390 11.29 41.80 -25.73
CA LEU C 390 11.04 43.23 -25.64
C LEU C 390 10.66 43.71 -27.05
N ILE C 391 9.37 43.78 -27.31
CA ILE C 391 8.87 44.16 -28.63
C ILE C 391 9.19 45.64 -28.91
N GLN C 392 8.80 46.52 -28.00
CA GLN C 392 9.18 47.94 -28.07
C GLN C 392 9.08 48.64 -26.73
N ALA C 393 10.02 49.54 -26.46
CA ALA C 393 10.00 50.39 -25.26
C ALA C 393 10.35 51.83 -25.66
N ILE C 394 9.37 52.72 -25.57
CA ILE C 394 9.58 54.15 -25.78
C ILE C 394 9.72 54.80 -24.40
N ILE C 395 10.91 55.33 -24.10
CA ILE C 395 11.24 55.83 -22.76
C ILE C 395 11.55 57.34 -22.80
N GLY C 396 11.17 58.04 -21.74
CA GLY C 396 11.46 59.47 -21.57
C GLY C 396 11.68 59.81 -20.10
N GLY C 397 12.36 60.91 -19.85
CA GLY C 397 12.63 61.32 -18.46
C GLY C 397 13.42 62.61 -18.33
N ARG C 398 13.60 63.05 -17.08
CA ARG C 398 14.28 64.30 -16.78
C ARG C 398 15.79 64.25 -17.03
N THR C 399 16.40 63.07 -16.92
CA THR C 399 17.84 62.90 -17.10
C THR C 399 18.13 61.65 -17.93
N LEU C 400 19.30 61.62 -18.58
CA LEU C 400 19.73 60.45 -19.34
C LEU C 400 19.93 59.22 -18.45
N GLU C 401 20.53 59.43 -17.27
CA GLU C 401 20.67 58.35 -16.28
C GLU C 401 19.33 57.76 -15.82
N ASP C 402 18.34 58.62 -15.58
CA ASP C 402 16.99 58.18 -15.19
C ASP C 402 16.31 57.36 -16.30
N ILE C 403 16.49 57.77 -17.55
CA ILE C 403 16.01 57.01 -18.71
C ILE C 403 16.73 55.66 -18.78
N LEU C 404 18.05 55.70 -18.76
CA LEU C 404 18.88 54.48 -18.81
C LEU C 404 18.62 53.52 -17.64
N ASN C 405 18.41 54.05 -16.45
CA ASN C 405 18.08 53.22 -15.29
C ASN C 405 16.74 52.51 -15.47
N LEU C 406 15.75 53.21 -16.01
CA LEU C 406 14.47 52.60 -16.38
C LEU C 406 14.67 51.59 -17.51
N MET C 407 15.47 51.93 -18.51
CA MET C 407 15.77 51.04 -19.64
C MET C 407 16.31 49.69 -19.15
N ILE C 408 17.28 49.72 -18.24
CA ILE C 408 17.88 48.49 -17.67
C ILE C 408 16.80 47.66 -16.96
N THR C 409 15.92 48.32 -16.21
CA THR C 409 14.81 47.64 -15.52
C THR C 409 13.86 46.93 -16.50
N LEU C 410 13.54 47.59 -17.61
CA LEU C 410 12.68 47.01 -18.65
C LEU C 410 13.35 45.83 -19.36
N MET C 411 14.62 45.98 -19.72
CA MET C 411 15.39 44.91 -20.37
C MET C 411 15.44 43.63 -19.54
N VAL C 412 15.55 43.77 -18.22
CA VAL C 412 15.47 42.63 -17.29
C VAL C 412 14.03 42.12 -17.16
N PHE C 413 13.07 43.04 -17.11
CA PHE C 413 11.64 42.71 -17.05
C PHE C 413 11.13 41.96 -18.31
N SER C 414 11.78 42.16 -19.44
CA SER C 414 11.43 41.45 -20.68
C SER C 414 11.68 39.94 -20.63
N GLN C 415 12.71 39.53 -19.86
CA GLN C 415 13.11 38.12 -19.71
C GLN C 415 13.64 37.51 -21.01
N GLU C 416 14.42 38.29 -21.76
CA GLU C 416 15.02 37.83 -23.02
C GLU C 416 16.14 36.81 -22.75
N GLU C 417 16.40 35.95 -23.73
CA GLU C 417 17.55 35.04 -23.69
C GLU C 417 18.89 35.77 -23.86
N LYS C 418 18.84 36.96 -24.47
CA LYS C 418 20.00 37.86 -24.57
C LYS C 418 20.59 38.16 -23.19
N MET C 419 19.75 38.67 -22.30
CA MET C 419 20.19 39.15 -20.99
C MET C 419 20.54 38.03 -20.01
N LEU C 420 19.91 36.87 -20.16
CA LEU C 420 20.23 35.70 -19.33
C LEU C 420 21.63 35.17 -19.67
N LYS C 421 21.91 35.02 -20.96
CA LYS C 421 23.22 34.57 -21.45
C LYS C 421 24.35 35.58 -21.20
N ALA C 422 24.01 36.85 -21.05
CA ALA C 422 24.99 37.91 -20.76
C ALA C 422 25.39 38.05 -19.27
N VAL C 423 24.82 37.23 -18.39
CA VAL C 423 25.19 37.24 -16.96
C VAL C 423 26.54 36.54 -16.77
N ARG C 424 27.46 37.19 -16.06
CA ARG C 424 28.78 36.61 -15.74
C ARG C 424 28.89 36.41 -14.22
N GLY C 425 29.15 35.18 -13.80
CA GLY C 425 29.27 34.82 -12.37
C GLY C 425 27.98 34.28 -11.76
N ASP C 426 28.01 34.04 -10.45
CA ASP C 426 26.86 33.52 -9.70
C ASP C 426 26.03 34.64 -9.10
N LEU C 427 24.73 34.38 -8.94
CA LEU C 427 23.76 35.37 -8.46
C LEU C 427 23.39 35.11 -6.99
N ASN C 428 23.87 35.98 -6.10
CA ASN C 428 23.63 35.87 -4.66
C ASN C 428 23.44 37.25 -4.03
N PHE C 429 22.23 37.52 -3.52
CA PHE C 429 21.91 38.77 -2.83
C PHE C 429 21.06 38.52 -1.58
N VAL C 430 20.98 39.53 -0.71
CA VAL C 430 20.17 39.49 0.51
C VAL C 430 18.97 40.42 0.34
N ASN C 434 18.20 38.88 7.27
CA ASN C 434 18.78 38.32 6.06
C ASN C 434 17.66 37.78 5.15
N GLN C 435 16.77 38.68 4.75
CA GLN C 435 15.65 38.35 3.86
C GLN C 435 16.15 38.29 2.40
N ARG C 436 16.15 37.08 1.83
CA ARG C 436 16.55 36.89 0.42
C ARG C 436 15.40 37.23 -0.52
N LEU C 437 15.70 38.00 -1.57
CA LEU C 437 14.69 38.42 -2.55
C LEU C 437 14.47 37.38 -3.65
N ASN C 438 13.33 37.51 -4.33
CA ASN C 438 12.94 36.60 -5.43
C ASN C 438 13.89 36.72 -6.64
N PRO C 439 13.94 35.69 -7.51
CA PRO C 439 14.99 35.62 -8.55
C PRO C 439 14.97 36.68 -9.68
N MET C 440 13.89 37.44 -9.82
CA MET C 440 13.86 38.59 -10.76
C MET C 440 14.78 39.72 -10.30
N TYR C 441 14.78 39.98 -8.99
CA TYR C 441 15.66 40.99 -8.39
C TYR C 441 17.15 40.58 -8.35
N GLN C 442 17.44 39.29 -8.48
CA GLN C 442 18.82 38.80 -8.57
C GLN C 442 19.48 39.20 -9.89
N LEU C 443 18.72 39.07 -10.99
CA LEU C 443 19.18 39.53 -12.32
C LEU C 443 19.24 41.06 -12.43
N LEU C 444 18.27 41.74 -11.83
CA LEU C 444 18.20 43.21 -11.84
C LEU C 444 19.38 43.85 -11.13
N ARG C 445 19.59 43.46 -9.87
CA ARG C 445 20.68 43.99 -9.04
C ARG C 445 22.06 43.67 -9.61
N HIS C 446 22.19 42.51 -10.27
CA HIS C 446 23.40 42.17 -11.02
C HIS C 446 23.65 43.17 -12.15
N PHE C 447 22.61 43.43 -12.95
CA PHE C 447 22.74 44.34 -14.10
C PHE C 447 22.69 45.83 -13.74
N GLN C 448 22.11 46.18 -12.60
CA GLN C 448 22.16 47.58 -12.11
C GLN C 448 23.58 48.00 -11.72
N LYS C 449 24.36 47.09 -11.15
CA LYS C 449 25.75 47.37 -10.75
C LYS C 449 26.68 47.48 -11.97
N ASP C 450 26.61 46.48 -12.85
CA ASP C 450 27.43 46.45 -14.07
C ASP C 450 26.60 45.88 -15.23
N SER C 451 26.52 46.63 -16.33
CA SER C 451 25.78 46.22 -17.53
C SER C 451 26.64 46.37 -18.79
N SER C 452 27.91 46.01 -18.69
CA SER C 452 28.83 46.12 -19.83
C SER C 452 28.58 45.04 -20.87
N THR C 453 28.42 43.80 -20.42
CA THR C 453 28.15 42.66 -21.31
C THR C 453 26.69 42.64 -21.81
N LEU C 454 25.77 43.10 -20.97
CA LEU C 454 24.34 43.17 -21.33
C LEU C 454 24.11 43.93 -22.63
N LEU C 455 24.68 45.13 -22.70
CA LEU C 455 24.47 46.05 -23.82
C LEU C 455 25.23 45.61 -25.08
N LYS C 456 26.41 45.01 -24.89
CA LYS C 456 27.20 44.44 -26.00
C LYS C 456 26.48 43.26 -26.64
N ASN C 457 25.92 42.38 -25.80
CA ASN C 457 25.19 41.19 -26.28
C ASN C 457 23.72 41.45 -26.64
N TRP C 458 23.15 42.59 -26.23
CA TRP C 458 21.74 42.92 -26.53
C TRP C 458 21.52 43.06 -28.03
N GLY C 459 22.33 43.88 -28.67
CA GLY C 459 22.29 44.06 -30.12
C GLY C 459 21.66 45.37 -30.54
N THR C 460 22.08 45.86 -31.70
CA THR C 460 21.67 47.14 -32.24
C THR C 460 20.75 46.89 -33.44
N GLU C 461 19.87 47.85 -33.71
CA GLU C 461 19.04 47.84 -34.92
C GLU C 461 19.02 49.23 -35.55
N GLU C 462 18.83 49.27 -36.86
CA GLU C 462 18.70 50.53 -37.59
C GLU C 462 17.23 50.97 -37.61
N ILE C 463 16.99 52.28 -37.46
CA ILE C 463 15.65 52.87 -37.52
C ILE C 463 15.62 54.07 -38.47
N ASP C 464 14.41 54.43 -38.90
CA ASP C 464 14.21 55.59 -39.76
C ASP C 464 14.22 56.85 -38.88
N PRO C 465 14.87 57.94 -39.35
CA PRO C 465 14.90 59.16 -38.56
C PRO C 465 13.53 59.84 -38.47
N ILE C 466 12.87 59.64 -37.33
CA ILE C 466 11.61 60.30 -37.00
C ILE C 466 11.89 61.48 -36.07
N MET C 467 11.17 62.58 -36.26
CA MET C 467 11.31 63.77 -35.40
C MET C 467 10.66 63.47 -34.05
N GLY C 468 11.41 63.66 -32.97
CA GLY C 468 10.95 63.35 -31.61
C GLY C 468 11.53 62.07 -31.03
N ILE C 469 11.84 61.10 -31.89
CA ILE C 469 12.42 59.82 -31.48
C ILE C 469 13.93 59.81 -31.74
N ALA C 470 14.65 59.11 -30.87
CA ALA C 470 16.09 58.91 -31.01
C ALA C 470 16.53 57.63 -30.33
N GLY C 471 17.59 57.02 -30.84
CA GLY C 471 18.10 55.76 -30.32
C GLY C 471 19.16 55.92 -29.26
N ILE C 472 19.35 54.86 -28.48
CA ILE C 472 20.33 54.81 -27.40
C ILE C 472 21.28 53.64 -27.69
N MET C 473 22.56 53.95 -27.87
CA MET C 473 23.56 52.96 -28.24
C MET C 473 24.11 52.24 -27.00
N PRO C 474 24.83 51.11 -27.21
CA PRO C 474 25.47 50.41 -26.08
C PRO C 474 26.43 51.27 -25.25
N ASP C 475 27.21 52.13 -25.91
CA ASP C 475 28.14 53.03 -25.22
C ASP C 475 27.47 54.07 -24.28
N GLY C 476 26.26 54.51 -24.64
CA GLY C 476 25.55 55.55 -23.89
C GLY C 476 25.17 56.79 -24.72
N THR C 477 25.75 56.90 -25.91
CA THR C 477 25.46 57.98 -26.85
C THR C 477 24.02 57.96 -27.35
N ILE C 478 23.50 59.13 -27.71
CA ILE C 478 22.22 59.23 -28.41
C ILE C 478 22.54 59.24 -29.89
N ASN C 479 22.05 58.23 -30.60
CA ASN C 479 22.14 58.15 -32.06
C ASN C 479 20.73 58.34 -32.63
N LYS C 480 20.64 58.90 -33.83
CA LYS C 480 19.36 59.20 -34.47
C LYS C 480 18.79 57.99 -35.22
N THR C 481 19.66 57.33 -36.00
CA THR C 481 19.26 56.23 -36.88
C THR C 481 19.71 54.83 -36.42
N GLN C 482 20.31 54.73 -35.23
CA GLN C 482 20.69 53.45 -34.63
C GLN C 482 20.25 53.40 -33.17
N THR C 483 19.95 52.20 -32.68
CA THR C 483 19.41 52.03 -31.34
C THR C 483 19.48 50.57 -30.89
N LEU C 484 19.48 50.36 -29.57
CA LEU C 484 19.38 49.01 -29.02
C LEU C 484 18.05 48.36 -29.42
N MET C 485 18.08 47.05 -29.67
CA MET C 485 16.89 46.27 -30.06
C MET C 485 15.68 46.58 -29.19
N GLY C 486 14.67 47.23 -29.79
CA GLY C 486 13.41 47.53 -29.13
C GLY C 486 13.30 48.89 -28.46
N VAL C 487 14.43 49.48 -28.08
CA VAL C 487 14.44 50.70 -27.28
C VAL C 487 14.33 51.95 -28.17
N ARG C 488 13.47 52.88 -27.77
CA ARG C 488 13.36 54.21 -28.38
C ARG C 488 13.30 55.22 -27.25
N LEU C 489 13.97 56.37 -27.43
CA LEU C 489 13.92 57.47 -26.46
C LEU C 489 13.13 58.63 -27.03
N SER C 490 12.29 59.25 -26.20
CA SER C 490 11.46 60.38 -26.64
C SER C 490 10.90 61.17 -25.47
N GLN C 491 10.95 62.50 -25.58
CA GLN C 491 10.45 63.42 -24.56
C GLN C 491 9.11 64.03 -24.98
N ILE C 503 -7.31 55.09 -14.62
CA ILE C 503 -7.82 54.53 -15.87
C ILE C 503 -9.17 53.85 -15.62
N ARG C 504 -10.25 54.49 -16.08
CA ARG C 504 -11.60 53.94 -15.94
C ARG C 504 -11.87 52.77 -16.90
N VAL C 505 -12.91 52.00 -16.59
CA VAL C 505 -13.32 50.85 -17.40
C VAL C 505 -14.85 50.78 -17.54
N ASN C 506 -15.31 50.03 -18.52
CA ASN C 506 -16.74 49.85 -18.78
C ASN C 506 -17.04 48.47 -19.37
N ILE C 507 -18.18 47.90 -18.98
CA ILE C 507 -18.57 46.53 -19.35
C ILE C 507 -19.99 46.51 -19.90
N ASP C 508 -20.14 45.97 -21.11
CA ASP C 508 -21.42 45.96 -21.83
C ASP C 508 -22.25 44.73 -21.48
N LYS C 509 -23.40 44.57 -22.14
CA LYS C 509 -24.31 43.43 -21.94
C LYS C 509 -23.63 42.07 -22.15
N TYR C 510 -22.73 41.98 -23.13
CA TYR C 510 -22.03 40.74 -23.48
C TYR C 510 -20.63 40.60 -22.86
N LEU C 511 -20.44 41.20 -21.67
CA LEU C 511 -19.25 40.99 -20.83
C LEU C 511 -17.89 41.40 -21.43
N ARG C 512 -17.90 42.26 -22.45
CA ARG C 512 -16.67 42.78 -23.05
C ARG C 512 -16.24 43.98 -22.22
N VAL C 513 -15.02 43.93 -21.67
CA VAL C 513 -14.49 45.03 -20.86
C VAL C 513 -13.67 45.96 -21.75
N ARG C 514 -13.96 47.26 -21.68
CA ARG C 514 -13.31 48.28 -22.50
C ARG C 514 -12.89 49.48 -21.66
N ASN C 515 -12.09 50.37 -22.27
CA ASN C 515 -11.61 51.61 -21.64
C ASN C 515 -12.42 52.83 -22.12
N GLU C 516 -12.11 54.01 -21.57
CA GLU C 516 -12.73 55.28 -21.97
C GLU C 516 -12.70 55.56 -23.49
N LYS C 517 -11.60 55.15 -24.14
CA LYS C 517 -11.43 55.30 -25.59
C LYS C 517 -12.31 54.33 -26.40
N GLY C 518 -12.65 53.17 -25.81
CA GLY C 518 -13.49 52.16 -26.45
C GLY C 518 -12.72 51.01 -27.09
N GLU C 519 -11.55 50.69 -26.53
CA GLU C 519 -10.70 49.59 -27.01
C GLU C 519 -10.88 48.37 -26.09
N LEU C 520 -10.68 47.18 -26.65
CA LEU C 520 -10.93 45.93 -25.94
C LEU C 520 -9.81 45.60 -24.95
N LEU C 521 -10.15 45.52 -23.67
CA LEU C 521 -9.21 45.16 -22.60
C LEU C 521 -9.31 43.69 -22.23
N ILE C 522 -10.53 43.21 -21.99
CA ILE C 522 -10.80 41.81 -21.62
C ILE C 522 -11.98 41.27 -22.43
N SER C 523 -11.85 40.04 -22.92
CA SER C 523 -12.89 39.35 -23.69
C SER C 523 -13.31 38.05 -22.99
N PRO C 524 -14.63 37.72 -22.97
CA PRO C 524 -15.05 36.43 -22.41
C PRO C 524 -14.58 35.22 -23.24
N GLU C 525 -14.51 35.39 -24.55
CA GLU C 525 -14.01 34.35 -25.47
C GLU C 525 -12.56 33.98 -25.18
N GLU C 526 -11.76 34.98 -24.79
CA GLU C 526 -10.33 34.79 -24.51
C GLU C 526 -10.02 34.43 -23.05
N VAL C 527 -11.04 33.96 -22.30
CA VAL C 527 -10.84 33.40 -20.96
C VAL C 527 -10.28 31.99 -21.10
N SER C 528 -9.36 31.61 -20.21
CA SER C 528 -8.70 30.31 -20.28
C SER C 528 -9.70 29.17 -20.05
N GLU C 529 -9.65 28.17 -20.93
CA GLU C 529 -10.56 27.03 -20.88
C GLU C 529 -10.09 25.89 -19.96
N ALA C 530 -8.87 26.02 -19.41
CA ALA C 530 -8.35 25.05 -18.44
C ALA C 530 -9.16 25.09 -17.15
N GLN C 531 -9.80 23.97 -16.82
CA GLN C 531 -10.68 23.90 -15.65
C GLN C 531 -9.86 23.71 -14.36
N GLY C 532 -9.38 22.50 -14.10
CA GLY C 532 -8.70 22.17 -12.84
C GLY C 532 -9.67 22.07 -11.67
N GLN C 533 -9.33 21.22 -10.70
CA GLN C 533 -10.22 20.93 -9.57
C GLN C 533 -9.98 21.90 -8.41
N GLU C 534 -11.05 22.47 -7.89
CA GLU C 534 -11.00 23.46 -6.81
C GLU C 534 -10.32 22.95 -5.52
N LYS C 535 -9.58 23.83 -4.85
CA LYS C 535 -8.92 23.52 -3.57
C LYS C 535 -9.88 23.69 -2.39
N LEU C 536 -10.79 24.66 -2.51
CA LEU C 536 -11.83 24.91 -1.50
C LEU C 536 -13.20 24.72 -2.14
N PRO C 537 -14.24 24.41 -1.34
CA PRO C 537 -15.55 24.14 -1.92
C PRO C 537 -16.24 25.39 -2.48
N ILE C 538 -16.81 25.25 -3.67
CA ILE C 538 -17.62 26.31 -4.30
C ILE C 538 -19.08 25.87 -4.24
N ASN C 539 -19.95 26.78 -3.78
CA ASN C 539 -21.39 26.57 -3.83
C ASN C 539 -22.03 27.74 -4.59
N TYR C 540 -22.42 27.49 -5.84
CA TYR C 540 -23.23 28.44 -6.60
C TYR C 540 -24.69 28.19 -6.17
N ASN C 541 -25.24 29.07 -5.35
CA ASN C 541 -26.65 28.94 -4.92
C ASN C 541 -27.55 29.55 -5.99
N SER C 542 -27.50 28.97 -7.19
CA SER C 542 -28.07 29.58 -8.39
C SER C 542 -28.92 28.58 -9.18
N SER C 543 -30.05 29.07 -9.69
CA SER C 543 -30.91 28.29 -10.59
C SER C 543 -30.29 28.16 -11.99
N LEU C 544 -29.37 29.06 -12.33
CA LEU C 544 -28.61 28.98 -13.59
C LEU C 544 -27.62 27.80 -13.62
N MET C 545 -27.19 27.36 -12.43
CA MET C 545 -26.22 26.26 -12.29
C MET C 545 -26.92 25.01 -11.78
N TRP C 546 -26.30 23.84 -12.01
CA TRP C 546 -26.78 22.58 -11.44
C TRP C 546 -26.28 22.40 -10.00
N GLU C 547 -26.87 21.43 -9.30
CA GLU C 547 -26.57 21.18 -7.88
C GLU C 547 -25.09 20.98 -7.55
N VAL C 548 -24.38 20.26 -8.42
CA VAL C 548 -22.97 19.90 -8.18
C VAL C 548 -22.08 20.69 -9.16
N ASN C 549 -20.84 20.93 -8.74
CA ASN C 549 -19.87 21.64 -9.56
C ASN C 549 -19.29 20.72 -10.64
N GLY C 550 -18.71 21.34 -11.68
CA GLY C 550 -17.92 20.61 -12.68
C GLY C 550 -18.69 20.11 -13.88
N PRO C 551 -17.97 19.62 -14.91
CA PRO C 551 -18.52 19.25 -16.21
C PRO C 551 -19.21 17.88 -16.29
N GLU C 552 -18.74 16.90 -15.52
CA GLU C 552 -19.38 15.58 -15.49
C GLU C 552 -20.80 15.68 -14.90
N SER C 553 -20.95 16.54 -13.90
CA SER C 553 -22.25 16.89 -13.32
C SER C 553 -23.22 17.48 -14.34
N ILE C 554 -22.72 18.40 -15.17
CA ILE C 554 -23.51 19.02 -16.24
C ILE C 554 -24.07 17.97 -17.21
N LEU C 555 -23.24 17.00 -17.62
CA LEU C 555 -23.68 15.92 -18.49
C LEU C 555 -24.76 15.07 -17.83
N THR C 556 -24.45 14.57 -16.63
CA THR C 556 -25.37 13.67 -15.92
C THR C 556 -26.70 14.34 -15.56
N ASN C 557 -26.66 15.56 -15.00
CA ASN C 557 -27.90 16.27 -14.63
C ASN C 557 -28.78 16.64 -15.82
N THR C 558 -28.15 17.02 -16.94
CA THR C 558 -28.87 17.37 -18.17
C THR C 558 -29.59 16.15 -18.75
N TYR C 559 -28.92 15.01 -18.83
CA TYR C 559 -29.54 13.78 -19.36
C TYR C 559 -30.53 13.15 -18.38
N HIS C 560 -30.28 13.30 -17.07
CA HIS C 560 -31.25 12.90 -16.04
C HIS C 560 -32.55 13.70 -16.17
N TRP C 561 -32.40 15.02 -16.36
CA TRP C 561 -33.53 15.94 -16.50
C TRP C 561 -34.41 15.64 -17.72
N ILE C 562 -33.79 15.25 -18.84
CA ILE C 562 -34.54 14.90 -20.06
C ILE C 562 -35.39 13.64 -19.84
N ILE C 563 -34.79 12.63 -19.18
CA ILE C 563 -35.50 11.37 -18.89
C ILE C 563 -36.66 11.59 -17.92
N LYS C 564 -36.42 12.39 -16.86
CA LYS C 564 -37.44 12.69 -15.86
C LYS C 564 -38.64 13.42 -16.45
N ASN C 565 -38.37 14.42 -17.29
CA ASN C 565 -39.41 15.20 -17.96
C ASN C 565 -39.62 14.76 -19.43
N TRP C 566 -39.42 13.48 -19.72
CA TRP C 566 -39.45 12.98 -21.10
C TRP C 566 -40.83 13.07 -21.76
N GLU C 567 -41.88 12.76 -21.00
CA GLU C 567 -43.25 12.76 -21.55
C GLU C 567 -43.68 14.17 -21.98
N LEU C 568 -43.28 15.18 -21.21
CA LEU C 568 -43.54 16.57 -21.55
C LEU C 568 -42.71 17.03 -22.75
N LEU C 569 -41.42 16.71 -22.74
CA LEU C 569 -40.48 17.15 -23.78
C LEU C 569 -40.63 16.40 -25.11
N LYS C 570 -41.14 15.16 -25.07
CA LYS C 570 -41.38 14.37 -26.30
C LYS C 570 -42.53 14.95 -27.14
N THR C 571 -43.63 15.32 -26.48
CA THR C 571 -44.75 15.97 -27.16
C THR C 571 -44.41 17.40 -27.57
N GLN C 572 -43.58 18.08 -26.75
CA GLN C 572 -43.02 19.39 -27.10
C GLN C 572 -42.05 19.30 -28.29
N TRP C 573 -41.37 18.16 -28.43
CA TRP C 573 -40.55 17.85 -29.62
C TRP C 573 -41.39 17.70 -30.88
N MET C 574 -42.54 17.03 -30.75
CA MET C 574 -43.46 16.82 -31.89
C MET C 574 -44.12 18.12 -32.36
N THR C 575 -44.78 18.82 -31.43
CA THR C 575 -45.59 20.00 -31.75
C THR C 575 -44.74 21.24 -32.05
N ASP C 576 -44.11 21.81 -31.02
CA ASP C 576 -43.38 23.09 -31.13
C ASP C 576 -41.90 22.90 -30.71
N PRO C 577 -41.05 22.42 -31.63
CA PRO C 577 -39.65 22.12 -31.29
C PRO C 577 -38.73 23.33 -31.03
N THR C 578 -39.05 24.50 -31.59
CA THR C 578 -38.23 25.70 -31.39
C THR C 578 -38.22 26.20 -29.93
N VAL C 579 -39.27 25.89 -29.18
CA VAL C 579 -39.33 26.21 -27.74
C VAL C 579 -38.58 25.15 -26.94
N LEU C 580 -38.62 23.89 -27.40
CA LEU C 580 -37.84 22.80 -26.80
C LEU C 580 -36.34 23.06 -26.93
N TYR C 581 -35.90 23.32 -28.15
CA TYR C 581 -34.48 23.59 -28.42
C TYR C 581 -33.93 24.76 -27.61
N ASN C 582 -34.74 25.81 -27.43
CA ASN C 582 -34.33 27.01 -26.67
C ASN C 582 -34.62 26.95 -25.16
N ARG C 583 -34.81 25.74 -24.60
CA ARG C 583 -34.95 25.56 -23.15
C ARG C 583 -33.67 25.99 -22.41
N ILE C 584 -33.85 26.71 -21.29
CA ILE C 584 -32.73 27.23 -20.50
C ILE C 584 -31.91 26.15 -19.78
N GLU C 585 -32.50 24.97 -19.58
CA GLU C 585 -31.82 23.85 -18.93
C GLU C 585 -30.70 23.22 -19.78
N PHE C 586 -30.70 23.49 -21.10
CA PHE C 586 -29.61 23.06 -21.99
C PHE C 586 -28.40 24.00 -22.04
N GLU C 587 -28.47 25.15 -21.39
CA GLU C 587 -27.38 26.14 -21.45
C GLU C 587 -26.06 25.69 -20.81
N PRO C 588 -26.10 25.03 -19.63
CA PRO C 588 -24.85 24.51 -19.06
C PRO C 588 -24.14 23.49 -19.97
N PHE C 589 -24.92 22.61 -20.60
CA PHE C 589 -24.41 21.64 -21.59
C PHE C 589 -23.60 22.33 -22.70
N GLN C 590 -24.07 23.49 -23.14
CA GLN C 590 -23.42 24.28 -24.20
C GLN C 590 -22.00 24.77 -23.88
N THR C 591 -21.68 24.94 -22.60
CA THR C 591 -20.31 25.31 -22.20
C THR C 591 -19.29 24.20 -22.52
N LEU C 592 -19.76 22.95 -22.54
CA LEU C 592 -18.91 21.78 -22.82
C LEU C 592 -18.66 21.60 -24.32
N ILE C 593 -19.50 22.19 -25.17
CA ILE C 593 -19.32 22.15 -26.61
C ILE C 593 -18.31 23.24 -26.98
N PRO C 594 -17.44 22.99 -27.97
CA PRO C 594 -16.56 24.08 -28.45
C PRO C 594 -17.35 25.23 -29.08
N LYS C 595 -16.99 26.46 -28.75
CA LYS C 595 -17.67 27.68 -29.24
C LYS C 595 -17.97 27.64 -30.74
N GLY C 596 -16.95 27.33 -31.53
CA GLY C 596 -17.07 27.24 -32.98
C GLY C 596 -18.01 26.15 -33.48
N ASN C 597 -18.03 25.02 -32.77
CA ASN C 597 -18.85 23.87 -33.15
C ASN C 597 -20.35 23.98 -32.83
N ARG C 598 -20.72 24.85 -31.88
CA ARG C 598 -22.10 24.92 -31.38
C ARG C 598 -23.15 25.10 -32.48
N ALA C 599 -22.86 26.00 -33.44
CA ALA C 599 -23.80 26.33 -34.52
C ALA C 599 -24.01 25.18 -35.51
N ILE C 600 -22.91 24.63 -36.01
CA ILE C 600 -22.96 23.51 -36.98
C ILE C 600 -23.54 22.23 -36.35
N TYR C 601 -23.21 22.00 -35.07
CA TYR C 601 -23.80 20.89 -34.28
C TYR C 601 -25.31 21.04 -34.14
N SER C 602 -25.77 22.27 -33.89
CA SER C 602 -27.20 22.58 -33.83
C SER C 602 -27.86 22.44 -35.21
N GLY C 603 -27.15 22.87 -36.25
CA GLY C 603 -27.60 22.67 -37.63
C GLY C 603 -27.77 21.19 -37.98
N PHE C 604 -26.77 20.39 -37.61
CA PHE C 604 -26.78 18.95 -37.87
C PHE C 604 -27.88 18.24 -37.08
N THR C 605 -27.96 18.54 -35.79
CA THR C 605 -28.95 17.93 -34.90
C THR C 605 -30.39 18.19 -35.35
N ARG C 606 -30.70 19.44 -35.66
CA ARG C 606 -32.07 19.84 -36.06
C ARG C 606 -32.47 19.25 -37.41
N THR C 607 -31.53 19.19 -38.35
CA THR C 607 -31.74 18.51 -39.63
C THR C 607 -32.03 17.02 -39.40
N LEU C 608 -31.22 16.37 -38.55
CA LEU C 608 -31.42 14.97 -38.18
C LEU C 608 -32.75 14.72 -37.47
N PHE C 609 -33.18 15.67 -36.63
CA PHE C 609 -34.47 15.54 -35.94
C PHE C 609 -35.67 15.66 -36.88
N GLN C 610 -35.65 16.62 -37.81
CA GLN C 610 -36.74 16.81 -38.77
C GLN C 610 -36.83 15.65 -39.76
N GLN C 611 -35.71 15.01 -40.08
CA GLN C 611 -35.72 13.76 -40.85
C GLN C 611 -36.54 12.67 -40.15
N MET C 612 -36.39 12.56 -38.84
CA MET C 612 -37.16 11.61 -38.03
C MET C 612 -38.65 11.93 -38.05
N ARG C 613 -39.00 13.22 -38.07
CA ARG C 613 -40.39 13.67 -38.22
C ARG C 613 -40.95 13.43 -39.63
N ASP C 614 -40.15 13.74 -40.65
CA ASP C 614 -40.57 13.62 -42.06
C ASP C 614 -40.66 12.17 -42.52
N VAL C 615 -39.61 11.37 -42.24
CA VAL C 615 -39.62 9.94 -42.56
C VAL C 615 -40.45 9.22 -41.49
N GLU C 616 -41.73 9.01 -41.80
CA GLU C 616 -42.68 8.44 -40.85
C GLU C 616 -42.40 6.95 -40.64
N GLY C 617 -42.60 6.49 -39.40
CA GLY C 617 -42.25 5.12 -38.99
C GLY C 617 -40.98 5.10 -38.15
N THR C 618 -39.93 5.75 -38.64
CA THR C 618 -38.65 5.82 -37.93
C THR C 618 -38.71 6.81 -36.77
N PHE C 619 -38.72 6.28 -35.55
CA PHE C 619 -38.70 7.09 -34.33
C PHE C 619 -37.86 6.39 -33.27
N ASP C 620 -36.79 7.05 -32.84
CA ASP C 620 -35.88 6.53 -31.83
C ASP C 620 -35.83 7.51 -30.67
N SER C 621 -36.39 7.10 -29.52
CA SER C 621 -36.44 7.94 -28.32
C SER C 621 -35.05 8.22 -27.75
N ILE C 622 -34.20 7.19 -27.76
CA ILE C 622 -32.83 7.28 -27.25
C ILE C 622 -32.00 8.27 -28.07
N GLN C 623 -32.12 8.18 -29.39
CA GLN C 623 -31.41 9.08 -30.32
C GLN C 623 -31.83 10.54 -30.17
N ILE C 624 -33.10 10.78 -29.86
CA ILE C 624 -33.59 12.13 -29.58
C ILE C 624 -32.97 12.62 -28.27
N ILE C 625 -33.10 11.82 -27.22
CA ILE C 625 -32.57 12.16 -25.88
C ILE C 625 -31.07 12.45 -25.93
N LYS C 626 -30.33 11.60 -26.65
CA LYS C 626 -28.88 11.72 -26.80
C LYS C 626 -28.45 13.06 -27.41
N LEU C 627 -29.05 13.39 -28.55
CA LEU C 627 -28.67 14.59 -29.30
C LEU C 627 -29.38 15.87 -28.88
N LEU C 628 -30.43 15.77 -28.06
CA LEU C 628 -31.29 16.92 -27.73
C LEU C 628 -30.57 18.16 -27.19
N PRO C 629 -29.57 17.98 -26.28
CA PRO C 629 -28.85 19.15 -25.74
C PRO C 629 -28.03 19.97 -26.77
N PHE C 630 -27.64 19.33 -27.87
CA PHE C 630 -26.84 19.99 -28.91
C PHE C 630 -27.66 20.98 -29.78
N SER C 631 -28.99 20.91 -29.69
CA SER C 631 -29.88 21.83 -30.39
C SER C 631 -29.83 23.27 -29.89
N ALA C 632 -29.49 23.49 -28.62
CA ALA C 632 -29.66 24.79 -27.97
C ALA C 632 -28.64 25.86 -28.40
N HIS C 633 -28.72 26.26 -29.67
CA HIS C 633 -27.89 27.33 -30.23
C HIS C 633 -28.48 27.74 -31.58
N PRO C 634 -28.30 29.02 -31.98
CA PRO C 634 -28.70 29.38 -33.36
C PRO C 634 -27.98 28.52 -34.41
N PRO C 635 -28.73 27.74 -35.21
CA PRO C 635 -28.12 26.75 -36.11
C PRO C 635 -27.49 27.35 -37.37
N SER C 636 -26.45 26.68 -37.85
CA SER C 636 -25.76 27.05 -39.08
C SER C 636 -26.37 26.30 -40.26
N LEU C 637 -26.20 26.87 -41.46
CA LEU C 637 -26.72 26.29 -42.69
C LEU C 637 -25.74 25.33 -43.38
N GLY C 638 -24.58 25.07 -42.76
CA GLY C 638 -23.58 24.18 -43.34
C GLY C 638 -24.05 22.74 -43.53
N ARG C 639 -23.33 22.02 -44.38
CA ARG C 639 -23.69 20.64 -44.78
C ARG C 639 -22.60 19.61 -44.43
N THR C 640 -21.82 19.85 -43.37
CA THR C 640 -20.79 18.89 -42.94
C THR C 640 -21.43 17.68 -42.26
N GLN C 641 -20.79 16.53 -42.41
CA GLN C 641 -21.22 15.29 -41.76
C GLN C 641 -20.48 15.11 -40.44
N PHE C 642 -21.12 14.39 -39.51
CA PHE C 642 -20.53 14.12 -38.20
C PHE C 642 -20.82 12.67 -37.75
N SER C 643 -19.76 11.92 -37.48
CA SER C 643 -19.87 10.62 -36.80
C SER C 643 -19.83 10.78 -35.27
N SER C 644 -19.45 11.97 -34.80
CA SER C 644 -19.50 12.31 -33.38
C SER C 644 -19.59 13.81 -33.13
N PHE C 645 -20.04 14.16 -31.92
CA PHE C 645 -19.90 15.51 -31.39
C PHE C 645 -18.84 15.50 -30.30
N THR C 646 -17.97 16.51 -30.31
CA THR C 646 -16.92 16.65 -29.32
C THR C 646 -17.44 17.36 -28.07
N LEU C 647 -16.99 16.91 -26.90
CA LEU C 647 -17.32 17.53 -25.61
C LEU C 647 -16.06 17.68 -24.76
N ASN C 648 -15.82 18.90 -24.26
CA ASN C 648 -14.65 19.18 -23.42
C ASN C 648 -14.96 18.87 -21.96
N ILE C 649 -14.36 17.81 -21.43
CA ILE C 649 -14.57 17.34 -20.06
C ILE C 649 -13.23 17.29 -19.33
N ARG C 650 -13.03 18.21 -18.38
CA ARG C 650 -11.80 18.30 -17.58
C ARG C 650 -10.53 18.33 -18.45
N GLY C 651 -10.52 19.25 -19.41
CA GLY C 651 -9.38 19.43 -20.31
C GLY C 651 -9.45 18.58 -21.57
N ALA C 652 -9.50 17.26 -21.40
CA ALA C 652 -9.50 16.32 -22.52
C ALA C 652 -10.78 16.39 -23.35
N PRO C 653 -10.68 16.21 -24.69
CA PRO C 653 -11.89 16.10 -25.49
C PRO C 653 -12.45 14.68 -25.48
N LEU C 654 -13.76 14.55 -25.29
CA LEU C 654 -14.46 13.28 -25.42
C LEU C 654 -15.34 13.37 -26.65
N ARG C 655 -15.60 12.22 -27.27
CA ARG C 655 -16.39 12.15 -28.50
C ARG C 655 -17.65 11.32 -28.29
N LEU C 656 -18.78 12.00 -28.16
CA LEU C 656 -20.09 11.37 -28.16
C LEU C 656 -20.46 11.00 -29.59
N LEU C 657 -20.57 9.70 -29.87
CA LEU C 657 -20.89 9.20 -31.21
C LEU C 657 -22.35 9.45 -31.56
N ILE C 658 -22.60 9.64 -32.86
CA ILE C 658 -23.95 9.92 -33.37
C ILE C 658 -24.77 8.63 -33.48
N ARG C 659 -24.14 7.53 -33.91
CA ARG C 659 -24.81 6.24 -34.01
C ARG C 659 -24.37 5.29 -32.89
N GLY C 660 -25.31 4.93 -32.01
CA GLY C 660 -25.06 3.95 -30.95
C GLY C 660 -24.44 4.49 -29.67
N ASN C 661 -23.92 3.59 -28.85
CA ASN C 661 -23.39 3.92 -27.53
C ASN C 661 -21.93 4.41 -27.59
N SER C 662 -21.50 5.05 -26.51
CA SER C 662 -20.13 5.53 -26.32
C SER C 662 -19.87 5.73 -24.82
N GLN C 663 -18.67 6.19 -24.45
CA GLN C 663 -18.37 6.52 -23.04
C GLN C 663 -19.30 7.60 -22.48
N VAL C 664 -19.56 8.63 -23.27
CA VAL C 664 -20.38 9.78 -22.85
C VAL C 664 -21.87 9.42 -22.74
N PHE C 665 -22.37 8.58 -23.65
CA PHE C 665 -23.77 8.17 -23.65
C PHE C 665 -23.88 6.68 -23.99
N ASN C 666 -24.46 5.92 -23.07
CA ASN C 666 -24.52 4.46 -23.18
C ASN C 666 -25.89 3.96 -22.69
N TYR C 667 -26.78 3.65 -23.64
CA TYR C 667 -28.06 3.01 -23.30
C TYR C 667 -27.82 1.51 -23.09
N ASN C 668 -27.99 1.06 -21.85
CA ASN C 668 -27.77 -0.33 -21.47
C ASN C 668 -29.11 -1.09 -21.43
N GLN C 669 -29.32 -2.00 -22.39
CA GLN C 669 -30.56 -2.78 -22.47
C GLN C 669 -30.79 -3.71 -21.27
N MET C 670 -29.71 -4.30 -20.75
CA MET C 670 -29.77 -5.20 -19.59
C MET C 670 -30.34 -4.52 -18.35
N GLU C 671 -29.84 -3.34 -18.03
CA GLU C 671 -30.32 -2.54 -16.91
C GLU C 671 -31.57 -1.70 -17.23
N ASN C 672 -31.78 -1.42 -18.51
CA ASN C 672 -32.75 -0.41 -18.96
C ASN C 672 -32.40 0.92 -18.31
N VAL C 673 -31.20 1.41 -18.65
CA VAL C 673 -30.60 2.60 -18.04
C VAL C 673 -29.69 3.29 -19.05
N ILE C 674 -29.72 4.62 -19.05
CA ILE C 674 -28.76 5.43 -19.81
C ILE C 674 -27.60 5.75 -18.87
N ILE C 675 -26.41 5.24 -19.20
CA ILE C 675 -25.20 5.47 -18.42
C ILE C 675 -24.41 6.63 -19.05
N VAL C 676 -24.22 7.70 -18.27
CA VAL C 676 -23.46 8.89 -18.72
C VAL C 676 -22.16 9.02 -17.92
N LEU C 677 -21.05 8.66 -18.56
CA LEU C 677 -19.71 8.64 -17.95
C LEU C 677 -19.63 7.75 -16.71
N GLY C 678 -20.12 6.53 -16.85
CA GLY C 678 -20.05 5.52 -15.80
C GLY C 678 -21.17 5.51 -14.78
N LYS C 679 -21.96 6.57 -14.73
CA LYS C 679 -23.03 6.71 -13.74
C LYS C 679 -24.39 6.58 -14.40
N SER C 680 -25.26 5.77 -13.81
CA SER C 680 -26.66 5.66 -14.24
C SER C 680 -27.34 7.01 -14.09
N VAL C 681 -28.00 7.44 -15.16
CA VAL C 681 -28.66 8.73 -15.24
C VAL C 681 -30.19 8.59 -15.13
N GLY C 682 -30.69 7.36 -15.03
CA GLY C 682 -32.12 7.07 -14.96
C GLY C 682 -32.54 6.05 -16.00
N SER C 683 -33.64 5.35 -15.72
CA SER C 683 -34.23 4.42 -16.67
C SER C 683 -35.21 5.17 -17.59
N PRO C 684 -35.09 4.98 -18.92
CA PRO C 684 -36.16 5.44 -19.79
C PRO C 684 -37.32 4.45 -19.79
N GLU C 685 -38.42 4.81 -20.44
CA GLU C 685 -39.63 3.97 -20.46
C GLU C 685 -39.34 2.57 -21.04
N ARG C 686 -39.99 1.55 -20.48
CA ARG C 686 -39.85 0.17 -20.97
C ARG C 686 -40.41 -0.03 -22.39
N SER C 687 -41.24 0.90 -22.85
CA SER C 687 -41.64 1.01 -24.26
C SER C 687 -40.45 1.03 -25.24
N ILE C 688 -39.39 1.74 -24.84
CA ILE C 688 -38.24 2.01 -25.71
C ILE C 688 -37.36 0.77 -25.94
N LEU C 689 -37.51 -0.26 -25.08
CA LEU C 689 -36.89 -1.58 -25.31
C LEU C 689 -37.45 -2.24 -26.57
N THR C 690 -38.79 -2.26 -26.69
CA THR C 690 -39.48 -2.75 -27.90
C THR C 690 -39.88 -1.57 -28.79
N GLU C 691 -38.87 -0.92 -29.36
CA GLU C 691 -39.05 0.25 -30.23
C GLU C 691 -37.89 0.32 -31.21
N SER C 692 -38.14 -0.15 -32.43
CA SER C 692 -37.11 -0.13 -33.49
C SER C 692 -37.71 -0.31 -34.87
N SER C 693 -36.91 0.06 -35.87
CA SER C 693 -37.23 -0.19 -37.27
C SER C 693 -35.92 -0.29 -38.05
N SER C 694 -35.88 -1.21 -39.03
CA SER C 694 -34.67 -1.44 -39.84
C SER C 694 -34.08 -0.14 -40.39
N ILE C 695 -34.96 0.76 -40.85
CA ILE C 695 -34.57 2.07 -41.38
C ILE C 695 -34.27 3.01 -40.20
N GLU C 696 -33.08 3.61 -40.22
CA GLU C 696 -32.66 4.56 -39.19
C GLU C 696 -32.44 5.94 -39.79
N SER C 697 -33.38 6.85 -39.53
CA SER C 697 -33.19 8.28 -39.79
C SER C 697 -32.46 8.89 -38.59
N ALA C 698 -32.07 10.16 -38.72
CA ALA C 698 -31.35 10.89 -37.67
C ALA C 698 -29.95 10.32 -37.38
N VAL C 699 -29.19 10.06 -38.44
CA VAL C 699 -27.77 9.66 -38.33
C VAL C 699 -26.89 10.47 -39.30
N LEU C 700 -27.26 10.49 -40.58
CA LEU C 700 -26.57 11.28 -41.60
C LEU C 700 -27.52 12.31 -42.21
N ARG C 701 -27.01 13.53 -42.44
CA ARG C 701 -27.79 14.60 -43.09
C ARG C 701 -28.13 14.22 -44.53
N GLY C 702 -29.43 14.22 -44.85
CA GLY C 702 -29.91 13.94 -46.20
C GLY C 702 -29.72 12.51 -46.67
N PHE C 703 -29.65 11.57 -45.73
CA PHE C 703 -29.47 10.15 -46.03
C PHE C 703 -30.30 9.30 -45.07
N LEU C 704 -30.43 8.01 -45.39
CA LEU C 704 -31.14 7.05 -44.55
C LEU C 704 -30.42 5.70 -44.53
N ILE C 705 -30.01 5.28 -43.33
CA ILE C 705 -29.49 3.92 -43.11
C ILE C 705 -30.67 2.94 -43.24
N LEU C 706 -30.45 1.86 -43.99
CA LEU C 706 -31.51 0.92 -44.36
C LEU C 706 -31.41 -0.42 -43.64
N GLY C 707 -30.22 -1.02 -43.70
CA GLY C 707 -29.96 -2.32 -43.07
C GLY C 707 -28.51 -2.72 -43.20
N LYS C 708 -28.24 -4.02 -43.28
CA LYS C 708 -26.87 -4.52 -43.43
C LYS C 708 -26.23 -4.12 -44.76
N ALA C 709 -24.89 -4.16 -44.80
CA ALA C 709 -24.14 -3.81 -46.01
C ALA C 709 -24.29 -4.88 -47.08
N ASN C 710 -25.00 -4.53 -48.16
CA ASN C 710 -25.20 -5.41 -49.31
C ASN C 710 -24.18 -5.02 -50.38
N SER C 711 -23.35 -5.98 -50.78
CA SER C 711 -22.26 -5.74 -51.74
C SER C 711 -22.73 -5.50 -53.19
N LYS C 712 -23.99 -5.79 -53.49
CA LYS C 712 -24.60 -5.48 -54.79
C LYS C 712 -24.53 -4.00 -55.16
N TYR C 713 -24.63 -3.12 -54.17
CA TYR C 713 -24.59 -1.66 -54.39
C TYR C 713 -23.18 -1.03 -54.37
N GLY C 714 -22.13 -1.86 -54.44
CA GLY C 714 -20.76 -1.38 -54.69
C GLY C 714 -19.85 -1.41 -53.46
N PRO C 715 -18.59 -0.99 -53.65
CA PRO C 715 -17.60 -1.01 -52.57
C PRO C 715 -17.85 0.07 -51.50
N VAL C 716 -17.20 -0.06 -50.36
CA VAL C 716 -17.45 0.82 -49.21
C VAL C 716 -16.88 2.24 -49.40
N LEU C 717 -17.70 3.25 -49.11
CA LEU C 717 -17.31 4.65 -49.16
C LEU C 717 -17.22 5.21 -47.74
N THR C 718 -16.26 6.11 -47.51
CA THR C 718 -16.17 6.83 -46.25
C THR C 718 -17.26 7.91 -46.19
N ILE C 719 -17.45 8.50 -45.01
CA ILE C 719 -18.51 9.50 -44.79
C ILE C 719 -18.22 10.81 -45.56
N GLY C 720 -16.94 11.15 -45.70
CA GLY C 720 -16.52 12.29 -46.54
C GLY C 720 -16.79 12.09 -48.03
N GLU C 721 -16.80 10.84 -48.49
CA GLU C 721 -17.10 10.49 -49.88
C GLU C 721 -18.59 10.41 -50.26
N LEU C 722 -19.49 10.73 -49.32
CA LEU C 722 -20.94 10.67 -49.58
C LEU C 722 -21.49 11.67 -50.61
N ASP C 723 -20.74 12.76 -50.87
CA ASP C 723 -21.15 13.76 -51.87
C ASP C 723 -21.21 13.22 -53.32
N LYS C 724 -20.46 12.16 -53.60
CA LYS C 724 -20.49 11.50 -54.92
C LYS C 724 -21.86 10.92 -55.29
N LEU C 725 -22.60 10.42 -54.29
CA LEU C 725 -23.86 9.71 -54.52
C LEU C 725 -24.98 10.66 -54.95
N GLY C 726 -25.67 10.31 -56.03
CA GLY C 726 -26.78 11.11 -56.56
C GLY C 726 -28.07 10.90 -55.81
N ARG C 727 -29.13 11.56 -56.27
CA ARG C 727 -30.43 11.57 -55.59
C ARG C 727 -31.12 10.22 -55.75
N GLY C 728 -31.29 9.49 -54.64
CA GLY C 728 -31.89 8.14 -54.66
C GLY C 728 -30.92 6.99 -54.89
N GLU C 729 -29.62 7.28 -54.95
CA GLU C 729 -28.60 6.23 -55.15
C GLU C 729 -28.24 5.58 -53.81
N LYS C 730 -28.15 4.24 -53.80
CA LYS C 730 -27.79 3.46 -52.60
C LYS C 730 -26.29 3.13 -52.60
N ALA C 731 -25.72 3.01 -51.40
CA ALA C 731 -24.29 2.66 -51.24
C ALA C 731 -23.95 2.14 -49.85
N ASN C 732 -22.80 1.46 -49.76
CA ASN C 732 -22.28 0.92 -48.51
C ASN C 732 -21.30 1.92 -47.87
N VAL C 733 -21.42 2.11 -46.57
CA VAL C 733 -20.68 3.17 -45.85
C VAL C 733 -20.06 2.67 -44.55
N LEU C 734 -18.82 3.08 -44.28
CA LEU C 734 -18.18 2.88 -42.97
C LEU C 734 -18.73 3.94 -42.00
N ILE C 735 -19.82 3.59 -41.35
CA ILE C 735 -20.60 4.52 -40.52
C ILE C 735 -19.95 4.83 -39.16
N GLY C 736 -19.30 3.83 -38.57
CA GLY C 736 -18.64 3.97 -37.26
C GLY C 736 -18.58 2.66 -36.50
N GLN C 737 -17.54 2.52 -35.67
CA GLN C 737 -17.36 1.37 -34.77
C GLN C 737 -17.26 0.04 -35.51
N GLY C 738 -16.54 0.04 -36.63
CA GLY C 738 -16.34 -1.16 -37.45
C GLY C 738 -17.53 -1.69 -38.21
N ASP C 739 -18.71 -1.06 -38.06
CA ASP C 739 -19.91 -1.45 -38.77
C ASP C 739 -19.84 -0.90 -40.19
N THR C 740 -20.22 -1.72 -41.16
CA THR C 740 -20.43 -1.28 -42.53
C THR C 740 -21.92 -1.43 -42.78
N VAL C 741 -22.53 -0.41 -43.41
CA VAL C 741 -23.98 -0.28 -43.46
C VAL C 741 -24.46 0.27 -44.82
N LEU C 742 -25.62 -0.21 -45.29
CA LEU C 742 -26.22 0.26 -46.53
C LEU C 742 -26.99 1.56 -46.28
N VAL C 743 -26.75 2.56 -47.11
CA VAL C 743 -27.35 3.90 -46.97
C VAL C 743 -27.90 4.36 -48.31
N MET C 744 -29.04 5.04 -48.29
CA MET C 744 -29.65 5.67 -49.47
C MET C 744 -29.74 7.18 -49.26
N LYS C 745 -29.51 7.95 -50.33
CA LYS C 745 -29.73 9.39 -50.32
C LYS C 745 -31.20 9.68 -50.59
N ARG C 746 -31.88 10.25 -49.60
CA ARG C 746 -33.28 10.67 -49.75
C ARG C 746 -33.41 11.84 -50.74
N LYS C 747 -34.55 11.90 -51.44
CA LYS C 747 -34.74 12.85 -52.53
C LYS C 747 -35.00 14.29 -52.04
N ARG C 748 -36.10 14.49 -51.33
CA ARG C 748 -36.45 15.80 -50.77
C ARG C 748 -35.78 16.00 -49.41
N ASP C 749 -35.11 17.13 -49.23
CA ASP C 749 -34.37 17.43 -47.99
C ASP C 749 -35.29 18.00 -46.90
N SER C 750 -34.77 18.03 -45.67
CA SER C 750 -35.55 18.42 -44.48
C SER C 750 -35.38 19.89 -44.11
N SER C 751 -36.29 20.38 -43.27
CA SER C 751 -36.28 21.75 -42.77
C SER C 751 -35.16 21.98 -41.78
N TYR F 1 -39.00 0.05 13.25
CA TYR F 1 -39.16 -0.87 12.08
C TYR F 1 -39.26 -2.33 12.51
N SER F 2 -40.39 -2.96 12.19
CA SER F 2 -40.56 -4.41 12.32
C SER F 2 -40.45 -5.02 10.92
N PRO F 3 -39.44 -5.89 10.68
CA PRO F 3 -39.37 -6.57 9.38
C PRO F 3 -40.35 -7.73 9.32
N THR F 4 -40.97 -7.94 8.16
CA THR F 4 -41.95 -9.03 7.97
C THR F 4 -41.80 -9.70 6.60
N PRO F 6 -43.75 -12.63 3.82
CA PRO F 6 -44.93 -13.43 3.49
C PRO F 6 -44.62 -14.93 3.54
N SER F 7 -44.63 -15.48 4.76
CA SER F 7 -44.45 -16.92 4.99
C SER F 7 -44.91 -17.27 6.41
N TYR F 8 -45.28 -18.54 6.62
CA TYR F 8 -45.86 -18.98 7.89
C TYR F 8 -45.46 -20.40 8.29
N SER F 9 -45.77 -20.74 9.54
CA SER F 9 -45.60 -22.10 10.07
C SER F 9 -46.75 -22.40 11.06
N PRO F 10 -48.00 -22.54 10.54
CA PRO F 10 -49.26 -22.59 11.32
C PRO F 10 -49.24 -23.30 12.68
N SER F 11 -48.63 -24.48 12.74
CA SER F 11 -48.70 -25.31 13.96
C SER F 11 -47.69 -24.90 15.05
N TYR F 12 -46.41 -25.16 14.82
CA TYR F 12 -45.36 -24.92 15.84
C TYR F 12 -43.98 -24.75 15.20
N SER F 13 -43.00 -24.40 16.04
CA SER F 13 -41.60 -24.27 15.64
C SER F 13 -40.79 -25.48 16.14
N PRO F 14 -40.16 -26.24 15.22
CA PRO F 14 -39.32 -27.36 15.66
C PRO F 14 -38.00 -26.96 16.32
N THR F 15 -37.59 -25.70 16.12
CA THR F 15 -36.42 -25.11 16.77
C THR F 15 -36.75 -24.48 18.12
N PRO F 17 -39.85 -25.04 20.17
CA PRO F 17 -41.15 -25.60 20.51
C PRO F 17 -41.67 -25.02 21.83
N SER F 18 -42.96 -24.68 21.87
CA SER F 18 -43.60 -24.19 23.07
C SER F 18 -43.88 -25.36 23.99
N TYR F 19 -43.09 -25.50 25.07
CA TYR F 19 -43.21 -26.62 26.01
C TYR F 19 -43.37 -26.11 27.42
#